data_1Z9V
#
_entry.id   1Z9V
#
_cell.length_a   1.000
_cell.length_b   1.000
_cell.length_c   1.000
_cell.angle_alpha   90.00
_cell.angle_beta   90.00
_cell.angle_gamma   90.00
#
_symmetry.space_group_name_H-M   'P 1'
#
_entity_poly.entity_id   1
_entity_poly.type   'polypeptide(L)'
_entity_poly.pdbx_seq_one_letter_code
;MGSSHHHHHHSSGLVPRGSHMTFCLETYLQQSGEYEIHMKRAGFRECAAMIEKKARRVVHIKPGEKILGARIIGIPPVPI
GIDEERSTVMIPYTKPCYGTAVVELPVDPEEIERILEVAEP
;
_entity_poly.pdbx_strand_id   A
#
# COMPACT_ATOMS: atom_id res chain seq x y z
N HIS A 20 8.65 -3.36 -13.02
CA HIS A 20 8.41 -3.72 -11.63
C HIS A 20 6.97 -3.29 -11.28
N MET A 21 6.08 -4.27 -11.09
CA MET A 21 4.65 -4.02 -10.80
C MET A 21 3.90 -5.32 -10.55
N THR A 22 2.90 -5.27 -9.72
CA THR A 22 2.06 -6.41 -9.43
C THR A 22 0.64 -5.93 -9.11
N PHE A 23 -0.33 -6.54 -9.75
CA PHE A 23 -1.73 -6.16 -9.61
C PHE A 23 -2.53 -7.30 -8.96
N CYS A 24 -1.83 -8.30 -8.52
CA CYS A 24 -2.41 -9.45 -7.90
C CYS A 24 -2.60 -9.14 -6.42
N LEU A 25 -3.84 -9.09 -6.01
CA LEU A 25 -4.18 -8.80 -4.64
C LEU A 25 -4.57 -10.04 -3.83
N GLU A 26 -5.51 -10.78 -4.37
CA GLU A 26 -6.10 -11.95 -3.76
C GLU A 26 -5.10 -13.11 -3.73
N THR A 27 -4.04 -12.97 -4.46
CA THR A 27 -3.02 -13.95 -4.51
C THR A 27 -2.21 -13.95 -3.22
N TYR A 28 -2.20 -12.80 -2.54
CA TYR A 28 -1.46 -12.67 -1.30
C TYR A 28 -2.21 -13.42 -0.21
N LEU A 29 -3.53 -13.42 -0.33
CA LEU A 29 -4.41 -14.11 0.58
C LEU A 29 -4.07 -15.61 0.49
N GLN A 30 -3.85 -16.08 -0.74
CA GLN A 30 -3.55 -17.48 -1.04
C GLN A 30 -2.20 -17.87 -0.48
N GLN A 31 -1.41 -16.89 -0.17
CA GLN A 31 -0.10 -17.11 0.36
C GLN A 31 -0.11 -17.06 1.87
N SER A 32 -0.77 -16.07 2.42
CA SER A 32 -0.79 -15.90 3.86
C SER A 32 -2.10 -15.26 4.32
N GLY A 33 -2.29 -14.02 3.95
CA GLY A 33 -3.45 -13.29 4.36
C GLY A 33 -3.74 -12.18 3.42
N GLU A 34 -4.94 -11.66 3.49
CA GLU A 34 -5.39 -10.60 2.62
C GLU A 34 -5.00 -9.24 3.19
N TYR A 35 -4.83 -8.25 2.34
CA TYR A 35 -4.44 -6.92 2.78
C TYR A 35 -4.98 -5.85 1.82
N GLU A 36 -5.86 -6.27 0.98
CA GLU A 36 -6.40 -5.46 -0.07
C GLU A 36 -7.87 -5.87 -0.21
N ILE A 37 -8.63 -5.14 -0.98
CA ILE A 37 -9.99 -5.53 -1.23
C ILE A 37 -10.05 -6.10 -2.62
N HIS A 38 -10.97 -7.04 -2.87
CA HIS A 38 -11.12 -7.74 -4.16
C HIS A 38 -11.64 -6.78 -5.24
N MET A 39 -10.80 -5.85 -5.55
CA MET A 39 -11.02 -4.82 -6.53
C MET A 39 -9.95 -4.87 -7.61
N LYS A 40 -8.99 -4.01 -7.50
CA LYS A 40 -7.87 -3.94 -8.40
C LYS A 40 -6.76 -3.21 -7.69
N ARG A 41 -5.61 -3.80 -7.58
CA ARG A 41 -4.53 -3.14 -6.90
C ARG A 41 -3.51 -2.75 -7.94
N ALA A 42 -2.93 -1.60 -7.79
CA ALA A 42 -1.92 -1.17 -8.70
C ALA A 42 -0.65 -1.01 -7.92
N GLY A 43 0.12 -2.04 -7.84
CA GLY A 43 1.32 -1.95 -7.05
C GLY A 43 2.54 -1.90 -7.88
N PHE A 44 2.82 -0.74 -8.49
CA PHE A 44 3.98 -0.63 -9.33
C PHE A 44 5.24 -0.66 -8.49
N ARG A 45 5.53 0.41 -7.81
CA ARG A 45 6.73 0.47 -7.00
C ARG A 45 6.51 -0.21 -5.66
N GLU A 46 5.28 -0.15 -5.13
CA GLU A 46 4.99 -0.76 -3.82
C GLU A 46 5.12 -2.28 -3.94
N CYS A 47 5.19 -2.78 -5.18
CA CYS A 47 5.40 -4.22 -5.41
C CYS A 47 6.62 -4.75 -4.57
N ALA A 48 7.66 -3.93 -4.43
CA ALA A 48 8.81 -4.30 -3.64
C ALA A 48 8.48 -4.26 -2.17
N ALA A 49 7.78 -3.22 -1.78
CA ALA A 49 7.37 -2.99 -0.42
C ALA A 49 6.51 -4.10 0.10
N MET A 50 5.50 -4.51 -0.68
CA MET A 50 4.54 -5.56 -0.27
C MET A 50 5.24 -6.83 0.19
N ILE A 51 6.30 -7.19 -0.52
CA ILE A 51 7.06 -8.37 -0.18
C ILE A 51 7.67 -8.23 1.22
N GLU A 52 8.21 -7.06 1.49
CA GLU A 52 8.87 -6.76 2.75
C GLU A 52 7.85 -6.45 3.87
N LYS A 53 6.70 -5.93 3.47
CA LYS A 53 5.62 -5.55 4.39
C LYS A 53 5.04 -6.76 5.08
N LYS A 54 5.22 -7.90 4.48
CA LYS A 54 4.72 -9.14 5.02
C LYS A 54 5.47 -9.49 6.32
N ALA A 55 6.70 -9.01 6.44
CA ALA A 55 7.53 -9.34 7.56
C ALA A 55 7.06 -8.59 8.81
N ARG A 56 7.07 -7.29 8.73
CA ARG A 56 6.69 -6.45 9.85
C ARG A 56 5.90 -5.25 9.37
N ARG A 57 6.64 -4.31 8.88
CA ARG A 57 6.20 -3.06 8.38
C ARG A 57 7.39 -2.44 7.72
N VAL A 58 7.26 -2.13 6.49
CA VAL A 58 8.39 -1.61 5.76
C VAL A 58 8.01 -0.38 4.98
N VAL A 59 8.95 0.53 4.93
CA VAL A 59 8.82 1.74 4.19
C VAL A 59 9.52 1.58 2.85
N HIS A 60 8.91 2.08 1.82
CA HIS A 60 9.47 1.99 0.53
C HIS A 60 9.62 3.38 -0.03
N ILE A 61 10.82 3.71 -0.42
CA ILE A 61 11.10 4.99 -0.98
C ILE A 61 10.80 4.94 -2.47
N LYS A 62 10.15 5.98 -2.97
CA LYS A 62 9.71 6.07 -4.36
C LYS A 62 8.58 5.07 -4.64
N PRO A 63 7.46 5.14 -3.90
CA PRO A 63 6.35 4.27 -4.14
C PRO A 63 5.54 4.75 -5.37
N GLY A 64 4.83 3.85 -6.01
CA GLY A 64 4.09 4.22 -7.22
C GLY A 64 2.92 3.34 -7.39
N GLU A 65 2.30 3.06 -6.32
CA GLU A 65 1.18 2.21 -6.27
C GLU A 65 -0.11 3.02 -6.05
N LYS A 66 -1.18 2.29 -6.09
CA LYS A 66 -2.49 2.74 -5.82
C LYS A 66 -3.25 1.51 -5.44
N ILE A 67 -3.47 1.36 -4.20
CA ILE A 67 -4.12 0.19 -3.73
C ILE A 67 -5.61 0.37 -3.62
N LEU A 68 -6.30 -0.27 -4.58
CA LEU A 68 -7.78 -0.38 -4.71
C LEU A 68 -8.50 0.94 -4.89
N GLY A 69 -7.77 2.01 -4.89
CA GLY A 69 -8.36 3.32 -4.98
C GLY A 69 -8.48 3.88 -3.59
N ALA A 70 -8.82 3.01 -2.66
CA ALA A 70 -8.95 3.30 -1.25
C ALA A 70 -8.33 2.14 -0.51
N ARG A 71 -7.60 2.41 0.55
CA ARG A 71 -6.92 1.36 1.28
C ARG A 71 -7.88 0.55 2.14
N ILE A 72 -8.21 -0.63 1.69
CA ILE A 72 -9.04 -1.53 2.42
C ILE A 72 -8.26 -2.81 2.58
N ILE A 73 -8.00 -3.19 3.79
CA ILE A 73 -7.23 -4.39 4.08
C ILE A 73 -8.11 -5.63 3.91
N GLY A 74 -9.38 -5.48 4.21
CA GLY A 74 -10.29 -6.60 4.07
C GLY A 74 -10.38 -7.37 5.37
N ILE A 75 -9.33 -7.26 6.14
CA ILE A 75 -9.24 -7.87 7.43
C ILE A 75 -9.50 -6.76 8.42
N PRO A 76 -10.38 -6.97 9.42
CA PRO A 76 -10.67 -5.97 10.46
C PRO A 76 -9.39 -5.60 11.24
N PRO A 77 -8.88 -4.38 11.07
CA PRO A 77 -7.69 -3.93 11.71
C PRO A 77 -7.95 -2.86 12.78
N VAL A 78 -6.89 -2.38 13.35
CA VAL A 78 -6.96 -1.31 14.31
C VAL A 78 -6.89 -0.03 13.48
N PRO A 79 -7.88 0.85 13.58
CA PRO A 79 -8.00 2.02 12.70
C PRO A 79 -7.15 3.24 13.12
N ILE A 80 -5.94 2.99 13.55
CA ILE A 80 -5.09 4.09 13.98
C ILE A 80 -4.04 4.30 12.90
N GLY A 81 -3.64 5.52 12.67
CA GLY A 81 -2.62 5.75 11.69
C GLY A 81 -2.29 7.20 11.52
N ILE A 82 -1.04 7.47 11.25
CA ILE A 82 -0.55 8.81 11.11
C ILE A 82 -0.06 9.01 9.66
N ASP A 83 -0.96 9.40 8.79
CA ASP A 83 -0.58 9.67 7.41
C ASP A 83 -0.31 11.15 7.24
N GLU A 84 0.93 11.47 6.95
CA GLU A 84 1.32 12.87 6.84
C GLU A 84 1.17 13.42 5.43
N GLU A 85 1.99 12.96 4.55
CA GLU A 85 2.00 13.43 3.18
C GLU A 85 2.41 12.26 2.33
N ARG A 86 2.27 12.37 1.04
CA ARG A 86 2.65 11.26 0.16
C ARG A 86 4.15 11.29 -0.01
N SER A 87 4.67 12.47 0.02
CA SER A 87 6.09 12.73 -0.08
C SER A 87 6.75 12.76 1.30
N THR A 88 6.17 12.02 2.18
CA THR A 88 6.58 11.87 3.53
C THR A 88 6.09 10.49 3.93
N VAL A 89 6.52 9.96 5.04
CA VAL A 89 6.09 8.65 5.47
C VAL A 89 4.71 8.71 6.10
N MET A 90 4.06 7.59 6.06
CA MET A 90 2.80 7.43 6.71
C MET A 90 3.02 6.34 7.71
N ILE A 91 2.72 6.60 8.93
CA ILE A 91 2.95 5.64 9.99
C ILE A 91 1.61 5.08 10.48
N PRO A 92 1.12 4.01 9.85
CA PRO A 92 -0.15 3.44 10.23
C PRO A 92 -0.03 2.51 11.42
N TYR A 93 -1.01 2.56 12.26
CA TYR A 93 -1.09 1.71 13.41
C TYR A 93 -2.28 0.82 13.25
N THR A 94 -2.31 0.24 12.10
CA THR A 94 -3.31 -0.68 11.73
C THR A 94 -2.74 -2.06 11.95
N LYS A 95 -3.36 -2.84 12.79
CA LYS A 95 -2.88 -4.17 13.04
C LYS A 95 -3.69 -5.18 12.26
N PRO A 96 -3.16 -5.68 11.15
CA PRO A 96 -3.81 -6.66 10.35
C PRO A 96 -3.17 -8.04 10.56
N CYS A 97 -3.47 -8.92 9.66
CA CYS A 97 -2.96 -10.26 9.68
C CYS A 97 -1.96 -10.40 8.53
N TYR A 98 -1.24 -9.33 8.29
CA TYR A 98 -0.28 -9.25 7.20
C TYR A 98 0.97 -8.47 7.62
N GLY A 99 0.81 -7.17 7.77
CA GLY A 99 1.90 -6.31 8.12
C GLY A 99 1.50 -4.89 7.84
N THR A 100 2.38 -3.97 8.03
CA THR A 100 2.02 -2.58 7.84
C THR A 100 2.82 -1.96 6.66
N ALA A 101 2.21 -1.00 5.98
CA ALA A 101 2.80 -0.37 4.83
C ALA A 101 3.17 1.06 5.13
N VAL A 102 4.40 1.40 4.92
CA VAL A 102 4.87 2.74 5.10
C VAL A 102 5.45 3.15 3.75
N VAL A 103 4.99 4.22 3.20
CA VAL A 103 5.48 4.65 1.91
C VAL A 103 5.98 6.07 2.04
N GLU A 104 7.02 6.42 1.30
CA GLU A 104 7.55 7.77 1.31
C GLU A 104 8.11 8.12 -0.06
N LEU A 105 7.54 9.11 -0.66
CA LEU A 105 7.97 9.55 -1.94
C LEU A 105 8.95 10.72 -1.78
N PRO A 106 10.16 10.65 -2.36
CA PRO A 106 11.14 11.75 -2.29
C PRO A 106 10.88 12.79 -3.38
N VAL A 107 9.85 12.53 -4.14
CA VAL A 107 9.39 13.38 -5.20
C VAL A 107 8.20 14.16 -4.61
N ASP A 108 7.79 15.23 -5.25
CA ASP A 108 6.70 16.05 -4.76
C ASP A 108 5.38 15.30 -4.89
N PRO A 109 4.32 15.73 -4.17
CA PRO A 109 2.98 15.12 -4.24
C PRO A 109 2.31 15.37 -5.61
N GLU A 110 3.09 15.78 -6.59
CA GLU A 110 2.64 16.02 -7.95
C GLU A 110 2.31 14.68 -8.60
N GLU A 111 2.87 13.64 -8.01
CA GLU A 111 2.66 12.28 -8.42
C GLU A 111 1.20 11.88 -8.18
N ILE A 112 0.55 12.58 -7.23
CA ILE A 112 -0.82 12.29 -6.85
C ILE A 112 -1.79 12.42 -8.04
N GLU A 113 -1.43 13.24 -9.02
CA GLU A 113 -2.28 13.44 -10.18
C GLU A 113 -2.40 12.15 -10.97
N ARG A 114 -1.30 11.43 -11.09
CA ARG A 114 -1.31 10.18 -11.82
C ARG A 114 -1.97 9.17 -10.96
N ILE A 115 -1.68 9.26 -9.67
CA ILE A 115 -2.20 8.36 -8.66
C ILE A 115 -3.74 8.39 -8.61
N LEU A 116 -4.31 9.56 -8.89
CA LEU A 116 -5.77 9.72 -8.92
C LEU A 116 -6.35 8.88 -10.06
N GLU A 117 -5.63 8.84 -11.17
CA GLU A 117 -6.04 8.09 -12.35
C GLU A 117 -5.73 6.61 -12.16
N VAL A 118 -4.55 6.38 -11.62
CA VAL A 118 -4.00 5.06 -11.38
C VAL A 118 -4.71 4.34 -10.19
N ALA A 119 -5.74 5.02 -9.62
CA ALA A 119 -6.58 4.48 -8.51
C ALA A 119 -6.91 3.02 -8.75
N GLU A 120 -7.26 2.74 -9.97
CA GLU A 120 -7.53 1.44 -10.44
C GLU A 120 -7.42 1.49 -11.97
N PRO A 121 -6.26 1.09 -12.50
CA PRO A 121 -5.98 1.12 -13.95
C PRO A 121 -7.00 0.33 -14.77
N HIS A 20 10.45 -4.86 -10.41
CA HIS A 20 9.35 -5.63 -9.87
C HIS A 20 8.08 -4.83 -9.93
N MET A 21 6.97 -5.48 -10.24
CA MET A 21 5.66 -4.88 -10.32
C MET A 21 4.67 -5.93 -9.83
N THR A 22 3.82 -5.57 -8.91
CA THR A 22 2.89 -6.52 -8.35
C THR A 22 1.45 -6.18 -8.74
N PHE A 23 0.72 -7.19 -9.21
CA PHE A 23 -0.65 -7.01 -9.61
C PHE A 23 -1.54 -8.11 -9.04
N CYS A 24 -0.96 -8.98 -8.25
CA CYS A 24 -1.70 -10.06 -7.64
C CYS A 24 -2.16 -9.65 -6.25
N LEU A 25 -3.43 -9.32 -6.10
CA LEU A 25 -3.94 -8.98 -4.79
C LEU A 25 -4.74 -10.11 -4.17
N GLU A 26 -5.48 -10.79 -5.01
CA GLU A 26 -6.35 -11.84 -4.57
C GLU A 26 -5.54 -13.08 -4.24
N THR A 27 -4.35 -13.15 -4.78
CA THR A 27 -3.46 -14.23 -4.50
C THR A 27 -3.08 -14.14 -3.04
N TYR A 28 -2.86 -12.91 -2.58
CA TYR A 28 -2.51 -12.66 -1.20
C TYR A 28 -3.69 -12.86 -0.31
N LEU A 29 -4.83 -12.54 -0.84
CA LEU A 29 -6.08 -12.70 -0.14
C LEU A 29 -6.33 -14.20 0.08
N GLN A 30 -5.98 -14.99 -0.90
CA GLN A 30 -6.10 -16.43 -0.84
C GLN A 30 -5.04 -17.00 0.08
N GLN A 31 -3.85 -16.42 0.03
CA GLN A 31 -2.72 -16.88 0.82
C GLN A 31 -2.82 -16.46 2.27
N SER A 32 -3.71 -15.51 2.54
CA SER A 32 -3.94 -14.95 3.84
C SER A 32 -2.80 -14.02 4.22
N GLY A 33 -3.07 -12.76 4.20
CA GLY A 33 -2.06 -11.79 4.48
C GLY A 33 -2.16 -10.68 3.49
N GLU A 34 -3.37 -10.27 3.29
CA GLU A 34 -3.72 -9.25 2.35
C GLU A 34 -3.95 -7.91 3.04
N TYR A 35 -3.85 -6.85 2.28
CA TYR A 35 -4.09 -5.47 2.71
C TYR A 35 -4.86 -4.85 1.56
N GLU A 36 -5.51 -5.73 0.83
CA GLU A 36 -6.20 -5.40 -0.37
C GLU A 36 -7.53 -6.10 -0.39
N ILE A 37 -8.38 -5.71 -1.30
CA ILE A 37 -9.67 -6.33 -1.39
C ILE A 37 -9.79 -6.93 -2.81
N HIS A 38 -10.95 -7.49 -3.19
CA HIS A 38 -11.14 -8.10 -4.54
C HIS A 38 -11.25 -7.05 -5.67
N MET A 39 -10.39 -6.07 -5.61
CA MET A 39 -10.31 -4.97 -6.56
C MET A 39 -9.06 -5.14 -7.41
N LYS A 40 -8.42 -4.04 -7.81
CA LYS A 40 -7.25 -4.13 -8.66
C LYS A 40 -6.06 -3.47 -7.93
N ARG A 41 -4.91 -4.13 -7.93
CA ARG A 41 -3.73 -3.57 -7.28
C ARG A 41 -2.73 -3.19 -8.36
N ALA A 42 -1.99 -2.18 -8.12
CA ALA A 42 -0.97 -1.78 -9.05
C ALA A 42 0.26 -1.34 -8.30
N GLY A 43 1.08 -2.30 -7.94
CA GLY A 43 2.24 -2.02 -7.16
C GLY A 43 3.49 -2.01 -7.95
N PHE A 44 3.72 -0.94 -8.64
CA PHE A 44 4.90 -0.83 -9.48
C PHE A 44 6.11 -0.58 -8.59
N ARG A 45 6.10 0.52 -7.88
CA ARG A 45 7.26 0.84 -7.06
C ARG A 45 7.22 0.10 -5.76
N GLU A 46 6.04 0.04 -5.19
CA GLU A 46 5.85 -0.60 -3.91
C GLU A 46 5.87 -2.10 -3.96
N CYS A 47 6.06 -2.70 -5.12
CA CYS A 47 6.17 -4.16 -5.19
C CYS A 47 7.31 -4.65 -4.27
N ALA A 48 8.43 -3.92 -4.27
CA ALA A 48 9.55 -4.25 -3.41
C ALA A 48 9.17 -4.02 -1.98
N ALA A 49 8.44 -2.95 -1.75
CA ALA A 49 7.98 -2.61 -0.44
C ALA A 49 7.07 -3.66 0.10
N MET A 50 6.03 -4.01 -0.68
CA MET A 50 4.97 -4.95 -0.27
C MET A 50 5.51 -6.24 0.32
N ILE A 51 6.61 -6.71 -0.19
CA ILE A 51 7.19 -7.95 0.25
C ILE A 51 7.60 -7.85 1.73
N GLU A 52 8.30 -6.81 2.06
CA GLU A 52 8.78 -6.63 3.40
C GLU A 52 7.74 -5.87 4.23
N LYS A 53 6.80 -5.25 3.54
CA LYS A 53 5.68 -4.51 4.11
C LYS A 53 4.74 -5.52 4.73
N LYS A 54 4.77 -6.72 4.18
CA LYS A 54 3.99 -7.81 4.68
C LYS A 54 4.75 -8.54 5.81
N ALA A 55 6.04 -8.30 5.93
CA ALA A 55 6.84 -8.93 6.98
C ALA A 55 6.45 -8.35 8.34
N ARG A 56 6.40 -7.05 8.40
CA ARG A 56 5.98 -6.36 9.61
C ARG A 56 5.62 -4.95 9.25
N ARG A 57 6.62 -4.15 8.99
CA ARG A 57 6.44 -2.77 8.62
C ARG A 57 7.67 -2.27 7.92
N VAL A 58 7.52 -1.86 6.70
CA VAL A 58 8.65 -1.39 5.92
C VAL A 58 8.28 -0.13 5.18
N VAL A 59 9.28 0.72 5.03
CA VAL A 59 9.14 1.96 4.31
C VAL A 59 9.83 1.83 2.97
N HIS A 60 9.31 2.48 1.96
CA HIS A 60 9.92 2.41 0.66
C HIS A 60 10.02 3.80 0.12
N ILE A 61 11.19 4.19 -0.29
CA ILE A 61 11.37 5.48 -0.89
C ILE A 61 10.96 5.33 -2.34
N LYS A 62 10.20 6.29 -2.86
CA LYS A 62 9.65 6.20 -4.21
C LYS A 62 8.68 5.01 -4.28
N PRO A 63 7.56 5.10 -3.55
CA PRO A 63 6.56 4.09 -3.54
C PRO A 63 5.44 4.41 -4.53
N GLY A 64 4.84 3.39 -5.09
CA GLY A 64 3.83 3.61 -6.07
C GLY A 64 2.96 2.42 -6.27
N GLU A 65 2.24 2.05 -5.26
CA GLU A 65 1.29 0.99 -5.33
C GLU A 65 -0.11 1.51 -5.16
N LYS A 66 -0.85 1.44 -6.22
CA LYS A 66 -2.20 1.85 -6.28
C LYS A 66 -3.02 0.67 -6.03
N ILE A 67 -3.13 0.42 -4.84
CA ILE A 67 -3.88 -0.67 -4.35
C ILE A 67 -5.28 -0.26 -4.12
N LEU A 68 -6.17 -0.67 -5.03
CA LEU A 68 -7.63 -0.43 -4.94
C LEU A 68 -8.01 1.05 -5.08
N GLY A 69 -7.05 1.91 -4.93
CA GLY A 69 -7.31 3.32 -4.92
C GLY A 69 -7.63 3.75 -3.48
N ALA A 70 -7.73 2.75 -2.59
CA ALA A 70 -8.06 2.89 -1.20
C ALA A 70 -7.49 1.68 -0.47
N ARG A 71 -6.99 1.88 0.71
CA ARG A 71 -6.41 0.76 1.45
C ARG A 71 -7.51 0.03 2.20
N ILE A 72 -7.92 -1.09 1.67
CA ILE A 72 -8.95 -1.89 2.26
C ILE A 72 -8.40 -3.27 2.44
N ILE A 73 -8.10 -3.62 3.65
CA ILE A 73 -7.50 -4.90 3.98
C ILE A 73 -8.54 -5.99 3.77
N GLY A 74 -9.75 -5.66 4.11
CA GLY A 74 -10.87 -6.58 4.03
C GLY A 74 -11.08 -7.22 5.38
N ILE A 75 -9.98 -7.39 6.06
CA ILE A 75 -9.93 -7.93 7.38
C ILE A 75 -9.91 -6.77 8.35
N PRO A 76 -10.65 -6.84 9.46
CA PRO A 76 -10.64 -5.77 10.48
C PRO A 76 -9.33 -5.80 11.28
N PRO A 77 -8.46 -4.81 11.09
CA PRO A 77 -7.20 -4.72 11.76
C PRO A 77 -7.25 -3.68 12.87
N VAL A 78 -6.10 -3.30 13.34
CA VAL A 78 -5.99 -2.27 14.34
C VAL A 78 -6.14 -0.91 13.62
N PRO A 79 -7.20 -0.17 13.90
CA PRO A 79 -7.52 1.10 13.22
C PRO A 79 -6.75 2.32 13.78
N ILE A 80 -5.45 2.19 13.91
CA ILE A 80 -4.63 3.29 14.38
C ILE A 80 -3.72 3.70 13.22
N GLY A 81 -3.22 4.92 13.21
CA GLY A 81 -2.33 5.30 12.15
C GLY A 81 -2.07 6.75 12.07
N ILE A 82 -0.95 7.09 11.48
CA ILE A 82 -0.58 8.45 11.27
C ILE A 82 -0.22 8.72 9.80
N ASP A 83 -1.19 9.15 9.05
CA ASP A 83 -0.96 9.51 7.67
C ASP A 83 -0.53 10.96 7.66
N GLU A 84 0.77 11.18 7.63
CA GLU A 84 1.30 12.52 7.68
C GLU A 84 1.13 13.23 6.37
N GLU A 85 1.66 12.64 5.35
CA GLU A 85 1.65 13.18 4.03
C GLU A 85 2.11 12.02 3.17
N ARG A 86 1.99 12.13 1.89
CA ARG A 86 2.35 11.05 1.02
C ARG A 86 3.82 11.13 0.70
N SER A 87 4.29 12.33 0.64
CA SER A 87 5.67 12.59 0.38
C SER A 87 6.43 12.73 1.70
N THR A 88 5.97 11.99 2.65
CA THR A 88 6.50 11.92 3.98
C THR A 88 6.16 10.51 4.47
N VAL A 89 6.72 10.07 5.57
CA VAL A 89 6.48 8.73 6.06
C VAL A 89 5.13 8.59 6.72
N MET A 90 4.23 7.92 6.03
CA MET A 90 2.94 7.66 6.59
C MET A 90 3.06 6.36 7.36
N ILE A 91 2.72 6.36 8.61
CA ILE A 91 2.87 5.18 9.40
C ILE A 91 1.50 4.78 9.98
N PRO A 92 0.73 4.00 9.25
CA PRO A 92 -0.53 3.54 9.74
C PRO A 92 -0.31 2.33 10.64
N TYR A 93 -0.72 2.44 11.88
CA TYR A 93 -0.50 1.39 12.84
C TYR A 93 -1.64 0.42 12.75
N THR A 94 -1.77 -0.12 11.60
CA THR A 94 -2.75 -1.07 11.30
C THR A 94 -2.08 -2.42 11.32
N LYS A 95 -2.55 -3.29 12.16
CA LYS A 95 -2.01 -4.61 12.26
C LYS A 95 -3.00 -5.61 11.68
N PRO A 96 -2.86 -5.94 10.39
CA PRO A 96 -3.67 -6.91 9.73
C PRO A 96 -2.89 -8.18 9.50
N CYS A 97 -3.44 -9.02 8.70
CA CYS A 97 -2.78 -10.23 8.36
C CYS A 97 -1.63 -9.95 7.38
N TYR A 98 -1.66 -8.78 6.77
CA TYR A 98 -0.63 -8.35 5.86
C TYR A 98 0.56 -7.81 6.64
N GLY A 99 0.46 -6.56 7.05
CA GLY A 99 1.51 -5.88 7.77
C GLY A 99 1.26 -4.39 7.71
N THR A 100 2.27 -3.62 7.96
CA THR A 100 2.16 -2.19 7.99
C THR A 100 2.94 -1.59 6.81
N ALA A 101 2.33 -0.65 6.16
CA ALA A 101 2.89 -0.02 5.00
C ALA A 101 3.31 1.39 5.28
N VAL A 102 4.60 1.60 5.31
CA VAL A 102 5.13 2.91 5.50
C VAL A 102 5.73 3.28 4.16
N VAL A 103 5.32 4.35 3.60
CA VAL A 103 5.82 4.72 2.30
C VAL A 103 6.20 6.19 2.31
N GLU A 104 7.28 6.53 1.64
CA GLU A 104 7.72 7.91 1.59
C GLU A 104 8.09 8.27 0.16
N LEU A 105 7.39 9.20 -0.39
CA LEU A 105 7.66 9.63 -1.72
C LEU A 105 8.57 10.88 -1.68
N PRO A 106 9.67 10.89 -2.43
CA PRO A 106 10.56 12.06 -2.50
C PRO A 106 10.19 12.97 -3.69
N VAL A 107 8.92 12.96 -4.00
CA VAL A 107 8.33 13.73 -5.06
C VAL A 107 7.10 14.31 -4.42
N ASP A 108 6.60 15.40 -4.90
CA ASP A 108 5.44 16.07 -4.28
C ASP A 108 4.14 15.30 -4.42
N PRO A 109 3.18 15.49 -3.44
CA PRO A 109 1.87 14.80 -3.40
C PRO A 109 1.00 15.07 -4.65
N GLU A 110 1.45 15.99 -5.51
CA GLU A 110 0.75 16.30 -6.77
C GLU A 110 0.65 15.03 -7.62
N GLU A 111 1.60 14.13 -7.38
CA GLU A 111 1.70 12.83 -8.01
C GLU A 111 0.42 12.02 -7.74
N ILE A 112 -0.24 12.31 -6.63
CA ILE A 112 -1.44 11.62 -6.23
C ILE A 112 -2.57 11.88 -7.22
N GLU A 113 -2.69 13.12 -7.71
CA GLU A 113 -3.77 13.44 -8.67
C GLU A 113 -3.59 12.61 -9.93
N ARG A 114 -2.35 12.43 -10.30
CA ARG A 114 -1.99 11.64 -11.43
C ARG A 114 -2.36 10.20 -11.14
N ILE A 115 -1.90 9.73 -10.01
CA ILE A 115 -2.10 8.38 -9.51
C ILE A 115 -3.60 8.09 -9.20
N LEU A 116 -4.37 9.12 -8.99
CA LEU A 116 -5.80 9.00 -8.72
C LEU A 116 -6.53 8.67 -10.01
N GLU A 117 -6.04 9.25 -11.08
CA GLU A 117 -6.60 9.05 -12.38
C GLU A 117 -6.05 7.75 -12.95
N VAL A 118 -4.81 7.49 -12.63
CA VAL A 118 -4.08 6.33 -13.08
C VAL A 118 -4.13 5.23 -11.97
N ALA A 119 -5.17 5.27 -11.17
CA ALA A 119 -5.36 4.35 -10.01
C ALA A 119 -5.46 2.88 -10.43
N GLU A 120 -6.00 2.62 -11.59
CA GLU A 120 -6.18 1.27 -12.05
C GLU A 120 -5.02 0.75 -12.88
N PRO A 121 -4.48 1.52 -13.87
CA PRO A 121 -3.33 1.09 -14.65
C PRO A 121 -2.14 0.64 -13.77
N HIS A 20 10.48 -4.22 -10.70
CA HIS A 20 9.50 -4.99 -9.94
C HIS A 20 8.16 -4.36 -10.16
N MET A 21 7.13 -5.17 -10.33
CA MET A 21 5.78 -4.70 -10.52
C MET A 21 4.82 -5.75 -10.00
N THR A 22 3.99 -5.38 -9.09
CA THR A 22 3.04 -6.31 -8.52
C THR A 22 1.62 -5.94 -8.93
N PHE A 23 0.94 -6.89 -9.52
CA PHE A 23 -0.45 -6.71 -9.92
C PHE A 23 -1.30 -7.81 -9.35
N CYS A 24 -0.66 -8.59 -8.50
CA CYS A 24 -1.29 -9.70 -7.85
C CYS A 24 -1.80 -9.27 -6.47
N LEU A 25 -3.06 -8.93 -6.40
CA LEU A 25 -3.65 -8.55 -5.13
C LEU A 25 -4.44 -9.71 -4.56
N GLU A 26 -5.12 -10.39 -5.43
CA GLU A 26 -5.99 -11.47 -5.09
C GLU A 26 -5.22 -12.73 -4.76
N THR A 27 -3.97 -12.74 -5.11
CA THR A 27 -3.11 -13.86 -4.81
C THR A 27 -2.90 -13.91 -3.30
N TYR A 28 -2.87 -12.73 -2.70
CA TYR A 28 -2.71 -12.61 -1.29
C TYR A 28 -4.03 -12.85 -0.60
N LEU A 29 -5.10 -12.59 -1.33
CA LEU A 29 -6.46 -12.81 -0.89
C LEU A 29 -6.73 -14.33 -0.90
N GLN A 30 -6.01 -15.05 -1.76
CA GLN A 30 -6.10 -16.50 -1.85
C GLN A 30 -5.50 -17.10 -0.59
N GLN A 31 -4.55 -16.38 -0.03
CA GLN A 31 -3.88 -16.81 1.15
C GLN A 31 -4.53 -16.24 2.40
N SER A 32 -5.49 -15.35 2.16
CA SER A 32 -6.27 -14.71 3.19
C SER A 32 -5.39 -13.85 4.10
N GLY A 33 -4.45 -13.22 3.45
CA GLY A 33 -3.55 -12.34 4.08
C GLY A 33 -3.26 -11.20 3.16
N GLU A 34 -4.32 -10.56 2.74
CA GLU A 34 -4.24 -9.45 1.83
C GLU A 34 -4.35 -8.10 2.58
N TYR A 35 -4.17 -7.03 1.84
CA TYR A 35 -4.29 -5.65 2.31
C TYR A 35 -4.88 -4.88 1.14
N GLU A 36 -5.59 -5.63 0.32
CA GLU A 36 -6.15 -5.13 -0.89
C GLU A 36 -7.57 -5.68 -1.07
N ILE A 37 -8.33 -5.06 -1.96
CA ILE A 37 -9.69 -5.51 -2.22
C ILE A 37 -9.79 -5.98 -3.69
N HIS A 38 -10.86 -6.71 -4.08
CA HIS A 38 -11.08 -7.19 -5.47
C HIS A 38 -11.30 -6.00 -6.38
N MET A 39 -10.26 -5.32 -6.60
CA MET A 39 -10.15 -4.18 -7.46
C MET A 39 -8.87 -4.35 -8.27
N LYS A 40 -8.21 -3.30 -8.63
CA LYS A 40 -7.02 -3.42 -9.44
C LYS A 40 -5.84 -2.73 -8.72
N ARG A 41 -4.76 -3.47 -8.45
CA ARG A 41 -3.61 -2.91 -7.75
C ARG A 41 -2.55 -2.53 -8.77
N ALA A 42 -1.58 -1.76 -8.37
CA ALA A 42 -0.50 -1.39 -9.29
C ALA A 42 0.76 -1.00 -8.54
N GLY A 43 1.50 -2.00 -8.12
CA GLY A 43 2.67 -1.77 -7.32
C GLY A 43 3.95 -1.75 -8.07
N PHE A 44 4.24 -0.64 -8.65
CA PHE A 44 5.46 -0.49 -9.41
C PHE A 44 6.65 -0.32 -8.47
N ARG A 45 6.69 0.76 -7.74
CA ARG A 45 7.85 0.98 -6.87
C ARG A 45 7.67 0.30 -5.56
N GLU A 46 6.45 0.26 -5.11
CA GLU A 46 6.16 -0.31 -3.82
C GLU A 46 6.13 -1.85 -3.87
N CYS A 47 6.30 -2.44 -5.07
CA CYS A 47 6.38 -3.90 -5.20
C CYS A 47 7.45 -4.45 -4.25
N ALA A 48 8.59 -3.76 -4.18
CA ALA A 48 9.67 -4.15 -3.28
C ALA A 48 9.25 -4.04 -1.83
N ALA A 49 8.56 -2.97 -1.52
CA ALA A 49 8.08 -2.72 -0.19
C ALA A 49 7.12 -3.77 0.29
N MET A 50 6.15 -4.14 -0.57
CA MET A 50 5.11 -5.10 -0.18
C MET A 50 5.68 -6.41 0.32
N ILE A 51 6.78 -6.83 -0.28
CA ILE A 51 7.45 -8.07 0.08
C ILE A 51 7.88 -8.02 1.54
N GLU A 52 8.47 -6.92 1.93
CA GLU A 52 8.96 -6.77 3.27
C GLU A 52 7.84 -6.36 4.22
N LYS A 53 6.83 -5.64 3.69
CA LYS A 53 5.65 -5.20 4.45
C LYS A 53 4.93 -6.38 5.09
N LYS A 54 5.09 -7.54 4.45
CA LYS A 54 4.48 -8.80 4.88
C LYS A 54 4.99 -9.23 6.29
N ALA A 55 6.15 -8.72 6.70
CA ALA A 55 6.72 -9.07 7.98
C ALA A 55 5.94 -8.44 9.14
N ARG A 56 5.51 -7.21 8.94
CA ARG A 56 4.77 -6.46 9.96
C ARG A 56 4.34 -5.14 9.37
N ARG A 57 5.33 -4.33 9.08
CA ARG A 57 5.19 -3.04 8.50
C ARG A 57 6.59 -2.61 8.10
N VAL A 58 6.76 -2.12 6.91
CA VAL A 58 8.07 -1.72 6.42
C VAL A 58 7.97 -0.42 5.67
N VAL A 59 9.01 0.37 5.78
CA VAL A 59 9.07 1.64 5.12
C VAL A 59 9.88 1.51 3.84
N HIS A 60 9.42 2.16 2.80
CA HIS A 60 10.09 2.10 1.54
C HIS A 60 10.11 3.48 0.96
N ILE A 61 11.28 3.97 0.65
CA ILE A 61 11.41 5.26 0.04
C ILE A 61 11.13 5.09 -1.44
N LYS A 62 10.39 6.02 -2.01
CA LYS A 62 9.99 5.98 -3.41
C LYS A 62 9.02 4.81 -3.67
N PRO A 63 7.83 4.85 -3.05
CA PRO A 63 6.83 3.84 -3.28
C PRO A 63 5.84 4.30 -4.35
N GLY A 64 5.31 3.36 -5.08
CA GLY A 64 4.44 3.68 -6.16
C GLY A 64 3.50 2.56 -6.45
N GLU A 65 2.68 2.30 -5.50
CA GLU A 65 1.66 1.30 -5.59
C GLU A 65 0.31 1.96 -5.53
N LYS A 66 -0.46 1.72 -6.53
CA LYS A 66 -1.76 2.28 -6.65
C LYS A 66 -2.73 1.21 -6.40
N ILE A 67 -2.76 0.90 -5.20
CA ILE A 67 -3.59 -0.15 -4.70
C ILE A 67 -5.03 0.27 -4.63
N LEU A 68 -5.76 -0.05 -5.67
CA LEU A 68 -7.23 0.17 -5.80
C LEU A 68 -7.62 1.65 -5.79
N GLY A 69 -6.69 2.50 -5.52
CA GLY A 69 -6.96 3.91 -5.41
C GLY A 69 -7.28 4.29 -3.96
N ALA A 70 -7.37 3.28 -3.09
CA ALA A 70 -7.67 3.47 -1.68
C ALA A 70 -7.25 2.20 -0.96
N ARG A 71 -6.90 2.31 0.28
CA ARG A 71 -6.42 1.16 1.02
C ARG A 71 -7.57 0.41 1.69
N ILE A 72 -7.99 -0.65 1.08
CA ILE A 72 -9.00 -1.49 1.64
C ILE A 72 -8.31 -2.78 1.93
N ILE A 73 -8.26 -3.16 3.16
CA ILE A 73 -7.55 -4.34 3.58
C ILE A 73 -8.33 -5.60 3.20
N GLY A 74 -9.61 -5.56 3.44
CA GLY A 74 -10.47 -6.71 3.19
C GLY A 74 -10.55 -7.60 4.41
N ILE A 75 -9.70 -7.30 5.37
CA ILE A 75 -9.62 -7.97 6.63
C ILE A 75 -9.78 -6.90 7.68
N PRO A 76 -10.64 -7.07 8.69
CA PRO A 76 -10.77 -6.09 9.77
C PRO A 76 -9.50 -6.13 10.64
N PRO A 77 -8.64 -5.11 10.55
CA PRO A 77 -7.41 -5.05 11.27
C PRO A 77 -7.49 -4.13 12.45
N VAL A 78 -6.36 -3.78 12.97
CA VAL A 78 -6.27 -2.84 14.04
C VAL A 78 -6.51 -1.47 13.41
N PRO A 79 -7.56 -0.76 13.77
CA PRO A 79 -7.95 0.49 13.10
C PRO A 79 -7.21 1.73 13.62
N ILE A 80 -5.91 1.63 13.82
CA ILE A 80 -5.16 2.76 14.34
C ILE A 80 -4.17 3.20 13.24
N GLY A 81 -3.61 4.39 13.34
CA GLY A 81 -2.64 4.79 12.36
C GLY A 81 -2.31 6.25 12.40
N ILE A 82 -1.13 6.58 11.90
CA ILE A 82 -0.70 7.94 11.80
C ILE A 82 -0.27 8.29 10.37
N ASP A 83 -1.24 8.65 9.57
CA ASP A 83 -0.97 9.07 8.20
C ASP A 83 -0.55 10.51 8.26
N GLU A 84 0.74 10.76 8.29
CA GLU A 84 1.22 12.10 8.40
C GLU A 84 1.10 12.82 7.09
N GLU A 85 1.71 12.27 6.08
CA GLU A 85 1.73 12.84 4.76
C GLU A 85 2.25 11.73 3.88
N ARG A 86 2.20 11.88 2.58
CA ARG A 86 2.61 10.83 1.67
C ARG A 86 4.08 10.97 1.41
N SER A 87 4.51 12.19 1.42
CA SER A 87 5.86 12.54 1.24
C SER A 87 6.55 12.66 2.61
N THR A 88 6.10 11.83 3.48
CA THR A 88 6.56 11.70 4.83
C THR A 88 6.25 10.26 5.22
N VAL A 89 6.79 9.76 6.30
CA VAL A 89 6.55 8.41 6.69
C VAL A 89 5.18 8.25 7.34
N MET A 90 4.29 7.68 6.61
CA MET A 90 2.98 7.41 7.14
C MET A 90 3.05 6.08 7.84
N ILE A 91 2.70 6.05 9.09
CA ILE A 91 2.80 4.83 9.82
C ILE A 91 1.42 4.43 10.32
N PRO A 92 0.66 3.72 9.50
CA PRO A 92 -0.62 3.24 9.93
C PRO A 92 -0.41 2.07 10.86
N TYR A 93 -1.29 1.90 11.77
CA TYR A 93 -1.19 0.85 12.73
C TYR A 93 -2.29 -0.12 12.46
N THR A 94 -2.50 -0.36 11.21
CA THR A 94 -3.46 -1.30 10.79
C THR A 94 -2.73 -2.58 10.57
N LYS A 95 -2.87 -3.47 11.49
CA LYS A 95 -2.19 -4.73 11.44
C LYS A 95 -3.15 -5.81 11.00
N PRO A 96 -3.06 -6.21 9.73
CA PRO A 96 -3.86 -7.26 9.19
C PRO A 96 -3.05 -8.53 9.09
N CYS A 97 -3.48 -9.41 8.26
CA CYS A 97 -2.81 -10.66 8.06
C CYS A 97 -1.84 -10.57 6.89
N TYR A 98 -1.41 -9.36 6.64
CA TYR A 98 -0.52 -9.01 5.57
C TYR A 98 0.64 -8.22 6.15
N GLY A 99 0.35 -6.99 6.48
CA GLY A 99 1.32 -6.12 7.03
C GLY A 99 0.88 -4.70 6.79
N THR A 100 1.70 -3.77 7.12
CA THR A 100 1.34 -2.39 6.96
C THR A 100 2.38 -1.70 6.05
N ALA A 101 1.94 -0.68 5.36
CA ALA A 101 2.78 0.03 4.44
C ALA A 101 3.21 1.36 5.00
N VAL A 102 4.47 1.49 5.29
CA VAL A 102 5.01 2.74 5.73
C VAL A 102 5.69 3.28 4.51
N VAL A 103 4.99 4.02 3.75
CA VAL A 103 5.52 4.51 2.53
C VAL A 103 5.89 5.97 2.63
N GLU A 104 7.06 6.30 2.12
CA GLU A 104 7.50 7.65 2.11
C GLU A 104 7.99 8.00 0.72
N LEU A 105 7.32 8.90 0.10
CA LEU A 105 7.69 9.32 -1.20
C LEU A 105 8.48 10.63 -1.09
N PRO A 106 9.70 10.69 -1.64
CA PRO A 106 10.52 11.92 -1.58
C PRO A 106 10.10 12.94 -2.66
N VAL A 107 9.02 12.64 -3.30
CA VAL A 107 8.43 13.49 -4.31
C VAL A 107 7.25 14.13 -3.62
N ASP A 108 6.78 15.24 -4.10
CA ASP A 108 5.68 15.96 -3.48
C ASP A 108 4.36 15.19 -3.56
N PRO A 109 3.44 15.42 -2.60
CA PRO A 109 2.14 14.73 -2.51
C PRO A 109 1.22 15.09 -3.68
N GLU A 110 1.64 16.06 -4.47
CA GLU A 110 0.92 16.51 -5.64
C GLU A 110 0.75 15.36 -6.63
N GLU A 111 1.65 14.38 -6.54
CA GLU A 111 1.61 13.21 -7.38
C GLU A 111 0.34 12.37 -7.13
N ILE A 112 -0.21 12.46 -5.93
CA ILE A 112 -1.39 11.68 -5.55
C ILE A 112 -2.58 12.01 -6.46
N GLU A 113 -2.74 13.28 -6.78
CA GLU A 113 -3.86 13.74 -7.62
C GLU A 113 -3.79 13.06 -8.98
N ARG A 114 -2.60 13.09 -9.52
CA ARG A 114 -2.33 12.53 -10.81
C ARG A 114 -2.47 11.00 -10.72
N ILE A 115 -1.96 10.45 -9.64
CA ILE A 115 -1.99 9.04 -9.35
C ILE A 115 -3.42 8.51 -9.11
N LEU A 116 -4.31 9.34 -8.63
CA LEU A 116 -5.67 8.94 -8.36
C LEU A 116 -6.39 8.60 -9.66
N GLU A 117 -6.10 9.34 -10.69
CA GLU A 117 -6.69 9.12 -12.00
C GLU A 117 -5.98 7.95 -12.67
N VAL A 118 -4.69 7.89 -12.44
CA VAL A 118 -3.81 6.90 -13.01
C VAL A 118 -3.71 5.66 -12.07
N ALA A 119 -4.65 5.54 -11.15
CA ALA A 119 -4.66 4.45 -10.14
C ALA A 119 -4.58 3.06 -10.75
N GLU A 120 -5.38 2.79 -11.73
CA GLU A 120 -5.38 1.49 -12.32
C GLU A 120 -4.31 1.33 -13.41
N PRO A 121 -4.19 2.30 -14.39
CA PRO A 121 -3.16 2.27 -15.43
C PRO A 121 -1.79 1.70 -15.00
N HIS A 20 8.98 -6.53 -10.76
CA HIS A 20 8.71 -6.62 -9.33
C HIS A 20 7.49 -5.77 -9.01
N MET A 21 6.34 -6.33 -9.29
CA MET A 21 5.04 -5.70 -9.11
C MET A 21 4.21 -6.72 -8.35
N THR A 22 3.43 -6.28 -7.41
CA THR A 22 2.67 -7.21 -6.62
C THR A 22 1.19 -7.15 -6.97
N PHE A 23 0.68 -8.29 -7.34
CA PHE A 23 -0.72 -8.45 -7.66
C PHE A 23 -1.28 -9.63 -6.90
N CYS A 24 -0.44 -10.28 -6.13
CA CYS A 24 -0.82 -11.40 -5.31
C CYS A 24 -1.33 -10.91 -3.98
N LEU A 25 -2.63 -10.91 -3.83
CA LEU A 25 -3.24 -10.43 -2.62
C LEU A 25 -3.61 -11.53 -1.67
N GLU A 26 -4.20 -12.56 -2.19
CA GLU A 26 -4.68 -13.65 -1.39
C GLU A 26 -3.57 -14.64 -1.02
N THR A 27 -2.38 -14.43 -1.54
CA THR A 27 -1.27 -15.29 -1.19
C THR A 27 -0.84 -15.01 0.25
N TYR A 28 -1.15 -13.80 0.71
CA TYR A 28 -0.83 -13.40 2.05
C TYR A 28 -1.86 -14.01 3.03
N LEU A 29 -3.03 -14.36 2.51
CA LEU A 29 -4.10 -14.96 3.30
C LEU A 29 -3.63 -16.31 3.85
N GLN A 30 -2.82 -17.01 3.06
CA GLN A 30 -2.24 -18.30 3.42
C GLN A 30 -1.26 -18.16 4.56
N GLN A 31 -0.87 -16.95 4.83
CA GLN A 31 0.10 -16.70 5.85
C GLN A 31 -0.62 -16.45 7.16
N SER A 32 -1.65 -15.61 7.11
CA SER A 32 -2.47 -15.27 8.29
C SER A 32 -3.78 -14.63 7.83
N GLY A 33 -3.66 -13.47 7.26
CA GLY A 33 -4.78 -12.71 6.80
C GLY A 33 -4.41 -12.01 5.55
N GLU A 34 -5.29 -11.27 4.97
CA GLU A 34 -4.99 -10.58 3.74
C GLU A 34 -4.61 -9.10 4.08
N TYR A 35 -4.25 -8.33 3.07
CA TYR A 35 -3.87 -6.92 3.21
C TYR A 35 -4.69 -6.09 2.21
N GLU A 36 -5.69 -6.73 1.70
CA GLU A 36 -6.54 -6.20 0.68
C GLU A 36 -8.00 -6.42 1.08
N ILE A 37 -8.93 -6.22 0.15
CA ILE A 37 -10.31 -6.49 0.45
C ILE A 37 -10.90 -7.52 -0.55
N HIS A 38 -10.12 -8.58 -0.78
CA HIS A 38 -10.46 -9.71 -1.69
C HIS A 38 -10.75 -9.20 -3.12
N MET A 39 -10.09 -8.13 -3.47
CA MET A 39 -10.23 -7.47 -4.76
C MET A 39 -8.84 -7.45 -5.42
N LYS A 40 -8.61 -6.71 -6.49
CA LYS A 40 -7.27 -6.78 -7.12
C LYS A 40 -6.33 -5.77 -6.53
N ARG A 41 -5.12 -6.17 -6.30
CA ARG A 41 -4.13 -5.29 -5.77
C ARG A 41 -3.17 -4.94 -6.88
N ALA A 42 -2.73 -3.72 -6.95
CA ALA A 42 -1.77 -3.35 -7.95
C ALA A 42 -0.62 -2.56 -7.35
N GLY A 43 0.39 -3.25 -6.91
CA GLY A 43 1.52 -2.62 -6.31
C GLY A 43 2.72 -2.70 -7.20
N PHE A 44 2.79 -1.85 -8.19
CA PHE A 44 3.88 -1.88 -9.15
C PHE A 44 5.17 -1.40 -8.53
N ARG A 45 5.14 -0.22 -8.01
CA ARG A 45 6.31 0.41 -7.45
C ARG A 45 6.43 0.19 -5.96
N GLU A 46 5.31 0.13 -5.29
CA GLU A 46 5.32 -0.01 -3.85
C GLU A 46 5.52 -1.48 -3.47
N CYS A 47 5.62 -2.37 -4.49
CA CYS A 47 5.90 -3.79 -4.25
C CYS A 47 7.20 -3.96 -3.47
N ALA A 48 8.18 -3.13 -3.77
CA ALA A 48 9.45 -3.19 -3.08
C ALA A 48 9.26 -2.77 -1.64
N ALA A 49 8.47 -1.73 -1.47
CA ALA A 49 8.13 -1.22 -0.17
C ALA A 49 7.37 -2.25 0.64
N MET A 50 6.43 -2.98 -0.01
CA MET A 50 5.56 -3.97 0.69
C MET A 50 6.38 -4.99 1.45
N ILE A 51 7.52 -5.34 0.90
CA ILE A 51 8.41 -6.32 1.47
C ILE A 51 8.92 -5.85 2.83
N GLU A 52 9.21 -4.61 2.94
CA GLU A 52 9.74 -4.11 4.18
C GLU A 52 8.59 -3.69 5.08
N LYS A 53 7.48 -3.32 4.48
CA LYS A 53 6.26 -2.91 5.15
C LYS A 53 5.72 -4.01 6.05
N LYS A 54 6.15 -5.25 5.82
CA LYS A 54 5.69 -6.35 6.66
C LYS A 54 6.22 -6.27 8.12
N ALA A 55 7.22 -5.44 8.35
CA ALA A 55 7.83 -5.30 9.67
C ALA A 55 6.95 -4.47 10.59
N ARG A 56 6.63 -3.27 10.16
CA ARG A 56 5.77 -2.37 10.93
C ARG A 56 5.37 -1.23 10.02
N ARG A 57 6.34 -0.45 9.60
CA ARG A 57 6.15 0.63 8.68
C ARG A 57 7.47 1.05 8.09
N VAL A 58 7.57 1.04 6.80
CA VAL A 58 8.82 1.38 6.13
C VAL A 58 8.54 2.35 4.99
N VAL A 59 9.52 3.17 4.67
CA VAL A 59 9.40 4.17 3.64
C VAL A 59 10.10 3.70 2.38
N HIS A 60 9.58 4.12 1.27
CA HIS A 60 10.14 3.80 -0.01
C HIS A 60 9.93 5.01 -0.90
N ILE A 61 10.88 5.29 -1.77
CA ILE A 61 10.76 6.38 -2.70
C ILE A 61 10.32 5.81 -4.04
N LYS A 62 9.51 6.57 -4.78
CA LYS A 62 8.93 6.16 -6.07
C LYS A 62 7.95 4.97 -5.87
N PRO A 63 7.00 5.03 -4.90
CA PRO A 63 6.07 3.95 -4.67
C PRO A 63 4.81 4.12 -5.53
N GLY A 64 4.06 3.06 -5.70
CA GLY A 64 2.90 3.12 -6.54
C GLY A 64 2.09 1.87 -6.43
N GLU A 65 1.41 1.76 -5.35
CA GLU A 65 0.50 0.66 -5.09
C GLU A 65 -0.89 1.18 -4.86
N LYS A 66 -1.77 0.68 -5.65
CA LYS A 66 -3.12 1.01 -5.60
C LYS A 66 -3.82 -0.28 -5.43
N ILE A 67 -4.25 -0.54 -4.26
CA ILE A 67 -4.89 -1.77 -4.03
C ILE A 67 -6.34 -1.54 -3.87
N LEU A 68 -7.11 -2.35 -4.60
CA LEU A 68 -8.59 -2.42 -4.61
C LEU A 68 -9.24 -1.08 -4.90
N GLY A 69 -8.50 -0.14 -5.41
CA GLY A 69 -9.04 1.18 -5.64
C GLY A 69 -9.04 2.04 -4.36
N ALA A 70 -9.06 1.39 -3.21
CA ALA A 70 -9.04 2.03 -1.91
C ALA A 70 -8.21 1.15 -0.97
N ARG A 71 -7.48 1.76 -0.06
CA ARG A 71 -6.58 1.01 0.84
C ARG A 71 -7.39 0.26 1.93
N ILE A 72 -7.81 -0.97 1.67
CA ILE A 72 -8.49 -1.74 2.68
C ILE A 72 -7.62 -2.92 2.95
N ILE A 73 -7.31 -3.14 4.20
CA ILE A 73 -6.47 -4.26 4.58
C ILE A 73 -7.37 -5.46 4.89
N GLY A 74 -8.65 -5.18 5.11
CA GLY A 74 -9.65 -6.22 5.37
C GLY A 74 -9.72 -6.56 6.83
N ILE A 75 -8.69 -6.16 7.50
CA ILE A 75 -8.51 -6.35 8.89
C ILE A 75 -8.40 -4.97 9.50
N PRO A 76 -9.47 -4.50 10.18
CA PRO A 76 -9.53 -3.16 10.79
C PRO A 76 -8.34 -2.87 11.69
N PRO A 77 -7.46 -1.97 11.28
CA PRO A 77 -6.30 -1.63 12.05
C PRO A 77 -6.54 -0.39 12.88
N VAL A 78 -5.56 -0.07 13.69
CA VAL A 78 -5.60 1.14 14.48
C VAL A 78 -5.09 2.26 13.58
N PRO A 79 -5.94 3.16 13.08
CA PRO A 79 -5.54 4.17 12.13
C PRO A 79 -5.08 5.46 12.80
N ILE A 80 -3.79 5.64 12.89
CA ILE A 80 -3.20 6.85 13.43
C ILE A 80 -2.07 7.27 12.49
N GLY A 81 -2.39 8.03 11.48
CA GLY A 81 -1.36 8.37 10.56
C GLY A 81 -1.33 9.81 10.11
N ILE A 82 -0.15 10.27 9.78
CA ILE A 82 0.08 11.62 9.33
C ILE A 82 0.24 11.62 7.81
N ASP A 83 -0.78 12.06 7.13
CA ASP A 83 -0.78 12.12 5.68
C ASP A 83 -0.32 13.48 5.22
N GLU A 84 0.95 13.58 4.85
CA GLU A 84 1.47 14.83 4.36
C GLU A 84 1.02 15.07 2.94
N GLU A 85 1.54 14.27 2.06
CA GLU A 85 1.27 14.36 0.67
C GLU A 85 1.75 13.04 0.12
N ARG A 86 1.42 12.74 -1.11
CA ARG A 86 1.84 11.48 -1.69
C ARG A 86 3.26 11.63 -2.18
N SER A 87 3.57 12.81 -2.57
CA SER A 87 4.85 13.19 -3.05
C SER A 87 5.74 13.72 -1.92
N THR A 88 5.46 13.23 -0.77
CA THR A 88 6.12 13.55 0.45
C THR A 88 5.95 12.30 1.30
N VAL A 89 6.68 12.17 2.39
CA VAL A 89 6.58 10.99 3.20
C VAL A 89 5.33 11.03 4.05
N MET A 90 4.35 10.27 3.64
CA MET A 90 3.19 10.19 4.47
C MET A 90 3.53 9.15 5.49
N ILE A 91 3.53 9.54 6.73
CA ILE A 91 3.93 8.63 7.77
C ILE A 91 2.72 8.22 8.59
N PRO A 92 2.02 7.17 8.18
CA PRO A 92 0.90 6.70 8.88
C PRO A 92 1.29 5.56 9.81
N TYR A 93 0.41 5.22 10.68
CA TYR A 93 0.61 4.14 11.55
C TYR A 93 -0.68 3.43 11.66
N THR A 94 -0.71 2.25 11.17
CA THR A 94 -1.86 1.46 11.27
C THR A 94 -1.43 0.13 11.84
N LYS A 95 -2.20 -0.44 12.71
CA LYS A 95 -1.81 -1.74 13.24
C LYS A 95 -2.76 -2.84 12.78
N PRO A 96 -2.47 -3.46 11.63
CA PRO A 96 -3.24 -4.55 11.08
C PRO A 96 -2.47 -5.87 11.26
N CYS A 97 -2.71 -6.81 10.37
CA CYS A 97 -1.99 -8.06 10.41
C CYS A 97 -0.86 -8.04 9.34
N TYR A 98 -0.58 -6.85 8.82
CA TYR A 98 0.46 -6.68 7.80
C TYR A 98 1.49 -5.64 8.24
N GLY A 99 1.15 -4.37 8.05
CA GLY A 99 2.04 -3.28 8.37
C GLY A 99 1.55 -2.02 7.71
N THR A 100 2.30 -0.95 7.81
CA THR A 100 1.92 0.33 7.25
C THR A 100 2.96 0.77 6.18
N ALA A 101 2.55 1.66 5.29
CA ALA A 101 3.38 2.13 4.21
C ALA A 101 3.69 3.60 4.33
N VAL A 102 4.95 3.92 4.32
CA VAL A 102 5.39 5.28 4.33
C VAL A 102 5.90 5.49 2.92
N VAL A 103 5.18 6.21 2.16
CA VAL A 103 5.53 6.37 0.77
C VAL A 103 5.92 7.80 0.47
N GLU A 104 6.92 7.96 -0.39
CA GLU A 104 7.35 9.27 -0.84
C GLU A 104 7.54 9.20 -2.33
N LEU A 105 6.68 9.82 -3.06
CA LEU A 105 6.79 9.83 -4.48
C LEU A 105 7.53 11.12 -4.93
N PRO A 106 8.58 11.03 -5.76
CA PRO A 106 9.31 12.20 -6.27
C PRO A 106 8.64 12.74 -7.54
N VAL A 107 7.46 12.27 -7.78
CA VAL A 107 6.66 12.66 -8.90
C VAL A 107 5.43 13.34 -8.31
N ASP A 108 4.76 14.13 -9.08
CA ASP A 108 3.56 14.83 -8.64
C ASP A 108 2.44 13.81 -8.33
N PRO A 109 1.56 14.09 -7.31
CA PRO A 109 0.44 13.22 -6.93
C PRO A 109 -0.51 12.88 -8.11
N GLU A 110 -0.40 13.61 -9.23
CA GLU A 110 -1.20 13.34 -10.44
C GLU A 110 -0.90 11.94 -10.97
N GLU A 111 0.25 11.39 -10.57
CA GLU A 111 0.62 10.06 -10.98
C GLU A 111 -0.37 9.06 -10.38
N ILE A 112 -0.90 9.42 -9.23
CA ILE A 112 -1.86 8.62 -8.53
C ILE A 112 -3.17 8.62 -9.28
N GLU A 113 -3.49 9.71 -9.96
CA GLU A 113 -4.72 9.82 -10.73
C GLU A 113 -4.72 8.76 -11.85
N ARG A 114 -3.55 8.59 -12.45
CA ARG A 114 -3.34 7.58 -13.50
C ARG A 114 -3.52 6.20 -12.88
N ILE A 115 -2.87 6.02 -11.75
CA ILE A 115 -2.86 4.78 -11.02
C ILE A 115 -4.26 4.49 -10.38
N LEU A 116 -5.06 5.53 -10.26
CA LEU A 116 -6.43 5.45 -9.74
C LEU A 116 -7.34 4.89 -10.82
N GLU A 117 -6.96 5.10 -12.06
CA GLU A 117 -7.72 4.59 -13.20
C GLU A 117 -7.45 3.13 -13.30
N VAL A 118 -6.21 2.80 -13.01
CA VAL A 118 -5.77 1.45 -12.96
C VAL A 118 -6.55 0.82 -11.86
N ALA A 119 -6.29 1.29 -10.66
CA ALA A 119 -6.95 0.90 -9.41
C ALA A 119 -6.83 -0.57 -9.05
N GLU A 120 -7.29 -1.39 -9.94
CA GLU A 120 -7.28 -2.81 -9.79
C GLU A 120 -6.65 -3.53 -10.98
N PRO A 121 -7.28 -3.56 -12.19
CA PRO A 121 -6.69 -4.22 -13.33
C PRO A 121 -5.79 -3.30 -14.14
N HIS A 20 10.37 -5.75 -8.99
CA HIS A 20 9.36 -5.46 -7.98
C HIS A 20 8.41 -4.42 -8.51
N MET A 21 7.29 -4.89 -9.03
CA MET A 21 6.23 -4.06 -9.55
C MET A 21 4.94 -4.85 -9.44
N THR A 22 3.94 -4.27 -8.85
CA THR A 22 2.65 -4.92 -8.69
C THR A 22 1.63 -4.32 -9.64
N PHE A 23 1.20 -5.08 -10.63
CA PHE A 23 0.19 -4.59 -11.56
C PHE A 23 -0.96 -5.58 -11.69
N CYS A 24 -0.98 -6.56 -10.84
CA CYS A 24 -2.04 -7.53 -10.82
C CYS A 24 -2.53 -7.68 -9.38
N LEU A 25 -3.71 -7.14 -9.06
CA LEU A 25 -4.19 -7.16 -7.68
C LEU A 25 -4.81 -8.51 -7.34
N GLU A 26 -5.50 -9.09 -8.30
CA GLU A 26 -6.20 -10.34 -8.15
C GLU A 26 -5.21 -11.49 -8.05
N THR A 27 -4.00 -11.26 -8.49
CA THR A 27 -2.98 -12.26 -8.39
C THR A 27 -2.55 -12.36 -6.93
N TYR A 28 -2.60 -11.24 -6.20
CA TYR A 28 -2.26 -11.24 -4.79
C TYR A 28 -3.32 -11.95 -4.00
N LEU A 29 -4.54 -11.88 -4.52
CA LEU A 29 -5.67 -12.56 -3.92
C LEU A 29 -5.36 -14.07 -3.97
N GLN A 30 -4.85 -14.49 -5.10
CA GLN A 30 -4.53 -15.86 -5.39
C GLN A 30 -3.20 -16.29 -4.77
N GLN A 31 -2.45 -15.34 -4.29
CA GLN A 31 -1.19 -15.64 -3.63
C GLN A 31 -1.40 -15.84 -2.15
N SER A 32 -2.37 -15.13 -1.60
CA SER A 32 -2.65 -15.25 -0.19
C SER A 32 -4.00 -14.65 0.11
N GLY A 33 -4.10 -13.36 -0.05
CA GLY A 33 -5.30 -12.64 0.24
C GLY A 33 -5.21 -11.28 -0.34
N GLU A 34 -6.33 -10.60 -0.41
CA GLU A 34 -6.38 -9.26 -0.96
C GLU A 34 -5.63 -8.26 -0.09
N TYR A 35 -4.95 -7.38 -0.74
CA TYR A 35 -4.21 -6.30 -0.11
C TYR A 35 -4.42 -5.05 -0.95
N GLU A 36 -5.34 -5.20 -1.89
CA GLU A 36 -5.67 -4.23 -2.86
C GLU A 36 -7.12 -4.48 -3.26
N ILE A 37 -7.83 -3.45 -3.62
CA ILE A 37 -9.21 -3.60 -4.06
C ILE A 37 -9.23 -3.83 -5.59
N HIS A 38 -10.32 -4.39 -6.14
CA HIS A 38 -10.41 -4.65 -7.58
C HIS A 38 -10.59 -3.33 -8.35
N MET A 39 -9.53 -2.62 -8.35
CA MET A 39 -9.36 -1.35 -8.99
C MET A 39 -8.00 -1.40 -9.66
N LYS A 40 -7.53 -0.31 -10.27
CA LYS A 40 -6.24 -0.37 -10.96
C LYS A 40 -5.11 -0.15 -10.02
N ARG A 41 -4.28 -1.14 -9.90
CA ARG A 41 -3.19 -1.10 -9.00
C ARG A 41 -1.88 -0.95 -9.76
N ALA A 42 -1.03 -0.10 -9.27
CA ALA A 42 0.27 0.07 -9.85
C ALA A 42 1.23 0.31 -8.72
N GLY A 43 1.88 -0.73 -8.31
CA GLY A 43 2.77 -0.65 -7.21
C GLY A 43 4.20 -0.88 -7.53
N PHE A 44 4.89 0.15 -7.97
CA PHE A 44 6.30 0.02 -8.36
C PHE A 44 7.20 -0.24 -7.14
N ARG A 45 7.57 0.79 -6.42
CA ARG A 45 8.49 0.60 -5.29
C ARG A 45 7.86 -0.08 -4.09
N GLU A 46 6.56 0.16 -3.86
CA GLU A 46 5.91 -0.43 -2.70
C GLU A 46 5.76 -1.94 -2.91
N CYS A 47 5.95 -2.40 -4.16
CA CYS A 47 5.93 -3.83 -4.42
C CYS A 47 7.04 -4.53 -3.60
N ALA A 48 8.14 -3.80 -3.39
CA ALA A 48 9.25 -4.32 -2.63
C ALA A 48 8.88 -4.46 -1.19
N ALA A 49 8.27 -3.45 -0.69
CA ALA A 49 7.85 -3.38 0.66
C ALA A 49 6.77 -4.38 1.00
N MET A 50 5.76 -4.49 0.14
CA MET A 50 4.63 -5.38 0.37
C MET A 50 5.05 -6.82 0.60
N ILE A 51 6.15 -7.21 -0.04
CA ILE A 51 6.71 -8.54 0.13
C ILE A 51 7.09 -8.76 1.61
N GLU A 52 7.66 -7.74 2.21
CA GLU A 52 8.11 -7.78 3.58
C GLU A 52 6.92 -7.57 4.53
N LYS A 53 5.98 -6.74 4.10
CA LYS A 53 4.77 -6.38 4.87
C LYS A 53 3.84 -7.55 5.01
N LYS A 54 4.09 -8.56 4.23
CA LYS A 54 3.36 -9.81 4.22
C LYS A 54 3.54 -10.53 5.57
N ALA A 55 4.68 -10.34 6.20
CA ALA A 55 5.00 -11.00 7.44
C ALA A 55 4.25 -10.37 8.63
N ARG A 56 4.27 -9.06 8.71
CA ARG A 56 3.58 -8.34 9.77
C ARG A 56 3.38 -6.90 9.40
N ARG A 57 4.45 -6.14 9.46
CA ARG A 57 4.42 -4.74 9.19
C ARG A 57 5.83 -4.26 8.99
N VAL A 58 6.11 -3.64 7.88
CA VAL A 58 7.47 -3.17 7.58
C VAL A 58 7.35 -1.76 6.98
N VAL A 59 8.46 -1.04 6.90
CA VAL A 59 8.49 0.31 6.35
C VAL A 59 9.29 0.33 5.04
N HIS A 60 8.94 1.22 4.12
CA HIS A 60 9.64 1.35 2.88
C HIS A 60 9.72 2.83 2.59
N ILE A 61 10.90 3.29 2.30
CA ILE A 61 11.13 4.67 2.05
C ILE A 61 11.15 4.86 0.54
N LYS A 62 10.50 5.92 0.08
CA LYS A 62 10.33 6.25 -1.35
C LYS A 62 9.35 5.27 -2.01
N PRO A 63 8.12 5.14 -1.51
CA PRO A 63 7.16 4.26 -2.13
C PRO A 63 6.63 4.91 -3.42
N GLY A 64 6.54 4.13 -4.47
CA GLY A 64 6.12 4.64 -5.74
C GLY A 64 4.97 3.86 -6.24
N GLU A 65 4.04 3.65 -5.39
CA GLU A 65 2.87 2.92 -5.71
C GLU A 65 1.66 3.82 -5.68
N LYS A 66 0.69 3.46 -6.44
CA LYS A 66 -0.58 4.11 -6.47
C LYS A 66 -1.57 3.04 -6.60
N ILE A 67 -1.54 2.23 -5.60
CA ILE A 67 -2.39 1.11 -5.50
C ILE A 67 -3.83 1.53 -5.40
N LEU A 68 -4.51 1.33 -6.51
CA LEU A 68 -5.95 1.55 -6.71
C LEU A 68 -6.34 3.02 -6.74
N GLY A 69 -5.42 3.87 -6.39
CA GLY A 69 -5.69 5.28 -6.27
C GLY A 69 -6.25 5.55 -4.88
N ALA A 70 -6.38 4.46 -4.13
CA ALA A 70 -6.91 4.44 -2.81
C ALA A 70 -6.42 3.15 -2.16
N ARG A 71 -5.71 3.27 -1.08
CA ARG A 71 -5.14 2.11 -0.40
C ARG A 71 -6.19 1.32 0.37
N ILE A 72 -6.82 0.40 -0.31
CA ILE A 72 -7.86 -0.42 0.28
C ILE A 72 -7.38 -1.85 0.26
N ILE A 73 -7.47 -2.52 1.39
CA ILE A 73 -7.04 -3.91 1.50
C ILE A 73 -8.02 -4.82 0.76
N GLY A 74 -9.28 -4.52 0.90
CA GLY A 74 -10.30 -5.32 0.25
C GLY A 74 -10.85 -6.37 1.18
N ILE A 75 -10.33 -6.38 2.36
CA ILE A 75 -10.71 -7.30 3.39
C ILE A 75 -10.97 -6.47 4.60
N PRO A 76 -12.13 -6.63 5.28
CA PRO A 76 -12.43 -5.90 6.52
C PRO A 76 -11.49 -6.35 7.63
N PRO A 77 -10.52 -5.52 8.01
CA PRO A 77 -9.56 -5.87 9.01
C PRO A 77 -9.86 -5.18 10.32
N VAL A 78 -8.91 -5.24 11.21
CA VAL A 78 -9.02 -4.55 12.46
C VAL A 78 -8.24 -3.26 12.29
N PRO A 79 -8.92 -2.12 12.04
CA PRO A 79 -8.26 -0.86 11.78
C PRO A 79 -7.95 -0.06 13.04
N ILE A 80 -6.71 -0.12 13.42
CA ILE A 80 -6.18 0.60 14.55
C ILE A 80 -4.90 1.25 14.02
N GLY A 81 -4.35 2.21 14.72
CA GLY A 81 -3.11 2.77 14.27
C GLY A 81 -3.10 4.27 14.27
N ILE A 82 -2.02 4.83 13.77
CA ILE A 82 -1.84 6.26 13.69
C ILE A 82 -1.23 6.59 12.34
N ASP A 83 -2.03 7.15 11.48
CA ASP A 83 -1.63 7.47 10.12
C ASP A 83 -1.29 8.96 10.06
N GLU A 84 -0.01 9.29 9.94
CA GLU A 84 0.39 10.69 9.93
C GLU A 84 0.31 11.37 8.58
N GLU A 85 0.97 10.80 7.60
CA GLU A 85 1.02 11.35 6.27
C GLU A 85 1.72 10.33 5.38
N ARG A 86 1.62 10.54 4.09
CA ARG A 86 2.24 9.68 3.07
C ARG A 86 3.76 9.89 3.17
N SER A 87 4.11 11.11 3.45
CA SER A 87 5.48 11.53 3.54
C SER A 87 5.99 11.50 4.98
N THR A 88 5.46 10.62 5.72
CA THR A 88 5.81 10.43 7.10
C THR A 88 5.57 8.96 7.38
N VAL A 89 6.13 8.44 8.43
CA VAL A 89 5.90 7.06 8.75
C VAL A 89 4.54 6.90 9.39
N MET A 90 3.70 6.25 8.68
CA MET A 90 2.39 5.95 9.14
C MET A 90 2.47 4.60 9.83
N ILE A 91 2.10 4.53 11.06
CA ILE A 91 2.17 3.26 11.75
C ILE A 91 0.79 2.77 12.04
N PRO A 92 0.20 2.02 11.13
CA PRO A 92 -1.08 1.45 11.33
C PRO A 92 -0.95 0.14 12.07
N TYR A 93 -1.98 -0.23 12.72
CA TYR A 93 -2.03 -1.46 13.41
C TYR A 93 -3.24 -2.15 12.88
N THR A 94 -3.11 -2.65 11.72
CA THR A 94 -4.20 -3.27 11.09
C THR A 94 -4.03 -4.76 11.09
N LYS A 95 -5.05 -5.47 11.43
CA LYS A 95 -5.00 -6.90 11.39
C LYS A 95 -5.88 -7.43 10.27
N PRO A 96 -5.32 -7.56 9.05
CA PRO A 96 -6.03 -8.10 7.91
C PRO A 96 -5.57 -9.53 7.65
N CYS A 97 -5.77 -10.01 6.46
CA CYS A 97 -5.35 -11.34 6.12
C CYS A 97 -3.96 -11.29 5.48
N TYR A 98 -3.37 -10.10 5.43
CA TYR A 98 -2.08 -9.92 4.82
C TYR A 98 -1.07 -9.38 5.84
N GLY A 99 -1.07 -8.07 6.02
CA GLY A 99 -0.16 -7.43 6.93
C GLY A 99 -0.37 -5.95 6.91
N THR A 100 0.52 -5.21 7.51
CA THR A 100 0.41 -3.80 7.59
C THR A 100 1.58 -3.14 6.85
N ALA A 101 1.32 -1.98 6.28
CA ALA A 101 2.27 -1.30 5.48
C ALA A 101 2.60 0.09 6.02
N VAL A 102 3.85 0.31 6.30
CA VAL A 102 4.32 1.61 6.72
C VAL A 102 5.05 2.18 5.49
N VAL A 103 4.43 3.11 4.83
CA VAL A 103 5.04 3.73 3.69
C VAL A 103 5.56 5.13 4.11
N GLU A 104 6.77 5.48 3.75
CA GLU A 104 7.31 6.81 4.07
C GLU A 104 7.94 7.41 2.84
N LEU A 105 7.38 8.46 2.36
CA LEU A 105 7.88 9.13 1.21
C LEU A 105 8.72 10.35 1.63
N PRO A 106 9.94 10.53 1.07
CA PRO A 106 10.78 11.69 1.39
C PRO A 106 10.39 12.93 0.57
N VAL A 107 9.44 12.75 -0.30
CA VAL A 107 8.94 13.80 -1.17
C VAL A 107 7.70 14.36 -0.50
N ASP A 108 7.25 15.52 -0.92
CA ASP A 108 6.11 16.20 -0.33
C ASP A 108 4.80 15.44 -0.62
N PRO A 109 3.81 15.47 0.32
CA PRO A 109 2.49 14.81 0.15
C PRO A 109 1.74 15.20 -1.14
N GLU A 110 2.23 16.22 -1.86
CA GLU A 110 1.64 16.65 -3.15
C GLU A 110 1.59 15.49 -4.13
N GLU A 111 2.44 14.49 -3.91
CA GLU A 111 2.47 13.28 -4.72
C GLU A 111 1.13 12.56 -4.71
N ILE A 112 0.31 12.79 -3.68
CA ILE A 112 -1.02 12.16 -3.60
C ILE A 112 -1.89 12.65 -4.75
N GLU A 113 -1.81 13.94 -5.05
CA GLU A 113 -2.60 14.52 -6.13
C GLU A 113 -2.15 13.93 -7.45
N ARG A 114 -0.84 13.72 -7.54
CA ARG A 114 -0.26 13.11 -8.71
C ARG A 114 -0.78 11.69 -8.80
N ILE A 115 -0.67 10.99 -7.70
CA ILE A 115 -1.05 9.60 -7.54
C ILE A 115 -2.52 9.35 -7.84
N LEU A 116 -3.34 10.32 -7.62
CA LEU A 116 -4.77 10.17 -7.89
C LEU A 116 -5.03 10.06 -9.41
N GLU A 117 -4.25 10.81 -10.18
CA GLU A 117 -4.36 10.79 -11.65
C GLU A 117 -3.47 9.68 -12.22
N VAL A 118 -2.27 9.63 -11.70
CA VAL A 118 -1.21 8.72 -12.10
C VAL A 118 -1.39 7.31 -11.45
N ALA A 119 -2.57 7.09 -10.90
CA ALA A 119 -2.93 5.86 -10.23
C ALA A 119 -2.93 4.68 -11.15
N GLU A 120 -3.35 4.92 -12.35
CA GLU A 120 -3.45 3.88 -13.30
C GLU A 120 -2.12 3.70 -14.06
N PRO A 121 -1.52 4.77 -14.66
CA PRO A 121 -0.27 4.67 -15.34
C PRO A 121 0.90 5.30 -14.53
N HIS A 20 9.83 -5.25 -9.71
CA HIS A 20 8.79 -5.04 -8.73
C HIS A 20 7.92 -3.87 -9.08
N MET A 21 6.80 -4.18 -9.69
CA MET A 21 5.77 -3.25 -10.08
C MET A 21 4.46 -4.02 -10.06
N THR A 22 3.51 -3.56 -9.31
CA THR A 22 2.25 -4.25 -9.18
C THR A 22 1.18 -3.62 -10.05
N PHE A 23 0.66 -4.38 -10.98
CA PHE A 23 -0.41 -3.90 -11.83
C PHE A 23 -1.50 -4.96 -11.93
N CYS A 24 -1.44 -5.94 -11.04
CA CYS A 24 -2.43 -7.00 -10.97
C CYS A 24 -2.81 -7.21 -9.51
N LEU A 25 -3.96 -6.70 -9.10
CA LEU A 25 -4.36 -6.77 -7.70
C LEU A 25 -4.83 -8.18 -7.33
N GLU A 26 -5.45 -8.83 -8.29
CA GLU A 26 -6.03 -10.14 -8.11
C GLU A 26 -4.96 -11.23 -8.04
N THR A 27 -3.80 -10.95 -8.56
CA THR A 27 -2.74 -11.90 -8.48
C THR A 27 -2.28 -12.02 -7.02
N TYR A 28 -2.40 -10.93 -6.27
CA TYR A 28 -2.06 -10.91 -4.87
C TYR A 28 -3.09 -11.64 -4.05
N LEU A 29 -4.31 -11.62 -4.54
CA LEU A 29 -5.42 -12.31 -3.91
C LEU A 29 -5.06 -13.81 -3.93
N GLN A 30 -4.59 -14.23 -5.09
CA GLN A 30 -4.20 -15.59 -5.38
C GLN A 30 -2.98 -15.98 -4.59
N GLN A 31 -2.10 -15.04 -4.42
CA GLN A 31 -0.90 -15.24 -3.70
C GLN A 31 -1.18 -15.50 -2.25
N SER A 32 -2.04 -14.69 -1.67
CA SER A 32 -2.37 -14.84 -0.27
C SER A 32 -3.73 -14.26 0.03
N GLY A 33 -3.83 -12.99 -0.08
CA GLY A 33 -5.01 -12.29 0.21
C GLY A 33 -4.93 -10.94 -0.38
N GLU A 34 -6.03 -10.26 -0.44
CA GLU A 34 -6.08 -8.96 -1.03
C GLU A 34 -5.31 -7.93 -0.21
N TYR A 35 -4.68 -7.01 -0.90
CA TYR A 35 -3.95 -5.91 -0.29
C TYR A 35 -4.34 -4.63 -1.04
N GLU A 36 -5.25 -4.83 -1.96
CA GLU A 36 -5.74 -3.84 -2.86
C GLU A 36 -7.17 -4.25 -3.19
N ILE A 37 -8.01 -3.31 -3.58
CA ILE A 37 -9.36 -3.64 -3.97
C ILE A 37 -9.41 -3.83 -5.48
N HIS A 38 -10.47 -4.41 -6.03
CA HIS A 38 -10.57 -4.67 -7.46
C HIS A 38 -10.85 -3.37 -8.21
N MET A 39 -9.83 -2.59 -8.24
CA MET A 39 -9.76 -1.30 -8.90
C MET A 39 -8.41 -1.21 -9.60
N LYS A 40 -8.09 -0.07 -10.22
CA LYS A 40 -6.82 0.03 -10.95
C LYS A 40 -5.68 0.24 -10.00
N ARG A 41 -4.87 -0.75 -9.90
CA ARG A 41 -3.79 -0.72 -9.00
C ARG A 41 -2.46 -0.44 -9.74
N ALA A 42 -1.69 0.46 -9.24
CA ALA A 42 -0.41 0.74 -9.83
C ALA A 42 0.57 0.91 -8.70
N GLY A 43 1.30 -0.11 -8.44
CA GLY A 43 2.21 -0.07 -7.35
C GLY A 43 3.63 -0.30 -7.72
N PHE A 44 4.33 0.76 -8.10
CA PHE A 44 5.72 0.63 -8.51
C PHE A 44 6.61 0.34 -7.31
N ARG A 45 6.86 1.36 -6.53
CA ARG A 45 7.74 1.23 -5.38
C ARG A 45 7.17 0.40 -4.27
N GLU A 46 5.86 0.53 -4.02
CA GLU A 46 5.29 -0.18 -2.92
C GLU A 46 5.15 -1.67 -3.23
N CYS A 47 5.38 -2.04 -4.50
CA CYS A 47 5.36 -3.46 -4.89
C CYS A 47 6.39 -4.23 -4.06
N ALA A 48 7.52 -3.58 -3.76
CA ALA A 48 8.56 -4.20 -2.97
C ALA A 48 8.09 -4.39 -1.54
N ALA A 49 7.42 -3.39 -1.04
CA ALA A 49 6.90 -3.38 0.30
C ALA A 49 5.86 -4.44 0.54
N MET A 50 4.89 -4.51 -0.34
CA MET A 50 3.78 -5.47 -0.21
C MET A 50 4.26 -6.91 -0.10
N ILE A 51 5.35 -7.21 -0.78
CA ILE A 51 5.95 -8.55 -0.73
C ILE A 51 6.45 -8.84 0.69
N GLU A 52 7.03 -7.83 1.30
CA GLU A 52 7.56 -7.95 2.63
C GLU A 52 6.46 -7.88 3.68
N LYS A 53 5.42 -7.12 3.38
CA LYS A 53 4.27 -6.97 4.28
C LYS A 53 3.50 -8.25 4.43
N LYS A 54 3.67 -9.14 3.46
CA LYS A 54 3.07 -10.47 3.48
C LYS A 54 3.55 -11.27 4.70
N ALA A 55 4.74 -10.92 5.20
CA ALA A 55 5.32 -11.61 6.31
C ALA A 55 4.60 -11.24 7.60
N ARG A 56 4.42 -9.94 7.84
CA ARG A 56 3.76 -9.48 9.06
C ARG A 56 3.38 -8.02 8.96
N ARG A 57 4.38 -7.15 9.00
CA ARG A 57 4.17 -5.70 8.94
C ARG A 57 5.51 -5.06 8.61
N VAL A 58 5.62 -4.48 7.45
CA VAL A 58 6.89 -3.89 7.03
C VAL A 58 6.69 -2.47 6.50
N VAL A 59 7.71 -1.65 6.66
CA VAL A 59 7.71 -0.29 6.18
C VAL A 59 8.55 -0.19 4.91
N HIS A 60 8.17 0.69 4.03
CA HIS A 60 8.89 0.91 2.83
C HIS A 60 9.05 2.38 2.68
N ILE A 61 10.26 2.80 2.81
CA ILE A 61 10.59 4.17 2.69
C ILE A 61 10.73 4.44 1.21
N LYS A 62 10.22 5.58 0.78
CA LYS A 62 10.18 5.99 -0.63
C LYS A 62 9.19 5.11 -1.43
N PRO A 63 7.89 5.11 -1.05
CA PRO A 63 6.87 4.36 -1.76
C PRO A 63 6.43 5.10 -3.02
N GLY A 64 5.75 4.41 -3.90
CA GLY A 64 5.33 5.00 -5.13
C GLY A 64 4.24 4.21 -5.73
N GLU A 65 3.24 3.97 -4.96
CA GLU A 65 2.10 3.26 -5.42
C GLU A 65 0.87 4.18 -5.37
N LYS A 66 -0.05 3.90 -6.23
CA LYS A 66 -1.33 4.59 -6.29
C LYS A 66 -2.30 3.51 -6.54
N ILE A 67 -2.31 2.63 -5.61
CA ILE A 67 -3.10 1.48 -5.64
C ILE A 67 -4.54 1.86 -5.47
N LEU A 68 -5.27 1.64 -6.55
CA LEU A 68 -6.71 1.83 -6.69
C LEU A 68 -7.12 3.29 -6.79
N GLY A 69 -6.24 4.15 -6.37
CA GLY A 69 -6.51 5.55 -6.36
C GLY A 69 -6.89 5.97 -4.95
N ALA A 70 -7.10 4.97 -4.14
CA ALA A 70 -7.43 5.08 -2.75
C ALA A 70 -7.09 3.73 -2.19
N ARG A 71 -6.14 3.66 -1.30
CA ARG A 71 -5.74 2.39 -0.79
C ARG A 71 -6.79 1.73 0.06
N ILE A 72 -7.13 0.56 -0.36
CA ILE A 72 -8.07 -0.29 0.31
C ILE A 72 -7.46 -1.65 0.27
N ILE A 73 -7.37 -2.30 1.39
CA ILE A 73 -6.75 -3.62 1.47
C ILE A 73 -7.67 -4.64 0.82
N GLY A 74 -8.94 -4.47 1.00
CA GLY A 74 -9.89 -5.40 0.45
C GLY A 74 -10.32 -6.34 1.53
N ILE A 75 -9.38 -6.64 2.39
CA ILE A 75 -9.62 -7.46 3.51
C ILE A 75 -9.95 -6.53 4.65
N PRO A 76 -11.12 -6.65 5.25
CA PRO A 76 -11.50 -5.83 6.39
C PRO A 76 -10.63 -6.19 7.60
N PRO A 77 -9.74 -5.31 8.03
CA PRO A 77 -8.88 -5.54 9.15
C PRO A 77 -9.39 -4.84 10.40
N VAL A 78 -8.64 -4.94 11.46
CA VAL A 78 -8.96 -4.26 12.69
C VAL A 78 -8.51 -2.80 12.51
N PRO A 79 -9.43 -1.83 12.48
CA PRO A 79 -9.12 -0.42 12.16
C PRO A 79 -8.37 0.34 13.28
N ILE A 80 -7.27 -0.18 13.78
CA ILE A 80 -6.51 0.54 14.77
C ILE A 80 -5.18 0.96 14.12
N GLY A 81 -4.56 2.01 14.59
CA GLY A 81 -3.31 2.39 13.99
C GLY A 81 -3.05 3.86 14.08
N ILE A 82 -1.87 4.25 13.66
CA ILE A 82 -1.47 5.64 13.67
C ILE A 82 -1.07 6.06 12.26
N ASP A 83 -2.03 6.56 11.51
CA ASP A 83 -1.78 7.03 10.16
C ASP A 83 -1.43 8.49 10.24
N GLU A 84 -0.16 8.77 10.16
CA GLU A 84 0.35 10.11 10.27
C GLU A 84 0.22 10.87 8.98
N GLU A 85 1.00 10.49 8.03
CA GLU A 85 1.05 11.13 6.73
C GLU A 85 1.73 10.16 5.80
N ARG A 86 1.73 10.45 4.53
CA ARG A 86 2.31 9.62 3.50
C ARG A 86 3.84 9.73 3.62
N SER A 87 4.25 10.86 4.09
CA SER A 87 5.65 11.18 4.24
C SER A 87 6.11 10.98 5.67
N THR A 88 5.46 10.10 6.31
CA THR A 88 5.72 9.78 7.68
C THR A 88 5.36 8.32 7.82
N VAL A 89 5.87 7.64 8.82
CA VAL A 89 5.55 6.25 8.98
C VAL A 89 4.14 6.07 9.49
N MET A 90 3.33 5.48 8.68
CA MET A 90 1.99 5.18 9.08
C MET A 90 2.02 3.77 9.62
N ILE A 91 2.12 3.64 10.92
CA ILE A 91 2.20 2.34 11.52
C ILE A 91 0.86 1.99 12.09
N PRO A 92 0.07 1.22 11.38
CA PRO A 92 -1.20 0.85 11.82
C PRO A 92 -1.19 -0.45 12.59
N TYR A 93 -2.28 -0.74 13.16
CA TYR A 93 -2.51 -1.92 13.90
C TYR A 93 -3.72 -2.54 13.25
N THR A 94 -3.62 -2.59 11.95
CA THR A 94 -4.61 -3.15 11.16
C THR A 94 -4.19 -4.57 10.84
N LYS A 95 -4.89 -5.51 11.37
CA LYS A 95 -4.54 -6.87 11.14
C LYS A 95 -5.49 -7.51 10.14
N PRO A 96 -5.05 -7.69 8.90
CA PRO A 96 -5.82 -8.37 7.92
C PRO A 96 -5.36 -9.83 7.87
N CYS A 97 -5.73 -10.53 6.82
CA CYS A 97 -5.31 -11.91 6.67
C CYS A 97 -4.10 -11.94 5.71
N TYR A 98 -3.53 -10.78 5.46
CA TYR A 98 -2.37 -10.64 4.62
C TYR A 98 -1.19 -10.15 5.47
N GLY A 99 -1.16 -8.86 5.75
CA GLY A 99 -0.13 -8.27 6.55
C GLY A 99 -0.39 -6.80 6.69
N THR A 100 0.26 -6.17 7.64
CA THR A 100 0.05 -4.78 7.90
C THR A 100 1.06 -3.99 7.08
N ALA A 101 0.72 -2.78 6.74
CA ALA A 101 1.54 -2.00 5.89
C ALA A 101 1.94 -0.67 6.48
N VAL A 102 3.21 -0.34 6.34
CA VAL A 102 3.73 0.93 6.76
C VAL A 102 4.47 1.51 5.54
N VAL A 103 4.22 2.75 5.21
CA VAL A 103 4.90 3.42 4.09
C VAL A 103 5.40 4.76 4.61
N GLU A 104 6.51 5.23 4.08
CA GLU A 104 7.05 6.53 4.49
C GLU A 104 7.81 7.16 3.34
N LEU A 105 7.34 8.26 2.87
CA LEU A 105 8.02 8.97 1.81
C LEU A 105 8.89 10.06 2.47
N PRO A 106 10.18 10.17 2.13
CA PRO A 106 11.04 11.21 2.70
C PRO A 106 10.80 12.58 2.05
N VAL A 107 10.01 12.56 1.01
CA VAL A 107 9.65 13.74 0.27
C VAL A 107 8.26 14.13 0.75
N ASP A 108 7.90 15.38 0.60
CA ASP A 108 6.60 15.89 1.04
C ASP A 108 5.44 15.22 0.28
N PRO A 109 4.24 15.10 0.91
CA PRO A 109 3.06 14.42 0.33
C PRO A 109 2.56 15.07 -0.96
N GLU A 110 3.05 16.28 -1.23
CA GLU A 110 2.72 17.03 -2.44
C GLU A 110 3.12 16.25 -3.70
N GLU A 111 4.10 15.36 -3.56
CA GLU A 111 4.55 14.55 -4.68
C GLU A 111 3.55 13.47 -4.95
N ILE A 112 2.88 13.06 -3.92
CA ILE A 112 1.93 12.01 -4.02
C ILE A 112 0.66 12.51 -4.64
N GLU A 113 0.39 13.80 -4.47
CA GLU A 113 -0.79 14.40 -5.08
C GLU A 113 -0.60 14.38 -6.60
N ARG A 114 0.65 14.60 -6.99
CA ARG A 114 1.09 14.56 -8.38
C ARG A 114 0.95 13.12 -8.91
N ILE A 115 1.43 12.20 -8.11
CA ILE A 115 1.42 10.79 -8.45
C ILE A 115 -0.01 10.20 -8.39
N LEU A 116 -0.88 10.83 -7.64
CA LEU A 116 -2.28 10.42 -7.51
C LEU A 116 -3.01 10.78 -8.81
N GLU A 117 -2.51 11.79 -9.47
CA GLU A 117 -3.04 12.23 -10.76
C GLU A 117 -2.62 11.19 -11.80
N VAL A 118 -1.51 10.56 -11.51
CA VAL A 118 -0.87 9.57 -12.35
C VAL A 118 -1.18 8.14 -11.78
N ALA A 119 -2.25 8.05 -11.00
CA ALA A 119 -2.72 6.80 -10.39
C ALA A 119 -3.03 5.70 -11.40
N GLU A 120 -3.78 6.04 -12.39
CA GLU A 120 -4.23 5.07 -13.38
C GLU A 120 -3.30 4.92 -14.60
N PRO A 121 -2.74 6.05 -15.19
CA PRO A 121 -1.84 6.00 -16.35
C PRO A 121 -0.87 4.80 -16.38
N HIS A 20 9.30 -3.76 -11.57
CA HIS A 20 8.45 -4.29 -10.51
C HIS A 20 7.03 -3.84 -10.74
N MET A 21 6.09 -4.77 -10.60
CA MET A 21 4.66 -4.51 -10.71
C MET A 21 3.89 -5.74 -10.33
N THR A 22 2.88 -5.56 -9.57
CA THR A 22 2.03 -6.65 -9.17
C THR A 22 0.61 -6.15 -8.99
N PHE A 23 -0.31 -6.83 -9.61
CA PHE A 23 -1.70 -6.49 -9.58
C PHE A 23 -2.49 -7.60 -8.89
N CYS A 24 -1.77 -8.62 -8.46
CA CYS A 24 -2.35 -9.73 -7.75
C CYS A 24 -2.50 -9.36 -6.30
N LEU A 25 -3.72 -9.23 -5.87
CA LEU A 25 -4.01 -8.92 -4.51
C LEU A 25 -4.55 -10.16 -3.80
N GLU A 26 -5.46 -10.83 -4.50
CA GLU A 26 -6.18 -11.99 -4.01
C GLU A 26 -5.28 -13.20 -3.83
N THR A 27 -4.08 -13.09 -4.34
CA THR A 27 -3.13 -14.11 -4.19
C THR A 27 -2.65 -14.16 -2.73
N TYR A 28 -2.70 -13.01 -2.08
CA TYR A 28 -2.28 -12.87 -0.69
C TYR A 28 -3.30 -13.44 0.25
N LEU A 29 -4.55 -13.38 -0.16
CA LEU A 29 -5.65 -13.95 0.59
C LEU A 29 -5.41 -15.44 0.80
N GLN A 30 -4.95 -16.06 -0.25
CA GLN A 30 -4.71 -17.48 -0.32
C GLN A 30 -3.44 -17.86 0.44
N GLN A 31 -2.66 -16.87 0.79
CA GLN A 31 -1.42 -17.10 1.50
C GLN A 31 -1.56 -16.87 2.99
N SER A 32 -2.41 -15.94 3.38
CA SER A 32 -2.64 -15.64 4.79
C SER A 32 -4.01 -15.02 4.98
N GLY A 33 -4.17 -13.87 4.44
CA GLY A 33 -5.38 -13.13 4.53
C GLY A 33 -5.29 -12.03 3.55
N GLU A 34 -6.40 -11.43 3.22
CA GLU A 34 -6.39 -10.40 2.22
C GLU A 34 -6.01 -9.07 2.89
N TYR A 35 -5.34 -8.21 2.16
CA TYR A 35 -4.86 -6.93 2.70
C TYR A 35 -5.24 -5.80 1.76
N GLU A 36 -6.17 -6.10 0.92
CA GLU A 36 -6.62 -5.25 -0.13
C GLU A 36 -8.10 -5.56 -0.28
N ILE A 37 -8.82 -4.79 -1.04
CA ILE A 37 -10.19 -5.14 -1.27
C ILE A 37 -10.26 -5.76 -2.65
N HIS A 38 -11.28 -6.53 -2.94
CA HIS A 38 -11.41 -7.22 -4.21
C HIS A 38 -11.81 -6.28 -5.35
N MET A 39 -10.86 -5.47 -5.65
CA MET A 39 -10.85 -4.44 -6.67
C MET A 39 -9.59 -4.68 -7.48
N LYS A 40 -9.06 -3.68 -8.13
CA LYS A 40 -7.82 -3.86 -8.87
C LYS A 40 -6.69 -3.20 -8.09
N ARG A 41 -5.67 -3.97 -7.77
CA ARG A 41 -4.53 -3.41 -7.09
C ARG A 41 -3.50 -3.03 -8.13
N ALA A 42 -2.93 -1.88 -8.00
CA ALA A 42 -1.90 -1.47 -8.92
C ALA A 42 -0.66 -1.22 -8.13
N GLY A 43 0.18 -2.20 -8.01
CA GLY A 43 1.35 -2.02 -7.21
C GLY A 43 2.60 -2.02 -8.02
N PHE A 44 2.89 -0.90 -8.67
CA PHE A 44 4.08 -0.83 -9.50
C PHE A 44 5.31 -0.77 -8.62
N ARG A 45 5.48 0.34 -7.95
CA ARG A 45 6.65 0.47 -7.08
C ARG A 45 6.44 -0.22 -5.75
N GLU A 46 5.18 -0.17 -5.20
CA GLU A 46 4.90 -0.77 -3.89
C GLU A 46 5.05 -2.28 -3.97
N CYS A 47 5.14 -2.80 -5.19
CA CYS A 47 5.40 -4.23 -5.43
C CYS A 47 6.62 -4.70 -4.57
N ALA A 48 7.64 -3.86 -4.49
CA ALA A 48 8.81 -4.19 -3.72
C ALA A 48 8.51 -4.14 -2.22
N ALA A 49 7.76 -3.11 -1.82
CA ALA A 49 7.38 -2.90 -0.45
C ALA A 49 6.56 -4.02 0.10
N MET A 50 5.53 -4.44 -0.64
CA MET A 50 4.59 -5.49 -0.21
C MET A 50 5.31 -6.75 0.24
N ILE A 51 6.37 -7.11 -0.49
CA ILE A 51 7.14 -8.29 -0.19
C ILE A 51 7.73 -8.19 1.22
N GLU A 52 8.29 -7.05 1.52
CA GLU A 52 8.92 -6.83 2.80
C GLU A 52 7.89 -6.51 3.89
N LYS A 53 6.80 -5.89 3.49
CA LYS A 53 5.69 -5.52 4.37
C LYS A 53 5.06 -6.70 5.02
N LYS A 54 5.15 -7.84 4.36
CA LYS A 54 4.56 -9.07 4.86
C LYS A 54 5.26 -9.51 6.15
N ALA A 55 6.47 -9.06 6.33
CA ALA A 55 7.24 -9.45 7.47
C ALA A 55 6.72 -8.76 8.72
N ARG A 56 6.76 -7.45 8.71
CA ARG A 56 6.34 -6.66 9.86
C ARG A 56 5.66 -5.38 9.39
N ARG A 57 6.46 -4.46 8.97
CA ARG A 57 6.06 -3.17 8.48
C ARG A 57 7.29 -2.60 7.87
N VAL A 58 7.21 -2.22 6.64
CA VAL A 58 8.36 -1.72 5.95
C VAL A 58 8.05 -0.47 5.19
N VAL A 59 9.03 0.40 5.12
CA VAL A 59 8.94 1.62 4.40
C VAL A 59 9.61 1.44 3.04
N HIS A 60 9.05 2.03 2.03
CA HIS A 60 9.58 1.95 0.71
C HIS A 60 9.60 3.34 0.11
N ILE A 61 10.79 3.78 -0.24
CA ILE A 61 10.95 5.07 -0.85
C ILE A 61 10.62 4.98 -2.33
N LYS A 62 10.07 6.05 -2.87
CA LYS A 62 9.65 6.11 -4.28
C LYS A 62 8.53 5.10 -4.58
N PRO A 63 7.39 5.15 -3.84
CA PRO A 63 6.27 4.26 -4.09
C PRO A 63 5.46 4.71 -5.32
N GLY A 64 4.76 3.79 -5.92
CA GLY A 64 4.01 4.07 -7.14
C GLY A 64 2.98 3.04 -7.34
N GLU A 65 2.18 2.92 -6.38
CA GLU A 65 1.08 2.04 -6.38
C GLU A 65 -0.23 2.82 -6.30
N LYS A 66 -1.29 2.09 -6.40
CA LYS A 66 -2.63 2.54 -6.28
C LYS A 66 -3.42 1.36 -5.86
N ILE A 67 -3.51 1.20 -4.60
CA ILE A 67 -4.16 0.09 -4.06
C ILE A 67 -5.65 0.33 -3.92
N LEU A 68 -6.38 -0.25 -4.88
CA LEU A 68 -7.86 -0.26 -4.97
C LEU A 68 -8.44 1.14 -5.00
N GLY A 69 -7.61 2.10 -5.29
CA GLY A 69 -8.03 3.48 -5.28
C GLY A 69 -7.86 4.04 -3.88
N ALA A 70 -8.41 3.35 -2.91
CA ALA A 70 -8.36 3.69 -1.51
C ALA A 70 -7.90 2.47 -0.74
N ARG A 71 -7.10 2.68 0.29
CA ARG A 71 -6.55 1.58 1.06
C ARG A 71 -7.60 0.87 1.92
N ILE A 72 -8.01 -0.28 1.46
CA ILE A 72 -8.95 -1.10 2.18
C ILE A 72 -8.29 -2.42 2.38
N ILE A 73 -8.02 -2.76 3.62
CA ILE A 73 -7.37 -4.00 3.95
C ILE A 73 -8.38 -5.14 3.86
N GLY A 74 -9.54 -4.88 4.40
CA GLY A 74 -10.60 -5.85 4.43
C GLY A 74 -10.62 -6.56 5.76
N ILE A 75 -9.44 -6.68 6.34
CA ILE A 75 -9.28 -7.29 7.64
C ILE A 75 -9.49 -6.21 8.66
N PRO A 76 -10.42 -6.40 9.63
CA PRO A 76 -10.66 -5.42 10.69
C PRO A 76 -9.42 -5.27 11.58
N PRO A 77 -8.69 -4.16 11.47
CA PRO A 77 -7.49 -3.93 12.21
C PRO A 77 -7.69 -2.89 13.29
N VAL A 78 -6.61 -2.35 13.75
CA VAL A 78 -6.64 -1.30 14.73
C VAL A 78 -6.53 0.01 13.93
N PRO A 79 -7.57 0.85 13.90
CA PRO A 79 -7.62 2.08 13.07
C PRO A 79 -6.74 3.24 13.58
N ILE A 80 -5.48 2.96 13.87
CA ILE A 80 -4.58 4.01 14.31
C ILE A 80 -3.58 4.25 13.19
N GLY A 81 -3.10 5.46 13.05
CA GLY A 81 -2.12 5.72 12.03
C GLY A 81 -1.72 7.14 12.01
N ILE A 82 -0.67 7.44 11.31
CA ILE A 82 -0.18 8.78 11.13
C ILE A 82 0.15 8.98 9.66
N ASP A 83 -0.84 9.28 8.86
CA ASP A 83 -0.59 9.53 7.47
C ASP A 83 -0.37 11.01 7.29
N GLU A 84 0.86 11.38 7.31
CA GLU A 84 1.27 12.76 7.20
C GLU A 84 1.07 13.29 5.82
N GLU A 85 1.76 12.70 4.90
CA GLU A 85 1.74 13.13 3.55
C GLU A 85 2.19 11.93 2.70
N ARG A 86 2.24 12.09 1.42
CA ARG A 86 2.59 11.02 0.51
C ARG A 86 4.08 11.07 0.30
N SER A 87 4.57 12.26 0.32
CA SER A 87 5.95 12.57 0.18
C SER A 87 6.64 12.61 1.53
N THR A 88 6.25 11.69 2.35
CA THR A 88 6.79 11.53 3.64
C THR A 88 6.38 10.18 4.12
N VAL A 89 6.76 9.85 5.32
CA VAL A 89 6.46 8.56 5.87
C VAL A 89 5.05 8.51 6.46
N MET A 90 4.17 7.85 5.76
CA MET A 90 2.85 7.66 6.28
C MET A 90 2.89 6.36 7.06
N ILE A 91 2.98 6.49 8.37
CA ILE A 91 3.11 5.35 9.24
C ILE A 91 1.79 4.98 9.90
N PRO A 92 1.10 3.97 9.39
CA PRO A 92 -0.12 3.50 9.98
C PRO A 92 0.17 2.57 11.15
N TYR A 93 -0.68 2.56 12.11
CA TYR A 93 -0.57 1.69 13.24
C TYR A 93 -1.76 0.79 13.23
N THR A 94 -1.83 0.07 12.16
CA THR A 94 -2.88 -0.84 11.93
C THR A 94 -2.33 -2.23 12.10
N LYS A 95 -2.87 -2.97 13.03
CA LYS A 95 -2.44 -4.33 13.24
C LYS A 95 -3.43 -5.26 12.54
N PRO A 96 -3.06 -5.77 11.36
CA PRO A 96 -3.87 -6.68 10.63
C PRO A 96 -3.33 -8.10 10.73
N CYS A 97 -3.68 -8.88 9.76
CA CYS A 97 -3.27 -10.25 9.69
C CYS A 97 -2.25 -10.42 8.55
N TYR A 98 -1.49 -9.37 8.29
CA TYR A 98 -0.51 -9.38 7.21
C TYR A 98 0.73 -8.55 7.61
N GLY A 99 0.63 -7.24 7.50
CA GLY A 99 1.74 -6.37 7.82
C GLY A 99 1.34 -4.93 7.62
N THR A 100 2.26 -4.02 7.80
CA THR A 100 1.94 -2.61 7.65
C THR A 100 2.77 -1.97 6.52
N ALA A 101 2.18 -1.00 5.84
CA ALA A 101 2.79 -0.34 4.71
C ALA A 101 3.15 1.09 5.02
N VAL A 102 4.40 1.41 4.94
CA VAL A 102 4.86 2.75 5.14
C VAL A 102 5.49 3.17 3.83
N VAL A 103 4.90 4.08 3.15
CA VAL A 103 5.45 4.50 1.88
C VAL A 103 5.90 5.95 1.98
N GLU A 104 7.01 6.27 1.34
CA GLU A 104 7.56 7.63 1.38
C GLU A 104 8.07 8.04 0.01
N LEU A 105 7.43 9.01 -0.57
CA LEU A 105 7.83 9.50 -1.87
C LEU A 105 8.78 10.68 -1.68
N PRO A 106 9.95 10.69 -2.34
CA PRO A 106 10.91 11.81 -2.24
C PRO A 106 10.63 12.88 -3.31
N VAL A 107 9.43 12.85 -3.79
CA VAL A 107 8.94 13.76 -4.80
C VAL A 107 7.73 14.41 -4.16
N ASP A 108 7.36 15.58 -4.60
CA ASP A 108 6.23 16.31 -4.03
C ASP A 108 4.91 15.58 -4.26
N PRO A 109 3.82 15.90 -3.50
CA PRO A 109 2.48 15.29 -3.65
C PRO A 109 1.86 15.53 -5.06
N GLU A 110 2.60 16.19 -5.94
CA GLU A 110 2.20 16.44 -7.31
C GLU A 110 2.00 15.12 -8.05
N GLU A 111 2.77 14.12 -7.63
CA GLU A 111 2.74 12.81 -8.26
C GLU A 111 1.40 12.12 -8.04
N ILE A 112 0.70 12.52 -6.98
CA ILE A 112 -0.60 11.96 -6.65
C ILE A 112 -1.59 12.15 -7.80
N GLU A 113 -1.41 13.22 -8.57
CA GLU A 113 -2.31 13.53 -9.69
C GLU A 113 -2.22 12.43 -10.74
N ARG A 114 -1.02 11.96 -10.97
CA ARG A 114 -0.79 10.95 -11.98
C ARG A 114 -1.24 9.64 -11.42
N ILE A 115 -0.98 9.47 -10.15
CA ILE A 115 -1.34 8.28 -9.41
C ILE A 115 -2.88 8.13 -9.33
N LEU A 116 -3.57 9.24 -9.34
CA LEU A 116 -5.02 9.30 -9.31
C LEU A 116 -5.60 8.72 -10.60
N GLU A 117 -4.88 8.93 -11.68
CA GLU A 117 -5.31 8.43 -12.99
C GLU A 117 -4.93 6.96 -13.10
N VAL A 118 -3.94 6.59 -12.35
CA VAL A 118 -3.42 5.25 -12.30
C VAL A 118 -4.14 4.47 -11.15
N ALA A 119 -5.27 5.05 -10.68
CA ALA A 119 -6.14 4.47 -9.63
C ALA A 119 -6.40 2.98 -9.82
N GLU A 120 -6.79 2.62 -11.02
CA GLU A 120 -7.01 1.25 -11.37
C GLU A 120 -6.77 1.06 -12.89
N PRO A 121 -5.55 0.69 -13.28
CA PRO A 121 -5.19 0.48 -14.67
C PRO A 121 -5.27 -0.99 -15.08
N HIS A 20 8.75 -6.38 -8.86
CA HIS A 20 8.32 -7.46 -9.75
C HIS A 20 6.83 -7.38 -10.08
N MET A 21 6.12 -6.42 -9.49
CA MET A 21 4.66 -6.26 -9.65
C MET A 21 3.94 -7.39 -8.95
N THR A 22 3.25 -7.07 -7.92
CA THR A 22 2.59 -8.05 -7.14
C THR A 22 1.07 -7.91 -7.23
N PHE A 23 0.42 -9.00 -7.55
CA PHE A 23 -1.02 -9.05 -7.63
C PHE A 23 -1.49 -10.22 -6.82
N CYS A 24 -0.63 -10.63 -5.92
CA CYS A 24 -0.86 -11.74 -5.05
C CYS A 24 -1.55 -11.23 -3.80
N LEU A 25 -2.86 -11.18 -3.86
CA LEU A 25 -3.63 -10.67 -2.77
C LEU A 25 -3.91 -11.70 -1.71
N GLU A 26 -4.27 -12.89 -2.11
CA GLU A 26 -4.57 -13.96 -1.17
C GLU A 26 -3.27 -14.44 -0.45
N THR A 27 -2.20 -13.90 -0.88
CA THR A 27 -0.92 -14.14 -0.35
C THR A 27 -0.80 -13.38 0.97
N TYR A 28 -1.64 -12.33 1.18
CA TYR A 28 -1.63 -11.60 2.45
C TYR A 28 -2.06 -12.56 3.53
N LEU A 29 -2.94 -13.44 3.11
CA LEU A 29 -3.51 -14.46 3.92
C LEU A 29 -2.48 -15.54 4.23
N GLN A 30 -1.62 -15.81 3.27
CA GLN A 30 -0.56 -16.78 3.43
C GLN A 30 0.56 -16.19 4.27
N GLN A 31 0.70 -14.87 4.22
CA GLN A 31 1.70 -14.20 5.03
C GLN A 31 1.16 -14.00 6.44
N SER A 32 -0.16 -14.17 6.58
CA SER A 32 -0.88 -14.10 7.83
C SER A 32 -0.97 -12.66 8.34
N GLY A 33 -1.07 -11.76 7.41
CA GLY A 33 -1.17 -10.40 7.74
C GLY A 33 -2.18 -9.71 6.87
N GLU A 34 -3.42 -9.69 7.33
CA GLU A 34 -4.47 -9.04 6.62
C GLU A 34 -4.17 -7.54 6.44
N TYR A 35 -4.21 -7.15 5.20
CA TYR A 35 -3.90 -5.80 4.78
C TYR A 35 -4.75 -5.46 3.56
N GLU A 36 -5.70 -6.34 3.28
CA GLU A 36 -6.52 -6.20 2.11
C GLU A 36 -7.91 -6.73 2.37
N ILE A 37 -8.76 -6.64 1.35
CA ILE A 37 -10.11 -7.16 1.49
C ILE A 37 -10.32 -8.45 0.64
N HIS A 38 -9.18 -9.07 0.26
CA HIS A 38 -9.18 -10.36 -0.51
C HIS A 38 -9.95 -10.18 -1.83
N MET A 39 -9.79 -9.01 -2.39
CA MET A 39 -10.42 -8.65 -3.62
C MET A 39 -9.45 -8.81 -4.78
N LYS A 40 -8.82 -7.75 -5.16
CA LYS A 40 -7.82 -7.74 -6.20
C LYS A 40 -6.87 -6.60 -5.92
N ARG A 41 -5.61 -6.87 -5.86
CA ARG A 41 -4.65 -5.85 -5.54
C ARG A 41 -3.77 -5.59 -6.76
N ALA A 42 -3.22 -4.41 -6.86
CA ALA A 42 -2.33 -4.06 -7.95
C ALA A 42 -1.09 -3.33 -7.42
N GLY A 43 -0.07 -4.07 -7.07
CA GLY A 43 1.13 -3.49 -6.52
C GLY A 43 2.27 -3.49 -7.46
N PHE A 44 2.30 -2.52 -8.34
CA PHE A 44 3.31 -2.44 -9.35
C PHE A 44 4.65 -2.06 -8.76
N ARG A 45 4.77 -0.84 -8.32
CA ARG A 45 6.03 -0.39 -7.79
C ARG A 45 6.15 -0.69 -6.31
N GLU A 46 5.03 -0.71 -5.62
CA GLU A 46 5.02 -0.98 -4.18
C GLU A 46 5.24 -2.43 -3.85
N CYS A 47 5.32 -3.27 -4.88
CA CYS A 47 5.61 -4.69 -4.70
C CYS A 47 6.91 -4.87 -3.86
N ALA A 48 7.88 -3.99 -4.08
CA ALA A 48 9.13 -4.03 -3.34
C ALA A 48 8.92 -3.54 -1.91
N ALA A 49 8.13 -2.48 -1.78
CA ALA A 49 7.80 -1.90 -0.50
C ALA A 49 7.11 -2.91 0.38
N MET A 50 6.04 -3.53 -0.15
CA MET A 50 5.22 -4.50 0.63
C MET A 50 6.06 -5.57 1.29
N ILE A 51 7.09 -6.03 0.58
CA ILE A 51 7.95 -7.10 1.06
C ILE A 51 8.58 -6.72 2.39
N GLU A 52 9.14 -5.55 2.45
CA GLU A 52 9.81 -5.13 3.65
C GLU A 52 8.82 -4.56 4.68
N LYS A 53 7.70 -4.03 4.19
CA LYS A 53 6.62 -3.50 5.01
C LYS A 53 6.05 -4.53 5.95
N LYS A 54 6.25 -5.80 5.62
CA LYS A 54 5.78 -6.92 6.44
C LYS A 54 6.36 -6.85 7.88
N ALA A 55 7.49 -6.17 8.02
CA ALA A 55 8.12 -6.04 9.31
C ALA A 55 7.28 -5.11 10.20
N ARG A 56 7.15 -3.87 9.78
CA ARG A 56 6.30 -2.88 10.46
C ARG A 56 6.06 -1.66 9.62
N ARG A 57 7.09 -0.97 9.24
CA ARG A 57 6.93 0.18 8.40
C ARG A 57 8.20 0.43 7.62
N VAL A 58 8.12 0.41 6.31
CA VAL A 58 9.28 0.64 5.47
C VAL A 58 8.99 1.71 4.46
N VAL A 59 10.01 2.49 4.14
CA VAL A 59 9.90 3.55 3.18
C VAL A 59 10.40 3.07 1.84
N HIS A 60 9.69 3.44 0.79
CA HIS A 60 10.06 3.04 -0.51
C HIS A 60 9.82 4.22 -1.43
N ILE A 61 10.80 4.55 -2.20
CA ILE A 61 10.68 5.62 -3.15
C ILE A 61 10.17 5.03 -4.45
N LYS A 62 9.34 5.77 -5.16
CA LYS A 62 8.72 5.32 -6.40
C LYS A 62 7.72 4.19 -6.13
N PRO A 63 6.64 4.45 -5.35
CA PRO A 63 5.59 3.46 -5.10
C PRO A 63 4.59 3.40 -6.25
N GLY A 64 3.67 2.44 -6.18
CA GLY A 64 2.68 2.32 -7.20
C GLY A 64 1.77 1.14 -6.98
N GLU A 65 1.15 1.08 -5.83
CA GLU A 65 0.20 0.03 -5.52
C GLU A 65 -1.16 0.61 -5.17
N LYS A 66 -2.16 -0.05 -5.69
CA LYS A 66 -3.52 0.27 -5.45
C LYS A 66 -4.16 -1.00 -4.99
N ILE A 67 -4.53 -1.05 -3.76
CA ILE A 67 -5.09 -2.25 -3.24
C ILE A 67 -6.59 -2.21 -3.16
N LEU A 68 -7.19 -3.17 -3.85
CA LEU A 68 -8.65 -3.44 -3.91
C LEU A 68 -9.48 -2.24 -4.33
N GLY A 69 -8.86 -1.24 -4.90
CA GLY A 69 -9.59 -0.05 -5.27
C GLY A 69 -9.73 0.89 -4.09
N ALA A 70 -10.07 0.33 -2.96
CA ALA A 70 -10.23 1.02 -1.72
C ALA A 70 -9.36 0.34 -0.71
N ARG A 71 -8.50 1.10 -0.09
CA ARG A 71 -7.57 0.58 0.90
C ARG A 71 -8.31 0.11 2.15
N ILE A 72 -8.53 -1.19 2.24
CA ILE A 72 -9.17 -1.78 3.37
C ILE A 72 -8.22 -2.80 3.95
N ILE A 73 -7.89 -2.67 5.20
CA ILE A 73 -6.97 -3.55 5.87
C ILE A 73 -7.71 -4.80 6.32
N GLY A 74 -8.93 -4.58 6.77
CA GLY A 74 -9.75 -5.65 7.28
C GLY A 74 -9.66 -5.71 8.79
N ILE A 75 -8.75 -4.93 9.33
CA ILE A 75 -8.48 -4.83 10.75
C ILE A 75 -8.35 -3.36 11.08
N PRO A 76 -9.03 -2.90 12.15
CA PRO A 76 -8.97 -1.50 12.60
C PRO A 76 -7.53 -1.04 12.86
N PRO A 77 -7.00 -0.17 12.01
CA PRO A 77 -5.66 0.34 12.17
C PRO A 77 -5.66 1.57 13.06
N VAL A 78 -4.51 1.89 13.57
CA VAL A 78 -4.33 3.07 14.40
C VAL A 78 -4.65 4.36 13.58
N PRO A 79 -5.37 5.36 14.22
CA PRO A 79 -5.84 6.69 13.64
C PRO A 79 -4.85 7.55 12.78
N ILE A 80 -3.98 6.92 12.03
CA ILE A 80 -3.05 7.47 11.11
C ILE A 80 -1.99 8.28 11.78
N GLY A 81 -1.21 8.94 11.00
CA GLY A 81 -0.17 9.68 11.56
C GLY A 81 0.05 10.96 10.82
N ILE A 82 1.17 11.05 10.18
CA ILE A 82 1.54 12.22 9.43
C ILE A 82 1.50 11.88 7.95
N ASP A 83 0.73 12.61 7.20
CA ASP A 83 0.66 12.37 5.78
C ASP A 83 0.83 13.68 5.07
N GLU A 84 1.78 13.74 4.17
CA GLU A 84 2.05 14.97 3.48
C GLU A 84 1.42 14.96 2.10
N GLU A 85 1.87 14.06 1.28
CA GLU A 85 1.36 13.91 -0.07
C GLU A 85 1.86 12.56 -0.58
N ARG A 86 1.32 12.12 -1.70
CA ARG A 86 1.68 10.84 -2.30
C ARG A 86 3.09 10.97 -2.87
N SER A 87 3.40 12.15 -3.30
CA SER A 87 4.67 12.48 -3.87
C SER A 87 5.63 13.01 -2.81
N THR A 88 5.46 12.54 -1.64
CA THR A 88 6.22 12.94 -0.50
C THR A 88 6.13 11.80 0.52
N VAL A 89 7.04 11.75 1.45
CA VAL A 89 7.00 10.75 2.49
C VAL A 89 5.86 11.02 3.44
N MET A 90 5.28 9.98 3.92
CA MET A 90 4.23 10.06 4.87
C MET A 90 4.54 9.04 5.92
N ILE A 91 4.32 9.38 7.15
CA ILE A 91 4.57 8.47 8.23
C ILE A 91 3.26 8.27 8.93
N PRO A 92 2.39 7.42 8.38
CA PRO A 92 1.11 7.21 8.93
C PRO A 92 1.20 6.24 10.05
N TYR A 93 0.60 6.56 11.15
CA TYR A 93 0.60 5.67 12.22
C TYR A 93 -0.61 4.82 12.14
N THR A 94 -0.70 4.15 11.04
CA THR A 94 -1.73 3.26 10.81
C THR A 94 -1.13 1.90 10.99
N LYS A 95 -1.37 1.30 12.09
CA LYS A 95 -0.79 0.01 12.35
C LYS A 95 -1.77 -1.07 11.95
N PRO A 96 -1.52 -1.76 10.84
CA PRO A 96 -2.37 -2.81 10.36
C PRO A 96 -1.86 -4.17 10.85
N CYS A 97 -2.37 -5.23 10.28
CA CYS A 97 -1.94 -6.57 10.67
C CYS A 97 -0.83 -7.04 9.71
N TYR A 98 -0.25 -6.10 8.97
CA TYR A 98 0.78 -6.45 8.01
C TYR A 98 1.95 -5.47 8.08
N GLY A 99 1.70 -4.21 7.78
CA GLY A 99 2.75 -3.23 7.86
C GLY A 99 2.37 -1.95 7.17
N THR A 100 2.88 -0.86 7.68
CA THR A 100 2.59 0.46 7.22
C THR A 100 3.52 0.78 6.05
N ALA A 101 3.16 1.73 5.21
CA ALA A 101 3.95 2.05 4.06
C ALA A 101 4.37 3.51 4.07
N VAL A 102 5.64 3.75 4.07
CA VAL A 102 6.12 5.11 3.96
C VAL A 102 6.58 5.24 2.53
N VAL A 103 5.67 5.54 1.69
CA VAL A 103 5.95 5.57 0.30
C VAL A 103 5.98 6.97 -0.28
N GLU A 104 7.09 7.31 -0.91
CA GLU A 104 7.29 8.62 -1.47
C GLU A 104 7.49 8.52 -2.97
N LEU A 105 6.64 9.16 -3.71
CA LEU A 105 6.75 9.14 -5.14
C LEU A 105 7.50 10.40 -5.60
N PRO A 106 8.52 10.27 -6.47
CA PRO A 106 9.26 11.43 -6.99
C PRO A 106 8.50 12.07 -8.16
N VAL A 107 7.43 11.45 -8.54
CA VAL A 107 6.57 11.92 -9.59
C VAL A 107 5.44 12.66 -8.91
N ASP A 108 4.72 13.47 -9.62
CA ASP A 108 3.61 14.24 -9.05
C ASP A 108 2.41 13.34 -8.75
N PRO A 109 1.44 13.81 -7.91
CA PRO A 109 0.20 13.06 -7.58
C PRO A 109 -0.70 12.81 -8.83
N GLU A 110 -0.21 13.18 -10.00
CA GLU A 110 -0.88 12.96 -11.26
C GLU A 110 -0.94 11.46 -11.54
N GLU A 111 0.02 10.73 -10.98
CA GLU A 111 0.10 9.30 -11.14
C GLU A 111 -1.07 8.63 -10.52
N ILE A 112 -1.62 9.25 -9.48
CA ILE A 112 -2.74 8.67 -8.76
C ILE A 112 -3.94 8.60 -9.69
N GLU A 113 -4.00 9.49 -10.65
CA GLU A 113 -5.08 9.50 -11.63
C GLU A 113 -4.98 8.27 -12.51
N ARG A 114 -3.79 8.01 -13.00
CA ARG A 114 -3.52 6.84 -13.82
C ARG A 114 -3.68 5.57 -12.98
N ILE A 115 -3.37 5.68 -11.71
CA ILE A 115 -3.46 4.56 -10.79
C ILE A 115 -4.91 4.46 -10.21
N LEU A 116 -5.75 5.43 -10.54
CA LEU A 116 -7.16 5.42 -10.13
C LEU A 116 -7.91 4.54 -11.09
N GLU A 117 -7.44 4.57 -12.31
CA GLU A 117 -7.95 3.77 -13.39
C GLU A 117 -7.57 2.32 -13.13
N VAL A 118 -6.44 2.18 -12.50
CA VAL A 118 -5.84 0.91 -12.19
C VAL A 118 -5.96 0.63 -10.66
N ALA A 119 -7.00 1.20 -10.05
CA ALA A 119 -7.25 1.04 -8.63
C ALA A 119 -7.46 -0.42 -8.24
N GLU A 120 -8.00 -1.18 -9.16
CA GLU A 120 -8.31 -2.58 -8.92
C GLU A 120 -8.39 -3.39 -10.23
N PRO A 121 -9.28 -3.03 -11.18
CA PRO A 121 -9.43 -3.82 -12.39
C PRO A 121 -8.29 -3.64 -13.38
N HIS A 20 10.11 -3.24 -9.15
CA HIS A 20 8.96 -4.12 -9.14
C HIS A 20 7.76 -3.38 -9.67
N MET A 21 6.67 -4.11 -9.85
CA MET A 21 5.39 -3.60 -10.29
C MET A 21 4.37 -4.72 -10.26
N THR A 22 3.29 -4.48 -9.60
CA THR A 22 2.27 -5.46 -9.55
C THR A 22 0.96 -4.90 -10.03
N PHE A 23 0.32 -5.66 -10.86
CA PHE A 23 -0.97 -5.33 -11.41
C PHE A 23 -1.87 -6.56 -11.26
N CYS A 24 -1.56 -7.37 -10.28
CA CYS A 24 -2.31 -8.56 -9.97
C CYS A 24 -2.70 -8.53 -8.50
N LEU A 25 -3.96 -8.16 -8.20
CA LEU A 25 -4.38 -8.04 -6.81
C LEU A 25 -4.84 -9.36 -6.20
N GLU A 26 -5.65 -10.07 -6.95
CA GLU A 26 -6.24 -11.29 -6.49
C GLU A 26 -5.22 -12.41 -6.44
N THR A 27 -4.10 -12.16 -7.04
CA THR A 27 -3.02 -13.06 -7.05
C THR A 27 -2.36 -13.08 -5.66
N TYR A 28 -2.49 -11.96 -4.92
CA TYR A 28 -1.97 -11.88 -3.57
C TYR A 28 -2.81 -12.70 -2.66
N LEU A 29 -4.10 -12.76 -2.97
CA LEU A 29 -5.04 -13.56 -2.21
C LEU A 29 -4.64 -15.02 -2.35
N GLN A 30 -4.26 -15.40 -3.58
CA GLN A 30 -3.85 -16.75 -3.88
C GLN A 30 -2.54 -17.07 -3.19
N GLN A 31 -1.76 -16.03 -2.96
CA GLN A 31 -0.51 -16.18 -2.28
C GLN A 31 -0.73 -16.31 -0.77
N SER A 32 -1.57 -15.45 -0.21
CA SER A 32 -1.83 -15.45 1.21
C SER A 32 -3.15 -14.77 1.54
N GLY A 33 -3.22 -13.49 1.32
CA GLY A 33 -4.40 -12.75 1.64
C GLY A 33 -4.54 -11.55 0.77
N GLU A 34 -5.64 -10.89 0.91
CA GLU A 34 -5.97 -9.74 0.11
C GLU A 34 -5.44 -8.46 0.80
N TYR A 35 -5.03 -7.50 0.00
CA TYR A 35 -4.47 -6.22 0.45
C TYR A 35 -5.04 -5.13 -0.47
N GLU A 36 -6.16 -5.49 -1.09
CA GLU A 36 -6.80 -4.67 -2.06
C GLU A 36 -8.35 -4.76 -1.89
N ILE A 37 -9.11 -3.99 -2.68
CA ILE A 37 -10.55 -4.04 -2.58
C ILE A 37 -11.11 -4.71 -3.84
N HIS A 38 -10.18 -5.21 -4.65
CA HIS A 38 -10.41 -5.89 -5.92
C HIS A 38 -10.78 -4.85 -6.94
N MET A 39 -9.78 -4.13 -7.34
CA MET A 39 -9.92 -3.06 -8.26
C MET A 39 -8.55 -2.91 -8.89
N LYS A 40 -8.41 -1.98 -9.80
CA LYS A 40 -7.16 -1.77 -10.52
C LYS A 40 -6.06 -1.40 -9.54
N ARG A 41 -5.17 -2.28 -9.40
CA ARG A 41 -4.06 -2.14 -8.55
C ARG A 41 -2.82 -1.86 -9.39
N ALA A 42 -2.23 -0.75 -9.17
CA ALA A 42 -1.04 -0.41 -9.86
C ALA A 42 0.02 -0.20 -8.83
N GLY A 43 0.67 -1.24 -8.45
CA GLY A 43 1.63 -1.13 -7.41
C GLY A 43 3.00 -1.10 -7.96
N PHE A 44 3.43 0.05 -8.41
CA PHE A 44 4.74 0.16 -9.01
C PHE A 44 5.82 -0.01 -7.95
N ARG A 45 6.09 1.01 -7.19
CA ARG A 45 7.15 0.90 -6.22
C ARG A 45 6.70 0.26 -4.92
N GLU A 46 5.40 0.26 -4.64
CA GLU A 46 4.97 -0.31 -3.39
C GLU A 46 4.88 -1.83 -3.55
N CYS A 47 4.99 -2.30 -4.81
CA CYS A 47 5.00 -3.75 -5.08
C CYS A 47 6.04 -4.49 -4.22
N ALA A 48 7.19 -3.86 -4.02
CA ALA A 48 8.24 -4.46 -3.23
C ALA A 48 7.84 -4.50 -1.76
N ALA A 49 7.29 -3.39 -1.30
CA ALA A 49 6.86 -3.20 0.05
C ALA A 49 5.82 -4.21 0.48
N MET A 50 4.77 -4.32 -0.31
CA MET A 50 3.63 -5.21 -0.02
C MET A 50 4.05 -6.64 0.22
N ILE A 51 5.04 -7.11 -0.55
CA ILE A 51 5.55 -8.46 -0.41
C ILE A 51 6.07 -8.67 1.01
N GLU A 52 6.80 -7.70 1.49
CA GLU A 52 7.40 -7.76 2.78
C GLU A 52 6.40 -7.44 3.88
N LYS A 53 5.45 -6.56 3.58
CA LYS A 53 4.38 -6.17 4.53
C LYS A 53 3.59 -7.36 4.97
N LYS A 54 3.52 -8.36 4.09
CA LYS A 54 2.80 -9.59 4.36
C LYS A 54 3.45 -10.38 5.53
N ALA A 55 4.65 -9.99 5.92
CA ALA A 55 5.31 -10.63 7.03
C ALA A 55 4.68 -10.13 8.32
N ARG A 56 4.87 -8.86 8.59
CA ARG A 56 4.33 -8.24 9.80
C ARG A 56 3.87 -6.83 9.48
N ARG A 57 4.82 -5.97 9.34
CA ARG A 57 4.61 -4.59 9.02
C ARG A 57 5.89 -4.13 8.39
N VAL A 58 5.83 -3.53 7.24
CA VAL A 58 7.05 -3.12 6.56
C VAL A 58 6.88 -1.77 5.91
N VAL A 59 7.93 -1.00 5.98
CA VAL A 59 7.98 0.29 5.37
C VAL A 59 8.88 0.20 4.14
N HIS A 60 8.57 0.95 3.13
CA HIS A 60 9.37 0.99 1.94
C HIS A 60 9.50 2.44 1.60
N ILE A 61 10.69 2.85 1.28
CA ILE A 61 10.92 4.21 0.95
C ILE A 61 10.74 4.37 -0.56
N LYS A 62 10.21 5.51 -0.95
CA LYS A 62 9.88 5.81 -2.34
C LYS A 62 8.74 4.91 -2.85
N PRO A 63 7.52 5.01 -2.28
CA PRO A 63 6.42 4.22 -2.77
C PRO A 63 5.90 4.79 -4.10
N GLY A 64 5.01 4.10 -4.72
CA GLY A 64 4.51 4.55 -5.97
C GLY A 64 3.44 3.66 -6.41
N GLU A 65 2.49 3.48 -5.58
CA GLU A 65 1.40 2.64 -5.88
C GLU A 65 0.10 3.41 -6.04
N LYS A 66 -0.79 2.79 -6.72
CA LYS A 66 -2.11 3.24 -6.97
C LYS A 66 -2.98 2.04 -6.98
N ILE A 67 -3.17 1.54 -5.82
CA ILE A 67 -3.93 0.36 -5.61
C ILE A 67 -5.35 0.77 -5.36
N LEU A 68 -6.23 0.51 -6.34
CA LEU A 68 -7.69 0.78 -6.28
C LEU A 68 -7.93 2.29 -6.19
N GLY A 69 -6.92 3.04 -6.54
CA GLY A 69 -6.98 4.48 -6.43
C GLY A 69 -6.54 4.89 -5.03
N ALA A 70 -7.20 4.31 -4.05
CA ALA A 70 -6.93 4.50 -2.65
C ALA A 70 -6.70 3.13 -2.08
N ARG A 71 -5.50 2.91 -1.57
CA ARG A 71 -5.07 1.63 -1.05
C ARG A 71 -5.88 1.18 0.19
N ILE A 72 -6.76 0.25 -0.05
CA ILE A 72 -7.61 -0.36 0.96
C ILE A 72 -7.18 -1.81 1.03
N ILE A 73 -7.01 -2.36 2.23
CA ILE A 73 -6.56 -3.73 2.40
C ILE A 73 -7.69 -4.70 2.07
N GLY A 74 -8.90 -4.31 2.42
CA GLY A 74 -10.05 -5.14 2.12
C GLY A 74 -10.29 -6.14 3.21
N ILE A 75 -9.27 -6.40 3.97
CA ILE A 75 -9.32 -7.28 5.08
C ILE A 75 -9.42 -6.43 6.31
N PRO A 76 -10.51 -6.58 7.11
CA PRO A 76 -10.71 -5.82 8.34
C PRO A 76 -9.57 -6.04 9.32
N PRO A 77 -8.77 -5.02 9.59
CA PRO A 77 -7.70 -5.10 10.52
C PRO A 77 -8.08 -4.46 11.84
N VAL A 78 -7.14 -4.42 12.75
CA VAL A 78 -7.35 -3.74 14.00
C VAL A 78 -7.47 -2.26 13.68
N PRO A 79 -8.58 -1.62 14.02
CA PRO A 79 -8.87 -0.24 13.61
C PRO A 79 -8.11 0.83 14.40
N ILE A 80 -6.79 0.76 14.42
CA ILE A 80 -5.98 1.77 15.08
C ILE A 80 -4.95 2.22 14.06
N GLY A 81 -4.53 3.46 14.10
CA GLY A 81 -3.51 3.86 13.17
C GLY A 81 -3.52 5.32 12.89
N ILE A 82 -2.35 5.85 12.64
CA ILE A 82 -2.18 7.25 12.36
C ILE A 82 -1.39 7.46 11.09
N ASP A 83 -1.62 8.57 10.44
CA ASP A 83 -0.90 8.94 9.24
C ASP A 83 -0.29 10.30 9.48
N GLU A 84 1.02 10.38 9.49
CA GLU A 84 1.70 11.63 9.78
C GLU A 84 1.75 12.53 8.58
N GLU A 85 2.57 12.15 7.66
CA GLU A 85 2.79 12.92 6.46
C GLU A 85 3.09 11.90 5.41
N ARG A 86 3.06 12.28 4.17
CA ARG A 86 3.32 11.33 3.11
C ARG A 86 4.80 11.16 2.90
N SER A 87 5.49 12.23 3.07
CA SER A 87 6.91 12.27 2.95
C SER A 87 7.61 11.96 4.30
N THR A 88 6.92 11.15 5.04
CA THR A 88 7.29 10.68 6.34
C THR A 88 6.52 9.34 6.45
N VAL A 89 6.78 8.55 7.44
CA VAL A 89 6.09 7.30 7.58
C VAL A 89 4.71 7.51 8.17
N MET A 90 3.90 6.53 7.97
CA MET A 90 2.58 6.48 8.51
C MET A 90 2.60 5.28 9.41
N ILE A 91 2.14 5.41 10.61
CA ILE A 91 2.19 4.29 11.51
C ILE A 91 0.78 3.83 11.84
N PRO A 92 0.23 2.93 11.05
CA PRO A 92 -1.04 2.39 11.31
C PRO A 92 -0.91 1.13 12.18
N TYR A 93 -1.84 0.94 13.04
CA TYR A 93 -1.85 -0.22 13.87
C TYR A 93 -3.01 -1.05 13.43
N THR A 94 -3.07 -1.18 12.14
CA THR A 94 -4.02 -1.96 11.50
C THR A 94 -3.39 -3.30 11.29
N LYS A 95 -3.82 -4.22 12.07
CA LYS A 95 -3.27 -5.55 12.03
C LYS A 95 -4.27 -6.47 11.35
N PRO A 96 -4.12 -6.73 10.04
CA PRO A 96 -5.00 -7.60 9.29
C PRO A 96 -4.40 -9.00 9.14
N CYS A 97 -4.93 -9.77 8.22
CA CYS A 97 -4.42 -11.11 7.97
C CYS A 97 -3.30 -11.06 6.92
N TYR A 98 -3.08 -9.89 6.35
CA TYR A 98 -2.03 -9.72 5.37
C TYR A 98 -0.78 -9.16 6.07
N GLY A 99 -0.84 -7.89 6.41
CA GLY A 99 0.25 -7.24 7.10
C GLY A 99 -0.02 -5.76 7.17
N THR A 100 0.79 -5.05 7.90
CA THR A 100 0.63 -3.62 8.07
C THR A 100 1.50 -2.89 7.05
N ALA A 101 0.97 -1.81 6.52
CA ALA A 101 1.63 -1.09 5.50
C ALA A 101 2.13 0.24 5.98
N VAL A 102 3.40 0.48 5.80
CA VAL A 102 4.02 1.73 6.12
C VAL A 102 4.73 2.21 4.85
N VAL A 103 4.43 3.39 4.39
CA VAL A 103 5.08 3.92 3.19
C VAL A 103 5.66 5.27 3.52
N GLU A 104 6.87 5.54 3.06
CA GLU A 104 7.50 6.80 3.28
C GLU A 104 8.12 7.28 2.00
N LEU A 105 7.73 8.43 1.58
CA LEU A 105 8.22 8.98 0.38
C LEU A 105 9.27 10.06 0.73
N PRO A 106 10.47 10.02 0.16
CA PRO A 106 11.48 11.05 0.42
C PRO A 106 11.26 12.26 -0.48
N VAL A 107 10.23 12.16 -1.26
CA VAL A 107 9.81 13.18 -2.18
C VAL A 107 8.61 13.85 -1.53
N ASP A 108 8.31 15.05 -1.93
CA ASP A 108 7.14 15.77 -1.41
C ASP A 108 5.86 15.02 -1.75
N PRO A 109 4.81 15.16 -0.91
CA PRO A 109 3.51 14.48 -1.09
C PRO A 109 2.88 14.77 -2.45
N GLU A 110 3.30 15.89 -3.05
CA GLU A 110 2.81 16.33 -4.34
C GLU A 110 3.07 15.29 -5.43
N GLU A 111 4.05 14.41 -5.21
CA GLU A 111 4.39 13.40 -6.21
C GLU A 111 3.26 12.42 -6.28
N ILE A 112 2.78 12.03 -5.13
CA ILE A 112 1.73 11.06 -5.06
C ILE A 112 0.39 11.62 -5.55
N GLU A 113 0.22 12.94 -5.42
CA GLU A 113 -1.00 13.57 -5.94
C GLU A 113 -0.96 13.51 -7.48
N ARG A 114 0.25 13.70 -8.00
CA ARG A 114 0.50 13.62 -9.42
C ARG A 114 0.33 12.15 -9.86
N ILE A 115 0.73 11.24 -9.00
CA ILE A 115 0.58 9.82 -9.24
C ILE A 115 -0.92 9.40 -9.10
N LEU A 116 -1.71 10.25 -8.46
CA LEU A 116 -3.15 10.02 -8.30
C LEU A 116 -3.84 10.32 -9.63
N GLU A 117 -3.18 11.09 -10.44
CA GLU A 117 -3.66 11.42 -11.76
C GLU A 117 -3.39 10.22 -12.67
N VAL A 118 -2.37 9.49 -12.27
CA VAL A 118 -1.88 8.30 -12.94
C VAL A 118 -2.48 7.04 -12.21
N ALA A 119 -3.50 7.31 -11.39
CA ALA A 119 -4.17 6.29 -10.55
C ALA A 119 -4.62 5.06 -11.28
N GLU A 120 -5.34 5.25 -12.34
CA GLU A 120 -5.86 4.13 -13.06
C GLU A 120 -5.10 3.80 -14.34
N PRO A 121 -4.86 4.79 -15.24
CA PRO A 121 -4.18 4.51 -16.46
C PRO A 121 -2.66 4.47 -16.30
N HIS A 20 9.07 -6.40 -10.23
CA HIS A 20 8.10 -6.68 -9.17
C HIS A 20 6.84 -5.89 -9.44
N MET A 21 5.76 -6.57 -9.78
CA MET A 21 4.48 -5.96 -10.01
C MET A 21 3.43 -6.89 -9.40
N THR A 22 2.55 -6.37 -8.60
CA THR A 22 1.53 -7.18 -7.98
C THR A 22 0.12 -6.72 -8.32
N PHE A 23 -0.61 -7.58 -8.99
CA PHE A 23 -1.99 -7.31 -9.35
C PHE A 23 -2.87 -8.44 -8.86
N CYS A 24 -2.28 -9.39 -8.19
CA CYS A 24 -2.99 -10.52 -7.67
C CYS A 24 -3.56 -10.18 -6.31
N LEU A 25 -4.79 -9.70 -6.30
CA LEU A 25 -5.44 -9.29 -5.08
C LEU A 25 -6.14 -10.42 -4.33
N GLU A 26 -6.69 -11.35 -5.07
CA GLU A 26 -7.44 -12.43 -4.47
C GLU A 26 -6.51 -13.52 -3.95
N THR A 27 -5.31 -13.47 -4.44
CA THR A 27 -4.28 -14.38 -4.04
C THR A 27 -3.87 -14.10 -2.59
N TYR A 28 -4.13 -12.89 -2.13
CA TYR A 28 -3.77 -12.52 -0.80
C TYR A 28 -4.72 -13.05 0.24
N LEU A 29 -5.92 -13.41 -0.19
CA LEU A 29 -6.88 -14.01 0.72
C LEU A 29 -6.38 -15.42 0.98
N GLN A 30 -5.85 -16.01 -0.09
CA GLN A 30 -5.35 -17.37 -0.07
C GLN A 30 -4.12 -17.45 0.81
N GLN A 31 -3.39 -16.35 0.85
CA GLN A 31 -2.18 -16.29 1.62
C GLN A 31 -2.42 -15.72 3.01
N SER A 32 -3.65 -15.28 3.26
CA SER A 32 -4.05 -14.70 4.52
C SER A 32 -3.20 -13.45 4.82
N GLY A 33 -3.02 -12.65 3.81
CA GLY A 33 -2.25 -11.45 3.92
C GLY A 33 -2.82 -10.38 3.05
N GLU A 34 -4.11 -10.17 3.20
CA GLU A 34 -4.86 -9.17 2.46
C GLU A 34 -4.27 -7.77 2.70
N TYR A 35 -4.19 -7.01 1.66
CA TYR A 35 -3.62 -5.67 1.70
C TYR A 35 -4.43 -4.79 0.75
N GLU A 36 -5.62 -5.25 0.49
CA GLU A 36 -6.53 -4.60 -0.41
C GLU A 36 -7.92 -4.95 -0.07
N ILE A 37 -8.89 -4.42 -0.81
CA ILE A 37 -10.21 -4.77 -0.52
C ILE A 37 -10.82 -5.73 -1.58
N HIS A 38 -9.93 -6.52 -2.19
CA HIS A 38 -10.29 -7.54 -3.24
C HIS A 38 -10.90 -6.95 -4.47
N MET A 39 -10.70 -5.69 -4.63
CA MET A 39 -11.17 -4.99 -5.77
C MET A 39 -10.16 -5.07 -6.93
N LYS A 40 -9.53 -4.00 -7.27
CA LYS A 40 -8.54 -4.03 -8.32
C LYS A 40 -7.28 -3.37 -7.78
N ARG A 41 -6.21 -4.12 -7.67
CA ARG A 41 -4.99 -3.58 -7.08
C ARG A 41 -3.91 -3.40 -8.16
N ALA A 42 -2.89 -2.60 -7.88
CA ALA A 42 -1.80 -2.37 -8.85
C ALA A 42 -0.47 -1.92 -8.20
N GLY A 43 0.35 -2.88 -7.80
CA GLY A 43 1.59 -2.57 -7.11
C GLY A 43 2.82 -2.71 -7.94
N PHE A 44 3.10 -1.70 -8.72
CA PHE A 44 4.25 -1.70 -9.62
C PHE A 44 5.54 -1.43 -8.86
N ARG A 45 5.48 -0.55 -7.93
CA ARG A 45 6.67 -0.19 -7.20
C ARG A 45 6.63 -0.73 -5.80
N GLU A 46 5.47 -0.65 -5.21
CA GLU A 46 5.31 -1.05 -3.85
C GLU A 46 5.19 -2.58 -3.71
N CYS A 47 5.25 -3.31 -4.85
CA CYS A 47 5.25 -4.76 -4.83
C CYS A 47 6.34 -5.27 -3.87
N ALA A 48 7.54 -4.70 -4.00
CA ALA A 48 8.67 -5.12 -3.18
C ALA A 48 8.45 -4.71 -1.74
N ALA A 49 7.90 -3.53 -1.57
CA ALA A 49 7.62 -2.96 -0.29
C ALA A 49 6.72 -3.81 0.55
N MET A 50 5.66 -4.32 -0.05
CA MET A 50 4.70 -5.12 0.70
C MET A 50 5.32 -6.40 1.23
N ILE A 51 6.23 -6.94 0.46
CA ILE A 51 6.94 -8.15 0.84
C ILE A 51 7.75 -7.87 2.10
N GLU A 52 8.32 -6.70 2.17
CA GLU A 52 9.14 -6.30 3.27
C GLU A 52 8.24 -5.92 4.47
N LYS A 53 7.12 -5.27 4.17
CA LYS A 53 6.16 -4.82 5.19
C LYS A 53 5.53 -5.97 5.93
N LYS A 54 5.61 -7.14 5.31
CA LYS A 54 5.10 -8.36 5.87
C LYS A 54 5.92 -8.76 7.11
N ALA A 55 7.14 -8.23 7.22
CA ALA A 55 8.00 -8.54 8.33
C ALA A 55 7.37 -7.98 9.60
N ARG A 56 7.23 -6.66 9.61
CA ARG A 56 6.61 -5.90 10.71
C ARG A 56 6.17 -4.55 10.21
N ARG A 57 7.14 -3.74 9.86
CA ARG A 57 6.88 -2.42 9.34
C ARG A 57 8.04 -1.98 8.51
N VAL A 58 7.80 -1.67 7.26
CA VAL A 58 8.87 -1.28 6.37
C VAL A 58 8.45 -0.13 5.50
N VAL A 59 9.40 0.73 5.22
CA VAL A 59 9.23 1.84 4.36
C VAL A 59 10.00 1.57 3.07
N HIS A 60 9.45 1.98 1.96
CA HIS A 60 10.08 1.72 0.68
C HIS A 60 10.01 3.01 -0.11
N ILE A 61 11.13 3.42 -0.67
CA ILE A 61 11.21 4.64 -1.43
C ILE A 61 10.71 4.37 -2.85
N LYS A 62 10.03 5.36 -3.45
CA LYS A 62 9.45 5.23 -4.79
C LYS A 62 8.37 4.14 -4.82
N PRO A 63 7.27 4.31 -4.06
CA PRO A 63 6.18 3.35 -4.07
C PRO A 63 5.26 3.53 -5.28
N GLY A 64 4.36 2.61 -5.48
CA GLY A 64 3.46 2.69 -6.56
C GLY A 64 2.46 1.59 -6.53
N GLU A 65 1.78 1.46 -5.40
CA GLU A 65 0.71 0.50 -5.27
C GLU A 65 -0.58 1.20 -5.19
N LYS A 66 -1.39 0.93 -6.14
CA LYS A 66 -2.63 1.53 -6.29
C LYS A 66 -3.65 0.54 -6.01
N ILE A 67 -3.69 0.25 -4.79
CA ILE A 67 -4.61 -0.67 -4.27
C ILE A 67 -5.99 -0.09 -4.32
N LEU A 68 -6.73 -0.55 -5.29
CA LEU A 68 -8.15 -0.24 -5.52
C LEU A 68 -8.39 1.21 -5.98
N GLY A 69 -7.51 2.08 -5.60
CA GLY A 69 -7.65 3.48 -5.84
C GLY A 69 -8.09 4.12 -4.54
N ALA A 70 -8.29 3.25 -3.57
CA ALA A 70 -8.70 3.58 -2.23
C ALA A 70 -7.89 2.69 -1.33
N ARG A 71 -7.06 3.29 -0.52
CA ARG A 71 -6.17 2.56 0.36
C ARG A 71 -6.92 1.85 1.49
N ILE A 72 -7.34 0.62 1.22
CA ILE A 72 -8.02 -0.19 2.19
C ILE A 72 -7.25 -1.48 2.30
N ILE A 73 -6.88 -1.87 3.51
CA ILE A 73 -6.12 -3.10 3.74
C ILE A 73 -7.06 -4.31 3.63
N GLY A 74 -8.31 -4.10 3.94
CA GLY A 74 -9.30 -5.15 3.82
C GLY A 74 -9.45 -5.90 5.11
N ILE A 75 -8.41 -5.86 5.88
CA ILE A 75 -8.36 -6.47 7.17
C ILE A 75 -8.58 -5.35 8.15
N PRO A 76 -9.62 -5.42 9.01
CA PRO A 76 -9.89 -4.40 10.03
C PRO A 76 -8.77 -4.34 11.06
N PRO A 77 -7.95 -3.30 11.02
CA PRO A 77 -6.84 -3.16 11.91
C PRO A 77 -7.11 -2.14 12.99
N VAL A 78 -6.15 -1.94 13.86
CA VAL A 78 -6.27 -0.92 14.85
C VAL A 78 -5.78 0.35 14.16
N PRO A 79 -6.69 1.26 13.82
CA PRO A 79 -6.37 2.38 12.98
C PRO A 79 -5.78 3.58 13.72
N ILE A 80 -4.49 3.68 13.68
CA ILE A 80 -3.75 4.76 14.27
C ILE A 80 -2.79 5.21 13.17
N GLY A 81 -2.30 6.41 13.21
CA GLY A 81 -1.36 6.80 12.21
C GLY A 81 -1.67 8.10 11.56
N ILE A 82 -0.72 8.62 10.82
CA ILE A 82 -0.83 9.91 10.16
C ILE A 82 -0.15 9.85 8.80
N ASP A 83 -0.88 10.18 7.75
CA ASP A 83 -0.29 10.25 6.42
C ASP A 83 0.29 11.66 6.38
N GLU A 84 1.60 11.77 6.56
CA GLU A 84 2.25 13.07 6.64
C GLU A 84 2.18 13.85 5.37
N GLU A 85 2.65 13.25 4.32
CA GLU A 85 2.70 13.85 3.04
C GLU A 85 3.07 12.72 2.11
N ARG A 86 3.02 12.92 0.83
CA ARG A 86 3.30 11.84 -0.08
C ARG A 86 4.78 11.70 -0.35
N SER A 87 5.45 12.78 -0.41
CA SER A 87 6.86 12.81 -0.63
C SER A 87 7.57 12.79 0.75
N THR A 88 6.89 12.21 1.67
CA THR A 88 7.31 12.04 3.02
C THR A 88 6.82 10.66 3.44
N VAL A 89 7.33 10.13 4.50
CA VAL A 89 6.91 8.85 5.01
C VAL A 89 5.54 8.96 5.63
N MET A 90 4.64 8.17 5.14
CA MET A 90 3.35 8.14 5.74
C MET A 90 3.48 7.17 6.89
N ILE A 91 3.00 7.52 8.03
CA ILE A 91 3.16 6.64 9.15
C ILE A 91 1.81 6.15 9.67
N PRO A 92 1.22 5.14 9.02
CA PRO A 92 0.00 4.59 9.46
C PRO A 92 0.29 3.47 10.43
N TYR A 93 0.08 3.74 11.68
CA TYR A 93 0.36 2.81 12.74
C TYR A 93 -0.86 1.93 12.90
N THR A 94 -1.18 1.31 11.84
CA THR A 94 -2.27 0.47 11.81
C THR A 94 -1.79 -0.92 12.15
N LYS A 95 -2.42 -1.54 13.10
CA LYS A 95 -2.06 -2.88 13.52
C LYS A 95 -3.01 -3.87 12.85
N PRO A 96 -2.64 -4.47 11.71
CA PRO A 96 -3.46 -5.44 11.03
C PRO A 96 -2.92 -6.86 11.22
N CYS A 97 -3.41 -7.77 10.42
CA CYS A 97 -2.95 -9.15 10.46
C CYS A 97 -1.86 -9.35 9.38
N TYR A 98 -1.38 -8.26 8.83
CA TYR A 98 -0.34 -8.33 7.80
C TYR A 98 0.93 -7.62 8.29
N GLY A 99 0.96 -6.31 8.19
CA GLY A 99 2.11 -5.55 8.62
C GLY A 99 1.85 -4.07 8.43
N THR A 100 2.79 -3.27 8.86
CA THR A 100 2.67 -1.85 8.76
C THR A 100 3.34 -1.36 7.49
N ALA A 101 2.67 -0.48 6.80
CA ALA A 101 3.12 0.00 5.54
C ALA A 101 3.51 1.46 5.58
N VAL A 102 4.77 1.72 5.41
CA VAL A 102 5.30 3.07 5.35
C VAL A 102 5.85 3.24 3.94
N VAL A 103 5.56 4.34 3.30
CA VAL A 103 6.04 4.60 1.95
C VAL A 103 6.54 6.02 1.88
N GLU A 104 7.49 6.27 1.01
CA GLU A 104 8.01 7.60 0.82
C GLU A 104 8.29 7.79 -0.66
N LEU A 105 7.69 8.75 -1.25
CA LEU A 105 7.87 8.98 -2.66
C LEU A 105 8.80 10.20 -2.86
N PRO A 106 9.74 10.16 -3.83
CA PRO A 106 10.64 11.30 -4.11
C PRO A 106 10.00 12.29 -5.08
N VAL A 107 8.79 12.01 -5.45
CA VAL A 107 8.06 12.83 -6.37
C VAL A 107 7.05 13.62 -5.55
N ASP A 108 6.73 14.78 -6.03
CA ASP A 108 5.81 15.69 -5.36
C ASP A 108 4.41 15.03 -5.23
N PRO A 109 3.68 15.29 -4.11
CA PRO A 109 2.34 14.71 -3.82
C PRO A 109 1.33 14.86 -4.97
N GLU A 110 1.60 15.78 -5.91
CA GLU A 110 0.74 15.98 -7.08
C GLU A 110 0.66 14.69 -7.93
N GLU A 111 1.64 13.80 -7.71
CA GLU A 111 1.73 12.51 -8.37
C GLU A 111 0.47 11.68 -8.05
N ILE A 112 -0.14 11.94 -6.88
CA ILE A 112 -1.33 11.21 -6.46
C ILE A 112 -2.47 11.39 -7.45
N GLU A 113 -2.61 12.59 -8.01
CA GLU A 113 -3.70 12.85 -8.97
C GLU A 113 -3.48 12.06 -10.26
N ARG A 114 -2.24 11.90 -10.60
CA ARG A 114 -1.84 11.14 -11.77
C ARG A 114 -2.10 9.67 -11.47
N ILE A 115 -1.68 9.28 -10.30
CA ILE A 115 -1.81 7.95 -9.78
C ILE A 115 -3.29 7.57 -9.58
N LEU A 116 -4.15 8.57 -9.43
CA LEU A 116 -5.57 8.36 -9.29
C LEU A 116 -6.18 7.96 -10.64
N GLU A 117 -5.58 8.45 -11.70
CA GLU A 117 -6.01 8.11 -13.04
C GLU A 117 -5.46 6.74 -13.38
N VAL A 118 -4.23 6.56 -12.99
CA VAL A 118 -3.47 5.36 -13.24
C VAL A 118 -3.69 4.33 -12.09
N ALA A 119 -4.74 4.57 -11.31
CA ALA A 119 -5.08 3.75 -10.13
C ALA A 119 -5.51 2.36 -10.50
N GLU A 120 -6.15 2.26 -11.62
CA GLU A 120 -6.68 1.01 -12.04
C GLU A 120 -6.26 0.74 -13.49
N PRO A 121 -5.21 -0.05 -13.67
CA PRO A 121 -4.73 -0.44 -15.00
C PRO A 121 -5.59 -1.55 -15.60
N HIS A 20 9.36 -5.52 -10.77
CA HIS A 20 8.73 -5.07 -9.53
C HIS A 20 7.39 -4.47 -9.80
N MET A 21 6.36 -5.25 -9.54
CA MET A 21 4.96 -4.86 -9.67
C MET A 21 4.10 -6.02 -9.27
N THR A 22 3.12 -5.78 -8.46
CA THR A 22 2.25 -6.81 -8.00
C THR A 22 0.80 -6.37 -8.14
N PHE A 23 0.04 -7.16 -8.87
CA PHE A 23 -1.37 -6.89 -9.12
C PHE A 23 -2.22 -7.99 -8.52
N CYS A 24 -1.55 -9.04 -8.08
CA CYS A 24 -2.22 -10.15 -7.49
C CYS A 24 -2.56 -9.86 -6.05
N LEU A 25 -3.80 -9.54 -5.85
CA LEU A 25 -4.30 -9.26 -4.54
C LEU A 25 -4.79 -10.51 -3.87
N GLU A 26 -5.40 -11.39 -4.63
CA GLU A 26 -5.98 -12.62 -4.09
C GLU A 26 -4.89 -13.61 -3.62
N THR A 27 -3.66 -13.28 -3.93
CA THR A 27 -2.53 -14.05 -3.52
C THR A 27 -2.25 -13.79 -2.03
N TYR A 28 -2.86 -12.71 -1.50
CA TYR A 28 -2.68 -12.33 -0.09
C TYR A 28 -3.14 -13.43 0.83
N LEU A 29 -4.09 -14.21 0.37
CA LEU A 29 -4.68 -15.23 1.15
C LEU A 29 -3.67 -16.34 1.36
N GLN A 30 -2.92 -16.61 0.31
CA GLN A 30 -1.93 -17.66 0.27
C GLN A 30 -0.68 -17.25 1.03
N GLN A 31 -0.68 -16.03 1.53
CA GLN A 31 0.44 -15.50 2.26
C GLN A 31 0.12 -15.13 3.70
N SER A 32 -1.11 -14.77 4.01
CA SER A 32 -1.42 -14.38 5.38
C SER A 32 -2.92 -14.39 5.61
N GLY A 33 -3.61 -13.68 4.77
CA GLY A 33 -5.02 -13.54 4.87
C GLY A 33 -5.37 -12.35 4.04
N GLU A 34 -6.44 -11.69 4.33
CA GLU A 34 -6.77 -10.56 3.52
C GLU A 34 -5.96 -9.34 3.94
N TYR A 35 -5.46 -8.60 2.96
CA TYR A 35 -4.68 -7.41 3.22
C TYR A 35 -5.02 -6.33 2.18
N GLU A 36 -5.96 -6.64 1.32
CA GLU A 36 -6.37 -5.80 0.23
C GLU A 36 -7.85 -6.13 0.00
N ILE A 37 -8.47 -5.45 -0.91
CA ILE A 37 -9.84 -5.78 -1.25
C ILE A 37 -9.81 -6.37 -2.67
N HIS A 38 -10.81 -7.17 -3.04
CA HIS A 38 -10.88 -7.79 -4.36
C HIS A 38 -11.19 -6.71 -5.40
N MET A 39 -10.20 -5.93 -5.63
CA MET A 39 -10.19 -4.82 -6.54
C MET A 39 -8.85 -4.83 -7.27
N LYS A 40 -8.53 -3.77 -7.96
CA LYS A 40 -7.26 -3.67 -8.64
C LYS A 40 -6.18 -3.15 -7.74
N ARG A 41 -5.23 -3.97 -7.44
CA ARG A 41 -4.12 -3.52 -6.66
C ARG A 41 -3.01 -3.27 -7.67
N ALA A 42 -2.40 -2.15 -7.61
CA ALA A 42 -1.32 -1.86 -8.49
C ALA A 42 -0.10 -1.50 -7.71
N GLY A 43 0.62 -2.47 -7.30
CA GLY A 43 1.76 -2.20 -6.50
C GLY A 43 3.01 -2.22 -7.31
N PHE A 44 3.24 -1.16 -8.09
CA PHE A 44 4.40 -1.13 -8.96
C PHE A 44 5.68 -1.09 -8.13
N ARG A 45 6.02 0.07 -7.65
CA ARG A 45 7.26 0.22 -6.88
C ARG A 45 7.12 -0.34 -5.48
N GLU A 46 5.94 -0.19 -4.91
CA GLU A 46 5.65 -0.63 -3.54
C GLU A 46 5.72 -2.16 -3.44
N CYS A 47 5.77 -2.82 -4.58
CA CYS A 47 5.95 -4.27 -4.65
C CYS A 47 7.15 -4.72 -3.77
N ALA A 48 8.22 -3.94 -3.84
CA ALA A 48 9.44 -4.24 -3.11
C ALA A 48 9.23 -4.05 -1.63
N ALA A 49 8.57 -3.00 -1.30
CA ALA A 49 8.32 -2.62 0.04
C ALA A 49 7.41 -3.56 0.77
N MET A 50 6.32 -3.95 0.13
CA MET A 50 5.33 -4.83 0.75
C MET A 50 5.95 -6.12 1.23
N ILE A 51 6.97 -6.60 0.50
CA ILE A 51 7.68 -7.81 0.88
C ILE A 51 8.37 -7.61 2.24
N GLU A 52 8.87 -6.41 2.47
CA GLU A 52 9.56 -6.06 3.71
C GLU A 52 8.53 -5.81 4.82
N LYS A 53 7.40 -5.26 4.41
CA LYS A 53 6.28 -4.90 5.30
C LYS A 53 5.60 -6.09 5.93
N LYS A 54 5.94 -7.27 5.46
CA LYS A 54 5.42 -8.49 6.03
C LYS A 54 5.99 -8.69 7.44
N ALA A 55 7.13 -8.08 7.70
CA ALA A 55 7.77 -8.23 8.97
C ALA A 55 6.93 -7.56 10.04
N ARG A 56 6.82 -6.24 9.94
CA ARG A 56 6.02 -5.44 10.88
C ARG A 56 5.52 -4.18 10.19
N ARG A 57 6.45 -3.29 9.87
CA ARG A 57 6.14 -2.01 9.25
C ARG A 57 7.42 -1.39 8.71
N VAL A 58 7.50 -1.24 7.42
CA VAL A 58 8.69 -0.70 6.77
C VAL A 58 8.29 0.49 5.90
N VAL A 59 9.26 1.31 5.52
CA VAL A 59 9.05 2.46 4.66
C VAL A 59 9.77 2.19 3.33
N HIS A 60 9.27 2.74 2.24
CA HIS A 60 9.89 2.55 0.96
C HIS A 60 9.85 3.86 0.25
N ILE A 61 11.00 4.36 -0.07
CA ILE A 61 11.08 5.57 -0.80
C ILE A 61 10.92 5.23 -2.28
N LYS A 62 10.32 6.13 -3.03
CA LYS A 62 10.06 5.95 -4.46
C LYS A 62 9.00 4.86 -4.73
N PRO A 63 7.79 4.90 -4.07
CA PRO A 63 6.74 3.96 -4.33
C PRO A 63 5.80 4.46 -5.45
N GLY A 64 5.08 3.56 -6.06
CA GLY A 64 4.21 3.93 -7.17
C GLY A 64 3.08 3.01 -7.23
N GLU A 65 2.55 2.78 -6.10
CA GLU A 65 1.48 1.89 -5.93
C GLU A 65 0.11 2.60 -5.87
N LYS A 66 -0.87 1.82 -6.18
CA LYS A 66 -2.24 2.16 -6.12
C LYS A 66 -2.98 0.96 -5.72
N ILE A 67 -3.06 0.81 -4.47
CA ILE A 67 -3.66 -0.31 -3.88
C ILE A 67 -5.14 -0.14 -3.70
N LEU A 68 -5.86 -0.73 -4.65
CA LEU A 68 -7.33 -0.83 -4.71
C LEU A 68 -8.03 0.51 -4.94
N GLY A 69 -7.27 1.56 -5.14
CA GLY A 69 -7.84 2.89 -5.32
C GLY A 69 -8.22 3.54 -4.00
N ALA A 70 -8.38 2.70 -2.99
CA ALA A 70 -8.70 3.08 -1.65
C ALA A 70 -8.10 2.00 -0.78
N ARG A 71 -7.70 2.32 0.41
CA ARG A 71 -7.05 1.35 1.25
C ARG A 71 -8.03 0.50 2.06
N ILE A 72 -8.20 -0.76 1.65
CA ILE A 72 -9.05 -1.70 2.38
C ILE A 72 -8.19 -2.90 2.66
N ILE A 73 -8.28 -3.43 3.86
CA ILE A 73 -7.49 -4.59 4.24
C ILE A 73 -8.34 -5.85 4.13
N GLY A 74 -9.59 -5.75 4.52
CA GLY A 74 -10.47 -6.91 4.50
C GLY A 74 -10.51 -7.54 5.88
N ILE A 75 -9.45 -7.35 6.59
CA ILE A 75 -9.29 -7.80 7.94
C ILE A 75 -9.27 -6.56 8.80
N PRO A 76 -10.33 -6.32 9.60
CA PRO A 76 -10.41 -5.15 10.48
C PRO A 76 -9.20 -5.04 11.40
N PRO A 77 -8.33 -4.06 11.17
CA PRO A 77 -7.16 -3.84 11.96
C PRO A 77 -7.39 -2.70 12.91
N VAL A 78 -6.33 -2.17 13.44
CA VAL A 78 -6.42 -1.02 14.27
C VAL A 78 -6.72 0.18 13.35
N PRO A 79 -7.85 0.84 13.53
CA PRO A 79 -8.33 1.88 12.62
C PRO A 79 -7.63 3.25 12.78
N ILE A 80 -6.33 3.25 12.99
CA ILE A 80 -5.64 4.51 13.16
C ILE A 80 -4.65 4.68 12.01
N GLY A 81 -4.37 5.89 11.61
CA GLY A 81 -3.44 6.10 10.54
C GLY A 81 -3.49 7.50 10.01
N ILE A 82 -2.35 8.07 9.74
CA ILE A 82 -2.24 9.43 9.28
C ILE A 82 -1.52 9.48 7.93
N ASP A 83 -2.23 9.89 6.91
CA ASP A 83 -1.64 10.04 5.58
C ASP A 83 -1.17 11.47 5.47
N GLU A 84 0.12 11.67 5.52
CA GLU A 84 0.69 13.01 5.51
C GLU A 84 0.63 13.65 4.13
N GLU A 85 1.33 13.07 3.20
CA GLU A 85 1.44 13.60 1.87
C GLU A 85 2.06 12.49 1.01
N ARG A 86 2.28 12.71 -0.26
CA ARG A 86 2.78 11.67 -1.14
C ARG A 86 4.32 11.70 -1.11
N SER A 87 4.87 12.88 -1.10
CA SER A 87 6.30 13.07 -1.05
C SER A 87 6.75 13.13 0.42
N THR A 88 5.98 12.49 1.24
CA THR A 88 6.18 12.39 2.65
C THR A 88 5.72 10.98 3.06
N VAL A 89 6.15 10.52 4.20
CA VAL A 89 5.78 9.21 4.71
C VAL A 89 4.38 9.26 5.30
N MET A 90 3.65 8.20 5.12
CA MET A 90 2.35 8.12 5.74
C MET A 90 2.54 7.30 6.98
N ILE A 91 1.96 7.70 8.08
CA ILE A 91 2.16 6.98 9.31
C ILE A 91 0.88 6.24 9.70
N PRO A 92 0.71 5.01 9.24
CA PRO A 92 -0.46 4.24 9.54
C PRO A 92 -0.31 3.46 10.83
N TYR A 93 -1.38 3.31 11.52
CA TYR A 93 -1.42 2.57 12.74
C TYR A 93 -2.44 1.49 12.59
N THR A 94 -2.39 0.86 11.46
CA THR A 94 -3.25 -0.22 11.18
C THR A 94 -2.46 -1.50 11.38
N LYS A 95 -2.82 -2.23 12.39
CA LYS A 95 -2.19 -3.49 12.69
C LYS A 95 -3.07 -4.64 12.18
N PRO A 96 -2.78 -5.18 10.99
CA PRO A 96 -3.54 -6.26 10.41
C PRO A 96 -2.78 -7.60 10.53
N CYS A 97 -3.23 -8.60 9.79
CA CYS A 97 -2.63 -9.91 9.81
C CYS A 97 -1.29 -9.91 9.07
N TYR A 98 -1.10 -8.94 8.20
CA TYR A 98 0.11 -8.88 7.43
C TYR A 98 1.14 -7.94 8.08
N GLY A 99 1.02 -6.65 7.79
CA GLY A 99 1.94 -5.68 8.32
C GLY A 99 1.50 -4.30 7.95
N THR A 100 2.24 -3.32 8.36
CA THR A 100 1.90 -1.95 8.08
C THR A 100 2.83 -1.41 7.00
N ALA A 101 2.32 -0.55 6.18
CA ALA A 101 3.06 -0.04 5.06
C ALA A 101 3.24 1.47 5.10
N VAL A 102 4.48 1.90 5.08
CA VAL A 102 4.80 3.31 5.03
C VAL A 102 5.41 3.57 3.64
N VAL A 103 4.80 4.43 2.88
CA VAL A 103 5.25 4.76 1.55
C VAL A 103 5.72 6.24 1.54
N GLU A 104 6.77 6.56 0.79
CA GLU A 104 7.25 7.94 0.69
C GLU A 104 7.87 8.18 -0.69
N LEU A 105 7.28 9.05 -1.46
CA LEU A 105 7.78 9.35 -2.79
C LEU A 105 8.70 10.58 -2.70
N PRO A 106 9.80 10.64 -3.46
CA PRO A 106 10.66 11.83 -3.47
C PRO A 106 10.25 12.80 -4.60
N VAL A 107 9.28 12.37 -5.36
CA VAL A 107 8.78 13.12 -6.47
C VAL A 107 7.65 13.96 -5.95
N ASP A 108 7.40 15.04 -6.61
CA ASP A 108 6.40 16.00 -6.22
C ASP A 108 5.00 15.40 -6.17
N PRO A 109 4.14 15.93 -5.25
CA PRO A 109 2.76 15.47 -5.08
C PRO A 109 1.90 15.61 -6.34
N GLU A 110 2.46 16.24 -7.39
CA GLU A 110 1.78 16.37 -8.68
C GLU A 110 1.46 14.99 -9.25
N GLU A 111 2.28 14.01 -8.85
CA GLU A 111 2.12 12.62 -9.25
C GLU A 111 0.79 12.05 -8.80
N ILE A 112 0.22 12.59 -7.74
CA ILE A 112 -1.05 12.09 -7.19
C ILE A 112 -2.14 12.12 -8.25
N GLU A 113 -2.17 13.17 -9.06
CA GLU A 113 -3.20 13.31 -10.11
C GLU A 113 -3.09 12.15 -11.10
N ARG A 114 -1.88 11.91 -11.51
CA ARG A 114 -1.55 10.85 -12.44
C ARG A 114 -1.85 9.50 -11.77
N ILE A 115 -1.45 9.38 -10.52
CA ILE A 115 -1.61 8.18 -9.73
C ILE A 115 -3.10 7.91 -9.39
N LEU A 116 -3.89 8.96 -9.31
CA LEU A 116 -5.31 8.86 -8.99
C LEU A 116 -6.07 8.25 -10.15
N GLU A 117 -5.57 8.47 -11.35
CA GLU A 117 -6.17 7.90 -12.54
C GLU A 117 -5.77 6.43 -12.61
N VAL A 118 -4.57 6.18 -12.13
CA VAL A 118 -3.95 4.87 -12.10
C VAL A 118 -4.36 4.12 -10.80
N ALA A 119 -5.43 4.63 -10.16
CA ALA A 119 -5.99 4.02 -8.95
C ALA A 119 -6.32 2.55 -9.14
N GLU A 120 -7.00 2.27 -10.23
CA GLU A 120 -7.34 0.94 -10.60
C GLU A 120 -7.07 0.74 -12.10
N PRO A 121 -5.84 0.34 -12.46
CA PRO A 121 -5.44 0.16 -13.85
C PRO A 121 -6.06 -1.10 -14.47
N HIS A 20 9.21 -7.44 -8.22
CA HIS A 20 8.23 -6.98 -7.25
C HIS A 20 7.25 -6.05 -7.90
N MET A 21 6.10 -6.58 -8.28
CA MET A 21 5.00 -5.84 -8.86
C MET A 21 3.74 -6.65 -8.61
N THR A 22 2.78 -6.04 -8.00
CA THR A 22 1.54 -6.71 -7.67
C THR A 22 0.46 -6.32 -8.66
N PHE A 23 0.00 -7.27 -9.46
CA PHE A 23 -1.06 -6.98 -10.42
C PHE A 23 -2.21 -7.96 -10.30
N CYS A 24 -2.21 -8.71 -9.25
CA CYS A 24 -3.26 -9.65 -8.97
C CYS A 24 -3.52 -9.63 -7.46
N LEU A 25 -4.61 -8.96 -7.04
CA LEU A 25 -4.87 -8.82 -5.62
C LEU A 25 -5.44 -10.10 -5.02
N GLU A 26 -6.26 -10.78 -5.81
CA GLU A 26 -6.93 -11.98 -5.37
C GLU A 26 -5.92 -13.12 -5.26
N THR A 27 -4.86 -13.02 -6.01
CA THR A 27 -3.82 -13.99 -5.94
C THR A 27 -2.96 -13.74 -4.69
N TYR A 28 -2.95 -12.49 -4.21
CA TYR A 28 -2.21 -12.16 -3.01
C TYR A 28 -2.89 -12.72 -1.80
N LEU A 29 -4.20 -12.93 -1.93
CA LEU A 29 -5.00 -13.53 -0.89
C LEU A 29 -4.44 -14.94 -0.65
N GLN A 30 -4.15 -15.61 -1.74
CA GLN A 30 -3.62 -16.96 -1.74
C GLN A 30 -2.20 -16.97 -1.21
N GLN A 31 -1.47 -15.93 -1.53
CA GLN A 31 -0.09 -15.83 -1.14
C GLN A 31 0.07 -15.55 0.33
N SER A 32 -0.82 -14.77 0.90
CA SER A 32 -0.68 -14.42 2.28
C SER A 32 -2.00 -13.92 2.83
N GLY A 33 -2.51 -12.93 2.18
CA GLY A 33 -3.73 -12.31 2.60
C GLY A 33 -3.92 -11.07 1.81
N GLU A 34 -5.03 -10.44 1.97
CA GLU A 34 -5.33 -9.24 1.22
C GLU A 34 -4.62 -8.03 1.80
N TYR A 35 -4.16 -7.19 0.91
CA TYR A 35 -3.50 -5.94 1.22
C TYR A 35 -4.03 -4.88 0.26
N GLU A 36 -4.99 -5.30 -0.52
CA GLU A 36 -5.61 -4.54 -1.55
C GLU A 36 -7.03 -5.06 -1.63
N ILE A 37 -7.98 -4.20 -1.93
CA ILE A 37 -9.35 -4.66 -2.04
C ILE A 37 -9.60 -5.23 -3.45
N HIS A 38 -10.68 -6.00 -3.65
CA HIS A 38 -11.01 -6.58 -4.94
C HIS A 38 -11.44 -5.49 -5.91
N MET A 39 -10.45 -4.85 -6.37
CA MET A 39 -10.48 -3.80 -7.35
C MET A 39 -9.20 -3.94 -8.18
N LYS A 40 -8.91 -3.02 -9.07
CA LYS A 40 -7.73 -3.16 -9.91
C LYS A 40 -6.53 -2.54 -9.25
N ARG A 41 -5.61 -3.38 -8.93
CA ARG A 41 -4.43 -3.02 -8.22
C ARG A 41 -3.22 -2.92 -9.16
N ALA A 42 -2.29 -2.11 -8.79
CA ALA A 42 -1.07 -1.94 -9.53
C ALA A 42 0.02 -1.57 -8.52
N GLY A 43 0.50 -2.55 -7.82
CA GLY A 43 1.46 -2.32 -6.78
C GLY A 43 2.87 -2.53 -7.19
N PHE A 44 3.48 -1.55 -7.82
CA PHE A 44 4.85 -1.70 -8.31
C PHE A 44 5.85 -1.75 -7.15
N ARG A 45 6.23 -0.60 -6.67
CA ARG A 45 7.22 -0.50 -5.62
C ARG A 45 6.74 -0.99 -4.29
N GLU A 46 5.47 -0.75 -3.96
CA GLU A 46 5.00 -1.17 -2.65
C GLU A 46 4.93 -2.70 -2.61
N CYS A 47 5.04 -3.37 -3.79
CA CYS A 47 5.08 -4.83 -3.82
C CYS A 47 6.30 -5.34 -3.02
N ALA A 48 7.39 -4.58 -3.06
CA ALA A 48 8.59 -4.93 -2.34
C ALA A 48 8.36 -4.75 -0.88
N ALA A 49 7.70 -3.68 -0.57
CA ALA A 49 7.36 -3.32 0.77
C ALA A 49 6.42 -4.28 1.42
N MET A 50 5.35 -4.65 0.70
CA MET A 50 4.33 -5.54 1.23
C MET A 50 4.89 -6.85 1.71
N ILE A 51 5.96 -7.31 1.07
CA ILE A 51 6.63 -8.55 1.47
C ILE A 51 7.12 -8.41 2.92
N GLU A 52 7.66 -7.26 3.21
CA GLU A 52 8.21 -6.97 4.51
C GLU A 52 7.11 -6.56 5.47
N LYS A 53 6.09 -5.86 4.95
CA LYS A 53 4.95 -5.38 5.74
C LYS A 53 4.10 -6.52 6.27
N LYS A 54 4.36 -7.70 5.76
CA LYS A 54 3.72 -8.91 6.19
C LYS A 54 4.23 -9.29 7.60
N ALA A 55 5.43 -8.84 7.93
CA ALA A 55 6.04 -9.17 9.21
C ALA A 55 5.27 -8.51 10.34
N ARG A 56 5.07 -7.22 10.23
CA ARG A 56 4.32 -6.43 11.20
C ARG A 56 4.04 -5.09 10.59
N ARG A 57 5.06 -4.31 10.44
CA ARG A 57 4.97 -3.00 9.90
C ARG A 57 6.35 -2.59 9.47
N VAL A 58 6.50 -2.24 8.22
CA VAL A 58 7.79 -1.85 7.67
C VAL A 58 7.62 -0.59 6.82
N VAL A 59 8.70 0.13 6.59
CA VAL A 59 8.71 1.32 5.78
C VAL A 59 9.38 1.02 4.42
N HIS A 60 8.87 1.63 3.37
CA HIS A 60 9.44 1.45 2.06
C HIS A 60 9.54 2.80 1.43
N ILE A 61 10.71 3.14 1.04
CA ILE A 61 10.99 4.38 0.42
C ILE A 61 10.82 4.19 -1.08
N LYS A 62 10.28 5.21 -1.75
CA LYS A 62 9.99 5.19 -3.19
C LYS A 62 8.80 4.27 -3.55
N PRO A 63 7.65 4.28 -2.78
CA PRO A 63 6.54 3.42 -3.10
C PRO A 63 5.77 3.95 -4.31
N GLY A 64 5.30 3.04 -5.13
CA GLY A 64 4.62 3.41 -6.34
C GLY A 64 3.53 2.44 -6.59
N GLU A 65 2.72 2.29 -5.63
CA GLU A 65 1.62 1.44 -5.72
C GLU A 65 0.35 2.24 -6.00
N LYS A 66 -0.34 1.82 -6.97
CA LYS A 66 -1.58 2.40 -7.36
C LYS A 66 -2.56 1.33 -7.20
N ILE A 67 -2.74 1.07 -6.02
CA ILE A 67 -3.58 0.03 -5.59
C ILE A 67 -5.02 0.46 -5.47
N LEU A 68 -5.81 -0.07 -6.40
CA LEU A 68 -7.28 0.08 -6.49
C LEU A 68 -7.74 1.50 -6.79
N GLY A 69 -6.80 2.41 -6.85
CA GLY A 69 -7.13 3.81 -7.03
C GLY A 69 -7.28 4.45 -5.66
N ALA A 70 -7.62 3.62 -4.70
CA ALA A 70 -7.79 3.98 -3.32
C ALA A 70 -7.16 2.85 -2.53
N ARG A 71 -6.22 3.18 -1.69
CA ARG A 71 -5.49 2.19 -0.92
C ARG A 71 -6.37 1.59 0.18
N ILE A 72 -6.83 0.39 -0.07
CA ILE A 72 -7.68 -0.33 0.84
C ILE A 72 -7.03 -1.67 1.03
N ILE A 73 -6.90 -2.10 2.26
CA ILE A 73 -6.26 -3.40 2.56
C ILE A 73 -7.22 -4.52 2.19
N GLY A 74 -8.50 -4.20 2.22
CA GLY A 74 -9.52 -5.17 1.88
C GLY A 74 -10.06 -5.79 3.12
N ILE A 75 -9.22 -5.83 4.09
CA ILE A 75 -9.54 -6.33 5.38
C ILE A 75 -9.67 -5.13 6.28
N PRO A 76 -10.87 -4.87 6.82
CA PRO A 76 -11.10 -3.75 7.75
C PRO A 76 -10.21 -3.90 8.99
N PRO A 77 -9.17 -3.09 9.13
CA PRO A 77 -8.25 -3.18 10.22
C PRO A 77 -8.60 -2.22 11.31
N VAL A 78 -7.75 -2.17 12.30
CA VAL A 78 -7.91 -1.25 13.40
C VAL A 78 -7.67 0.15 12.85
N PRO A 79 -8.65 1.05 12.88
CA PRO A 79 -8.52 2.38 12.32
C PRO A 79 -7.75 3.35 13.23
N ILE A 80 -6.47 3.12 13.37
CA ILE A 80 -5.61 3.97 14.13
C ILE A 80 -4.41 4.27 13.24
N GLY A 81 -3.85 5.45 13.33
CA GLY A 81 -2.72 5.74 12.52
C GLY A 81 -2.51 7.19 12.28
N ILE A 82 -1.26 7.56 12.04
CA ILE A 82 -0.89 8.92 11.81
C ILE A 82 -0.23 9.04 10.44
N ASP A 83 -0.96 9.56 9.49
CA ASP A 83 -0.44 9.79 8.15
C ASP A 83 0.09 11.18 8.08
N GLU A 84 1.39 11.34 8.03
CA GLU A 84 1.95 12.67 7.95
C GLU A 84 1.83 13.22 6.56
N GLU A 85 2.58 12.66 5.68
CA GLU A 85 2.62 13.08 4.32
C GLU A 85 3.02 11.87 3.51
N ARG A 86 2.84 11.95 2.23
CA ARG A 86 3.16 10.84 1.35
C ARG A 86 4.64 10.84 1.08
N SER A 87 5.19 12.02 1.07
CA SER A 87 6.61 12.23 0.87
C SER A 87 7.29 12.34 2.22
N THR A 88 6.83 11.55 3.11
CA THR A 88 7.29 11.45 4.44
C THR A 88 6.76 10.11 4.89
N VAL A 89 7.16 9.65 6.03
CA VAL A 89 6.68 8.42 6.55
C VAL A 89 5.28 8.62 7.11
N MET A 90 4.60 7.55 7.26
CA MET A 90 3.29 7.51 7.82
C MET A 90 3.23 6.31 8.70
N ILE A 91 3.01 6.50 9.98
CA ILE A 91 2.99 5.39 10.89
C ILE A 91 1.56 5.10 11.32
N PRO A 92 0.88 4.18 10.64
CA PRO A 92 -0.43 3.80 11.00
C PRO A 92 -0.41 2.62 11.95
N TYR A 93 -1.51 2.38 12.56
CA TYR A 93 -1.68 1.28 13.43
C TYR A 93 -2.93 0.59 12.99
N THR A 94 -2.87 0.19 11.77
CA THR A 94 -3.92 -0.51 11.20
C THR A 94 -3.54 -1.97 11.21
N LYS A 95 -4.20 -2.72 12.03
CA LYS A 95 -3.89 -4.13 12.19
C LYS A 95 -4.92 -5.00 11.49
N PRO A 96 -4.61 -5.50 10.31
CA PRO A 96 -5.45 -6.40 9.59
C PRO A 96 -4.84 -7.82 9.70
N CYS A 97 -5.21 -8.70 8.81
CA CYS A 97 -4.65 -10.03 8.82
C CYS A 97 -3.29 -10.04 8.10
N TYR A 98 -2.96 -8.94 7.44
CA TYR A 98 -1.72 -8.87 6.70
C TYR A 98 -0.63 -8.18 7.53
N GLY A 99 -0.67 -6.85 7.58
CA GLY A 99 0.32 -6.10 8.30
C GLY A 99 0.08 -4.62 8.11
N THR A 100 0.97 -3.80 8.58
CA THR A 100 0.82 -2.38 8.46
C THR A 100 1.88 -1.82 7.51
N ALA A 101 1.55 -0.76 6.82
CA ALA A 101 2.44 -0.20 5.83
C ALA A 101 2.82 1.24 6.07
N VAL A 102 4.11 1.48 6.08
CA VAL A 102 4.66 2.81 6.19
C VAL A 102 5.28 3.09 4.82
N VAL A 103 4.73 4.02 4.10
CA VAL A 103 5.24 4.35 2.78
C VAL A 103 6.05 5.66 2.96
N GLU A 104 7.01 5.92 2.10
CA GLU A 104 7.75 7.19 2.16
C GLU A 104 8.30 7.50 0.78
N LEU A 105 7.75 8.48 0.15
CA LEU A 105 8.16 8.83 -1.17
C LEU A 105 9.16 9.98 -1.11
N PRO A 106 10.32 9.85 -1.77
CA PRO A 106 11.34 10.92 -1.78
C PRO A 106 11.05 11.95 -2.88
N VAL A 107 9.82 12.00 -3.29
CA VAL A 107 9.34 12.89 -4.30
C VAL A 107 8.11 13.54 -3.70
N ASP A 108 7.82 14.74 -4.13
CA ASP A 108 6.70 15.52 -3.59
C ASP A 108 5.34 14.88 -3.82
N PRO A 109 4.35 15.18 -2.92
CA PRO A 109 2.98 14.62 -2.98
C PRO A 109 2.21 15.10 -4.22
N GLU A 110 2.83 16.00 -4.99
CA GLU A 110 2.26 16.49 -6.23
C GLU A 110 2.08 15.32 -7.20
N GLU A 111 2.95 14.33 -7.04
CA GLU A 111 2.92 13.16 -7.87
C GLU A 111 1.68 12.36 -7.61
N ILE A 112 1.11 12.51 -6.44
CA ILE A 112 -0.07 11.76 -6.07
C ILE A 112 -1.26 12.18 -6.90
N GLU A 113 -1.34 13.47 -7.23
CA GLU A 113 -2.43 13.96 -8.07
C GLU A 113 -2.33 13.29 -9.44
N ARG A 114 -1.11 13.23 -9.92
CA ARG A 114 -0.79 12.59 -11.17
C ARG A 114 -1.02 11.06 -11.08
N ILE A 115 -0.59 10.48 -9.98
CA ILE A 115 -0.70 9.04 -9.74
C ILE A 115 -2.16 8.64 -9.53
N LEU A 116 -3.00 9.58 -9.14
CA LEU A 116 -4.41 9.31 -8.94
C LEU A 116 -5.10 9.16 -10.31
N GLU A 117 -4.54 9.82 -11.31
CA GLU A 117 -5.04 9.75 -12.68
C GLU A 117 -4.40 8.54 -13.37
N VAL A 118 -3.14 8.37 -13.11
CA VAL A 118 -2.33 7.29 -13.65
C VAL A 118 -2.52 5.99 -12.81
N ALA A 119 -3.48 6.06 -11.89
CA ALA A 119 -3.79 4.99 -10.94
C ALA A 119 -4.02 3.65 -11.59
N GLU A 120 -5.01 3.59 -12.43
CA GLU A 120 -5.36 2.36 -13.05
C GLU A 120 -4.65 2.13 -14.39
N PRO A 121 -4.64 3.12 -15.32
CA PRO A 121 -3.95 2.94 -16.57
C PRO A 121 -2.57 3.67 -16.59
N HIS A 20 8.24 -7.69 -8.32
CA HIS A 20 8.14 -6.46 -9.11
C HIS A 20 6.68 -6.01 -9.31
N MET A 21 5.72 -6.85 -8.89
CA MET A 21 4.29 -6.54 -8.95
C MET A 21 3.51 -7.64 -8.28
N THR A 22 2.56 -7.26 -7.49
CA THR A 22 1.77 -8.22 -6.79
C THR A 22 0.29 -7.88 -6.88
N PHE A 23 -0.48 -8.83 -7.38
CA PHE A 23 -1.92 -8.67 -7.48
C PHE A 23 -2.62 -9.78 -6.69
N CYS A 24 -1.81 -10.59 -6.03
CA CYS A 24 -2.30 -11.69 -5.25
C CYS A 24 -2.43 -11.29 -3.77
N LEU A 25 -3.64 -11.03 -3.36
CA LEU A 25 -3.93 -10.58 -2.00
C LEU A 25 -4.26 -11.75 -1.07
N GLU A 26 -4.82 -12.78 -1.65
CA GLU A 26 -5.25 -13.95 -0.91
C GLU A 26 -4.04 -14.71 -0.40
N THR A 27 -2.92 -14.53 -1.07
CA THR A 27 -1.70 -15.15 -0.68
C THR A 27 -1.24 -14.56 0.66
N TYR A 28 -1.57 -13.30 0.87
CA TYR A 28 -1.22 -12.64 2.09
C TYR A 28 -2.08 -13.08 3.24
N LEU A 29 -3.29 -13.46 2.92
CA LEU A 29 -4.21 -13.96 3.92
C LEU A 29 -3.71 -15.31 4.38
N GLN A 30 -3.12 -16.06 3.45
CA GLN A 30 -2.58 -17.37 3.73
C GLN A 30 -1.39 -17.25 4.65
N GLN A 31 -0.61 -16.20 4.43
CA GLN A 31 0.56 -15.94 5.25
C GLN A 31 0.17 -15.41 6.62
N SER A 32 -1.14 -15.23 6.81
CA SER A 32 -1.75 -14.75 8.04
C SER A 32 -1.37 -13.29 8.33
N GLY A 33 -0.82 -12.64 7.33
CA GLY A 33 -0.44 -11.27 7.43
C GLY A 33 -1.38 -10.46 6.64
N GLU A 34 -2.62 -10.54 7.02
CA GLU A 34 -3.69 -9.85 6.38
C GLU A 34 -3.49 -8.36 6.49
N TYR A 35 -3.56 -7.73 5.37
CA TYR A 35 -3.42 -6.30 5.24
C TYR A 35 -4.33 -5.88 4.11
N GLU A 36 -5.17 -6.84 3.68
CA GLU A 36 -6.03 -6.67 2.53
C GLU A 36 -7.32 -7.46 2.74
N ILE A 37 -8.23 -7.33 1.79
CA ILE A 37 -9.49 -8.04 1.78
C ILE A 37 -9.64 -8.75 0.43
N HIS A 38 -10.51 -9.77 0.33
CA HIS A 38 -10.77 -10.50 -0.93
C HIS A 38 -11.45 -9.62 -1.94
N MET A 39 -10.68 -8.75 -2.45
CA MET A 39 -11.06 -7.81 -3.46
C MET A 39 -10.02 -7.86 -4.60
N LYS A 40 -9.39 -6.76 -4.92
CA LYS A 40 -8.37 -6.75 -5.97
C LYS A 40 -7.31 -5.70 -5.58
N ARG A 41 -6.05 -6.14 -5.47
CA ARG A 41 -4.95 -5.26 -5.06
C ARG A 41 -4.10 -4.89 -6.28
N ALA A 42 -3.21 -3.92 -6.17
CA ALA A 42 -2.39 -3.51 -7.33
C ALA A 42 -1.04 -2.92 -6.93
N GLY A 43 -0.09 -3.77 -6.58
CA GLY A 43 1.20 -3.28 -6.12
C GLY A 43 2.33 -3.47 -7.04
N PHE A 44 2.45 -2.57 -7.97
CA PHE A 44 3.52 -2.60 -8.92
C PHE A 44 4.82 -2.22 -8.23
N ARG A 45 4.86 -1.00 -7.76
CA ARG A 45 6.05 -0.49 -7.16
C ARG A 45 6.18 -0.86 -5.71
N GLU A 46 5.07 -0.84 -5.02
CA GLU A 46 5.08 -1.17 -3.63
C GLU A 46 5.23 -2.63 -3.34
N CYS A 47 5.31 -3.44 -4.39
CA CYS A 47 5.58 -4.87 -4.23
C CYS A 47 6.85 -5.05 -3.34
N ALA A 48 7.87 -4.25 -3.66
CA ALA A 48 9.11 -4.27 -2.90
C ALA A 48 8.90 -3.67 -1.51
N ALA A 49 8.13 -2.60 -1.46
CA ALA A 49 7.80 -1.87 -0.25
C ALA A 49 7.09 -2.71 0.78
N MET A 50 6.08 -3.43 0.33
CA MET A 50 5.25 -4.25 1.25
C MET A 50 6.10 -5.25 2.01
N ILE A 51 7.09 -5.82 1.33
CA ILE A 51 8.00 -6.79 1.94
C ILE A 51 8.74 -6.14 3.11
N GLU A 52 9.10 -4.89 2.91
CA GLU A 52 9.82 -4.14 3.90
C GLU A 52 8.87 -3.72 5.01
N LYS A 53 7.69 -3.28 4.61
CA LYS A 53 6.66 -2.79 5.51
C LYS A 53 6.17 -3.85 6.46
N LYS A 54 6.40 -5.09 6.10
CA LYS A 54 6.02 -6.21 6.93
C LYS A 54 6.86 -6.22 8.22
N ALA A 55 8.06 -5.67 8.14
CA ALA A 55 8.95 -5.69 9.26
C ALA A 55 8.42 -4.84 10.40
N ARG A 56 8.09 -3.60 10.10
CA ARG A 56 7.60 -2.67 11.11
C ARG A 56 6.92 -1.51 10.45
N ARG A 57 7.72 -0.70 9.83
CA ARG A 57 7.30 0.50 9.16
C ARG A 57 8.42 0.90 8.25
N VAL A 58 8.19 0.91 6.98
CA VAL A 58 9.24 1.27 6.06
C VAL A 58 8.72 2.21 4.98
N VAL A 59 9.56 3.14 4.58
CA VAL A 59 9.26 4.05 3.51
C VAL A 59 9.90 3.49 2.25
N HIS A 60 9.29 3.68 1.12
CA HIS A 60 9.79 3.17 -0.09
C HIS A 60 9.61 4.21 -1.12
N ILE A 61 10.68 4.61 -1.71
CA ILE A 61 10.65 5.58 -2.74
C ILE A 61 10.25 4.85 -4.00
N LYS A 62 9.39 5.49 -4.77
CA LYS A 62 8.79 4.93 -5.99
C LYS A 62 7.73 3.89 -5.60
N PRO A 63 6.61 4.32 -4.95
CA PRO A 63 5.53 3.43 -4.61
C PRO A 63 4.50 3.32 -5.74
N GLY A 64 3.62 2.33 -5.65
CA GLY A 64 2.62 2.16 -6.67
C GLY A 64 1.74 0.98 -6.38
N GLU A 65 1.14 1.00 -5.22
CA GLU A 65 0.18 0.01 -4.80
C GLU A 65 -1.15 0.67 -4.44
N LYS A 66 -2.19 -0.03 -4.73
CA LYS A 66 -3.54 0.35 -4.46
C LYS A 66 -4.29 -0.86 -4.01
N ILE A 67 -4.10 -1.19 -2.75
CA ILE A 67 -4.73 -2.33 -2.21
C ILE A 67 -6.21 -2.09 -2.06
N LEU A 68 -6.95 -2.71 -2.95
CA LEU A 68 -8.43 -2.74 -3.01
C LEU A 68 -9.07 -1.38 -3.36
N GLY A 69 -8.35 -0.35 -3.11
CA GLY A 69 -8.82 0.99 -3.30
C GLY A 69 -9.21 1.54 -1.94
N ALA A 70 -9.64 0.63 -1.08
CA ALA A 70 -10.01 0.93 0.25
C ALA A 70 -9.14 0.05 1.08
N ARG A 71 -8.70 0.51 2.20
CA ARG A 71 -7.80 -0.30 2.97
C ARG A 71 -8.48 -1.10 4.06
N ILE A 72 -8.76 -2.34 3.75
CA ILE A 72 -9.35 -3.24 4.68
C ILE A 72 -8.28 -4.21 5.01
N ILE A 73 -7.88 -4.26 6.25
CA ILE A 73 -6.80 -5.13 6.65
C ILE A 73 -7.30 -6.53 6.98
N GLY A 74 -8.46 -6.60 7.59
CA GLY A 74 -9.02 -7.87 8.00
C GLY A 74 -8.64 -8.18 9.42
N ILE A 75 -7.88 -7.29 10.01
CA ILE A 75 -7.40 -7.39 11.37
C ILE A 75 -7.53 -5.99 11.94
N PRO A 76 -8.15 -5.82 13.14
CA PRO A 76 -8.38 -4.50 13.77
C PRO A 76 -7.10 -3.67 13.88
N PRO A 77 -6.94 -2.62 13.06
CA PRO A 77 -5.78 -1.77 13.08
C PRO A 77 -6.12 -0.33 13.52
N VAL A 78 -5.15 0.54 13.36
CA VAL A 78 -5.34 1.94 13.64
C VAL A 78 -5.23 2.66 12.31
N PRO A 79 -6.35 3.18 11.77
CA PRO A 79 -6.37 3.90 10.47
C PRO A 79 -5.52 5.14 10.51
N ILE A 80 -4.50 5.19 9.68
CA ILE A 80 -3.64 6.34 9.66
C ILE A 80 -3.53 6.81 8.25
N GLY A 81 -4.25 7.83 7.95
CA GLY A 81 -4.21 8.42 6.65
C GLY A 81 -3.73 9.84 6.75
N ILE A 82 -2.44 9.97 6.84
CA ILE A 82 -1.76 11.24 6.97
C ILE A 82 -0.83 11.42 5.80
N ASP A 83 -1.12 12.38 4.96
CA ASP A 83 -0.31 12.59 3.78
C ASP A 83 0.18 14.01 3.66
N GLU A 84 1.48 14.15 3.49
CA GLU A 84 2.07 15.47 3.31
C GLU A 84 1.96 15.89 1.86
N GLU A 85 2.33 14.98 0.98
CA GLU A 85 2.26 15.17 -0.44
C GLU A 85 2.56 13.82 -1.04
N ARG A 86 2.30 13.65 -2.32
CA ARG A 86 2.55 12.39 -2.98
C ARG A 86 4.02 12.22 -3.25
N SER A 87 4.71 13.30 -3.45
CA SER A 87 6.11 13.22 -3.69
C SER A 87 6.85 13.51 -2.38
N THR A 88 6.24 13.11 -1.31
CA THR A 88 6.77 13.24 0.02
C THR A 88 6.25 12.04 0.82
N VAL A 89 6.86 11.76 1.93
CA VAL A 89 6.47 10.65 2.78
C VAL A 89 5.05 10.80 3.34
N MET A 90 4.25 9.83 3.08
CA MET A 90 2.89 9.79 3.57
C MET A 90 2.59 8.43 4.13
N ILE A 91 1.70 8.38 5.08
CA ILE A 91 1.24 7.16 5.67
C ILE A 91 -0.25 7.15 5.43
N PRO A 92 -0.71 6.58 4.32
CA PRO A 92 -2.11 6.56 3.95
C PRO A 92 -2.77 5.19 4.16
N TYR A 93 -2.52 4.54 5.28
CA TYR A 93 -3.08 3.27 5.49
C TYR A 93 -3.50 3.06 6.90
N THR A 94 -2.72 2.36 7.59
CA THR A 94 -3.00 1.99 8.93
C THR A 94 -1.75 1.52 9.66
N LYS A 95 -1.95 1.17 10.92
CA LYS A 95 -0.97 0.58 11.79
C LYS A 95 -1.57 -0.76 12.23
N PRO A 96 -1.40 -1.80 11.44
CA PRO A 96 -1.97 -3.09 11.70
C PRO A 96 -0.96 -4.12 12.23
N CYS A 97 -1.39 -5.36 12.23
CA CYS A 97 -0.60 -6.49 12.65
C CYS A 97 0.47 -6.80 11.60
N TYR A 98 0.23 -6.36 10.38
CA TYR A 98 1.15 -6.57 9.30
C TYR A 98 2.36 -5.64 9.42
N GLY A 99 2.13 -4.35 9.23
CA GLY A 99 3.18 -3.37 9.32
C GLY A 99 2.69 -2.04 8.82
N THR A 100 3.40 -0.99 9.15
CA THR A 100 3.02 0.35 8.78
C THR A 100 3.68 0.70 7.45
N ALA A 101 3.04 1.55 6.70
CA ALA A 101 3.51 1.86 5.41
C ALA A 101 3.69 3.35 5.16
N VAL A 102 4.87 3.71 4.73
CA VAL A 102 5.19 5.07 4.36
C VAL A 102 5.56 5.00 2.89
N VAL A 103 5.00 5.84 2.09
CA VAL A 103 5.31 5.82 0.68
C VAL A 103 5.81 7.21 0.30
N GLU A 104 6.79 7.27 -0.58
CA GLU A 104 7.32 8.54 -1.04
C GLU A 104 7.66 8.42 -2.52
N LEU A 105 7.07 9.25 -3.32
CA LEU A 105 7.27 9.20 -4.73
C LEU A 105 8.29 10.28 -5.14
N PRO A 106 9.25 9.97 -6.03
CA PRO A 106 10.22 10.96 -6.51
C PRO A 106 9.69 11.74 -7.72
N VAL A 107 8.55 11.32 -8.19
CA VAL A 107 7.89 11.87 -9.35
C VAL A 107 6.84 12.83 -8.86
N ASP A 108 6.37 13.68 -9.73
CA ASP A 108 5.38 14.69 -9.40
C ASP A 108 4.06 14.03 -9.00
N PRO A 109 3.32 14.62 -8.03
CA PRO A 109 2.00 14.14 -7.58
C PRO A 109 0.98 13.85 -8.72
N GLU A 110 1.29 14.24 -9.97
CA GLU A 110 0.43 13.97 -11.13
C GLU A 110 0.21 12.47 -11.33
N GLU A 111 1.09 11.67 -10.72
CA GLU A 111 0.95 10.24 -10.76
C GLU A 111 -0.34 9.79 -10.13
N ILE A 112 -0.95 10.65 -9.29
CA ILE A 112 -2.22 10.34 -8.67
C ILE A 112 -3.31 10.16 -9.73
N GLU A 113 -3.26 10.96 -10.81
CA GLU A 113 -4.24 10.82 -11.90
C GLU A 113 -4.13 9.42 -12.52
N ARG A 114 -2.90 8.98 -12.64
CA ARG A 114 -2.56 7.66 -13.16
C ARG A 114 -3.01 6.59 -12.15
N ILE A 115 -2.68 6.82 -10.91
CA ILE A 115 -2.96 5.91 -9.81
C ILE A 115 -4.47 5.93 -9.46
N LEU A 116 -5.19 6.87 -10.01
CA LEU A 116 -6.63 6.95 -9.82
C LEU A 116 -7.28 5.97 -10.79
N GLU A 117 -6.63 5.79 -11.92
CA GLU A 117 -7.05 4.85 -12.94
C GLU A 117 -6.66 3.46 -12.49
N VAL A 118 -5.56 3.40 -11.81
CA VAL A 118 -4.98 2.17 -11.30
C VAL A 118 -5.32 2.06 -9.78
N ALA A 119 -6.46 2.64 -9.41
CA ALA A 119 -6.93 2.62 -8.01
C ALA A 119 -7.32 1.22 -7.57
N GLU A 120 -7.60 0.38 -8.54
CA GLU A 120 -7.96 -1.00 -8.32
C GLU A 120 -7.32 -1.94 -9.34
N PRO A 121 -7.59 -1.77 -10.66
CA PRO A 121 -7.08 -2.69 -11.64
C PRO A 121 -5.72 -2.28 -12.21
N HIS A 20 9.52 -4.56 -10.38
CA HIS A 20 8.73 -5.32 -9.42
C HIS A 20 7.27 -5.03 -9.65
N MET A 21 6.42 -5.96 -9.28
CA MET A 21 4.97 -5.81 -9.38
C MET A 21 4.29 -6.96 -8.69
N THR A 22 3.34 -6.64 -7.85
CA THR A 22 2.61 -7.65 -7.14
C THR A 22 1.13 -7.56 -7.45
N PHE A 23 0.59 -8.67 -7.86
CA PHE A 23 -0.81 -8.78 -8.20
C PHE A 23 -1.39 -10.02 -7.56
N CYS A 24 -0.73 -10.48 -6.53
CA CYS A 24 -1.19 -11.62 -5.80
C CYS A 24 -1.83 -11.19 -4.49
N LEU A 25 -3.08 -10.73 -4.60
CA LEU A 25 -3.86 -10.21 -3.50
C LEU A 25 -4.27 -11.31 -2.57
N GLU A 26 -4.90 -12.33 -3.10
CA GLU A 26 -5.41 -13.39 -2.28
C GLU A 26 -4.29 -14.34 -1.80
N THR A 27 -3.09 -13.97 -2.13
CA THR A 27 -1.93 -14.68 -1.72
C THR A 27 -1.50 -14.11 -0.33
N TYR A 28 -2.25 -13.08 0.12
CA TYR A 28 -2.04 -12.47 1.45
C TYR A 28 -2.33 -13.48 2.55
N LEU A 29 -3.04 -14.53 2.16
CA LEU A 29 -3.45 -15.55 3.06
C LEU A 29 -2.24 -16.43 3.35
N GLN A 30 -1.41 -16.61 2.32
CA GLN A 30 -0.19 -17.41 2.42
C GLN A 30 0.79 -16.66 3.30
N GLN A 31 0.67 -15.35 3.24
CA GLN A 31 1.50 -14.45 4.01
C GLN A 31 1.01 -14.39 5.45
N SER A 32 -0.20 -14.89 5.67
CA SER A 32 -0.82 -14.95 6.98
C SER A 32 -1.11 -13.54 7.48
N GLY A 33 -1.37 -12.66 6.57
CA GLY A 33 -1.64 -11.31 6.93
C GLY A 33 -2.36 -10.60 5.85
N GLU A 34 -3.67 -10.67 5.88
CA GLU A 34 -4.49 -9.98 4.93
C GLU A 34 -4.25 -8.48 5.02
N TYR A 35 -4.06 -7.85 3.88
CA TYR A 35 -3.75 -6.44 3.83
C TYR A 35 -4.51 -5.81 2.68
N GLU A 36 -5.45 -6.54 2.14
CA GLU A 36 -6.21 -6.12 0.98
C GLU A 36 -7.61 -6.67 1.10
N ILE A 37 -8.46 -6.32 0.17
CA ILE A 37 -9.80 -6.85 0.14
C ILE A 37 -9.91 -7.59 -1.18
N HIS A 38 -10.78 -8.59 -1.29
CA HIS A 38 -10.92 -9.39 -2.53
C HIS A 38 -11.54 -8.57 -3.68
N MET A 39 -10.71 -7.74 -4.17
CA MET A 39 -10.94 -6.84 -5.28
C MET A 39 -9.73 -6.97 -6.23
N LYS A 40 -9.31 -5.90 -6.88
CA LYS A 40 -8.14 -5.96 -7.77
C LYS A 40 -7.06 -5.01 -7.28
N ARG A 41 -5.87 -5.52 -7.14
CA ARG A 41 -4.74 -4.77 -6.64
C ARG A 41 -3.74 -4.38 -7.73
N ALA A 42 -2.73 -3.60 -7.35
CA ALA A 42 -1.68 -3.18 -8.25
C ALA A 42 -0.46 -2.65 -7.49
N GLY A 43 0.32 -3.53 -6.94
CA GLY A 43 1.50 -3.13 -6.21
C GLY A 43 2.72 -3.08 -7.10
N PHE A 44 2.83 -2.06 -7.92
CA PHE A 44 3.96 -1.96 -8.84
C PHE A 44 5.20 -1.53 -8.09
N ARG A 45 5.18 -0.31 -7.64
CA ARG A 45 6.32 0.26 -6.94
C ARG A 45 6.43 -0.29 -5.53
N GLU A 46 5.30 -0.36 -4.86
CA GLU A 46 5.29 -0.83 -3.49
C GLU A 46 5.41 -2.33 -3.37
N CYS A 47 5.56 -3.03 -4.50
CA CYS A 47 5.79 -4.48 -4.47
C CYS A 47 6.95 -4.78 -3.51
N ALA A 48 8.01 -3.99 -3.60
CA ALA A 48 9.16 -4.15 -2.74
C ALA A 48 8.86 -3.59 -1.35
N ALA A 49 8.07 -2.51 -1.30
CA ALA A 49 7.66 -1.88 -0.06
C ALA A 49 6.88 -2.81 0.81
N MET A 50 5.87 -3.49 0.24
CA MET A 50 5.02 -4.39 1.03
C MET A 50 5.85 -5.48 1.66
N ILE A 51 6.87 -5.91 0.94
CA ILE A 51 7.78 -6.90 1.42
C ILE A 51 8.50 -6.40 2.67
N GLU A 52 8.76 -5.13 2.73
CA GLU A 52 9.42 -4.57 3.88
C GLU A 52 8.38 -4.21 4.96
N LYS A 53 7.19 -3.83 4.51
CA LYS A 53 6.07 -3.50 5.38
C LYS A 53 5.69 -4.67 6.29
N LYS A 54 6.13 -5.87 5.96
CA LYS A 54 5.85 -7.02 6.80
C LYS A 54 6.75 -7.04 8.04
N ALA A 55 7.82 -6.27 8.02
CA ALA A 55 8.76 -6.26 9.13
C ALA A 55 8.18 -5.57 10.36
N ARG A 56 7.44 -4.49 10.12
CA ARG A 56 6.76 -3.72 11.16
C ARG A 56 6.10 -2.54 10.49
N ARG A 57 6.93 -1.62 10.09
CA ARG A 57 6.53 -0.40 9.48
C ARG A 57 7.75 0.06 8.69
N VAL A 58 7.68 0.14 7.40
CA VAL A 58 8.86 0.54 6.64
C VAL A 58 8.54 1.60 5.61
N VAL A 59 9.51 2.49 5.40
CA VAL A 59 9.41 3.53 4.42
C VAL A 59 10.03 3.05 3.12
N HIS A 60 9.40 3.35 2.03
CA HIS A 60 9.87 2.94 0.78
C HIS A 60 9.66 4.09 -0.15
N ILE A 61 10.71 4.48 -0.78
CA ILE A 61 10.69 5.60 -1.66
C ILE A 61 10.24 5.14 -3.05
N LYS A 62 9.43 5.96 -3.70
CA LYS A 62 8.82 5.65 -4.99
C LYS A 62 7.78 4.55 -4.84
N PRO A 63 6.67 4.80 -4.11
CA PRO A 63 5.59 3.84 -3.94
C PRO A 63 4.53 3.93 -5.05
N GLY A 64 3.74 2.88 -5.19
CA GLY A 64 2.74 2.82 -6.22
C GLY A 64 2.03 1.50 -6.18
N GLU A 65 1.38 1.27 -5.10
CA GLU A 65 0.58 0.09 -4.88
C GLU A 65 -0.85 0.51 -4.66
N LYS A 66 -1.60 0.37 -5.69
CA LYS A 66 -2.99 0.68 -5.65
C LYS A 66 -3.75 -0.55 -5.37
N ILE A 67 -3.97 -0.79 -4.13
CA ILE A 67 -4.70 -1.93 -3.78
C ILE A 67 -6.15 -1.59 -3.68
N LEU A 68 -6.90 -2.12 -4.64
CA LEU A 68 -8.37 -2.06 -4.74
C LEU A 68 -8.87 -0.65 -5.03
N GLY A 69 -7.97 0.29 -5.12
CA GLY A 69 -8.32 1.67 -5.33
C GLY A 69 -8.55 2.36 -3.99
N ALA A 70 -9.05 1.59 -3.06
CA ALA A 70 -9.33 2.02 -1.73
C ALA A 70 -8.59 1.08 -0.83
N ARG A 71 -7.73 1.63 -0.01
CA ARG A 71 -6.90 0.87 0.89
C ARG A 71 -7.77 0.12 1.93
N ILE A 72 -8.03 -1.18 1.72
CA ILE A 72 -8.78 -1.95 2.66
C ILE A 72 -7.88 -3.07 3.08
N ILE A 73 -7.76 -3.30 4.35
CA ILE A 73 -6.87 -4.31 4.88
C ILE A 73 -7.67 -5.57 5.22
N GLY A 74 -8.90 -5.35 5.61
CA GLY A 74 -9.77 -6.43 5.97
C GLY A 74 -9.83 -6.55 7.47
N ILE A 75 -8.76 -6.14 8.08
CA ILE A 75 -8.61 -6.13 9.49
C ILE A 75 -8.49 -4.68 9.91
N PRO A 76 -9.45 -4.18 10.70
CA PRO A 76 -9.47 -2.78 11.13
C PRO A 76 -8.37 -2.44 12.16
N PRO A 77 -7.39 -1.61 11.75
CA PRO A 77 -6.33 -1.17 12.65
C PRO A 77 -6.76 0.14 13.28
N VAL A 78 -5.87 0.78 13.98
CA VAL A 78 -6.21 2.04 14.53
C VAL A 78 -6.00 3.06 13.40
N PRO A 79 -6.95 3.98 13.16
CA PRO A 79 -6.83 4.91 12.06
C PRO A 79 -5.94 6.13 12.38
N ILE A 80 -4.63 5.91 12.49
CA ILE A 80 -3.74 7.02 12.70
C ILE A 80 -3.12 7.39 11.37
N GLY A 81 -3.75 8.30 10.71
CA GLY A 81 -3.29 8.69 9.43
C GLY A 81 -2.35 9.85 9.51
N ILE A 82 -1.09 9.57 9.37
CA ILE A 82 -0.09 10.59 9.37
C ILE A 82 0.33 10.83 7.93
N ASP A 83 -0.50 11.51 7.20
CA ASP A 83 -0.22 11.77 5.81
C ASP A 83 0.07 13.22 5.60
N GLU A 84 1.26 13.49 5.13
CA GLU A 84 1.69 14.85 4.89
C GLU A 84 1.36 15.26 3.47
N GLU A 85 1.86 14.48 2.56
CA GLU A 85 1.72 14.69 1.15
C GLU A 85 2.07 13.36 0.53
N ARG A 86 1.79 13.18 -0.72
CA ARG A 86 2.09 11.92 -1.38
C ARG A 86 3.55 11.92 -1.76
N SER A 87 4.05 13.10 -1.96
CA SER A 87 5.42 13.32 -2.28
C SER A 87 6.20 13.61 -0.99
N THR A 88 5.72 13.02 0.05
CA THR A 88 6.28 13.10 1.37
C THR A 88 5.85 11.82 2.06
N VAL A 89 6.49 11.47 3.14
CA VAL A 89 6.15 10.27 3.87
C VAL A 89 4.74 10.33 4.45
N MET A 90 4.01 9.28 4.23
CA MET A 90 2.69 9.13 4.78
C MET A 90 2.63 7.80 5.49
N ILE A 91 2.27 7.85 6.76
CA ILE A 91 2.16 6.67 7.58
C ILE A 91 0.70 6.50 7.95
N PRO A 92 -0.02 5.66 7.23
CA PRO A 92 -1.41 5.42 7.53
C PRO A 92 -1.63 4.22 8.46
N TYR A 93 -2.69 4.32 9.27
CA TYR A 93 -3.13 3.30 10.18
C TYR A 93 -2.25 3.27 11.39
N THR A 94 -2.20 2.17 12.04
CA THR A 94 -1.42 2.07 13.19
C THR A 94 -0.83 0.65 13.28
N LYS A 95 -1.69 -0.29 13.67
CA LYS A 95 -1.29 -1.68 13.79
C LYS A 95 -2.26 -2.55 13.04
N PRO A 96 -2.00 -2.80 11.78
CA PRO A 96 -2.82 -3.66 10.97
C PRO A 96 -2.41 -5.13 11.14
N CYS A 97 -2.96 -6.00 10.32
CA CYS A 97 -2.65 -7.41 10.43
C CYS A 97 -1.33 -7.73 9.74
N TYR A 98 -1.05 -7.04 8.66
CA TYR A 98 0.15 -7.29 7.90
C TYR A 98 1.31 -6.43 8.42
N GLY A 99 1.22 -5.14 8.22
CA GLY A 99 2.25 -4.24 8.66
C GLY A 99 1.86 -2.83 8.36
N THR A 100 2.60 -1.90 8.88
CA THR A 100 2.31 -0.52 8.71
C THR A 100 3.21 0.02 7.58
N ALA A 101 2.78 1.04 6.89
CA ALA A 101 3.52 1.54 5.76
C ALA A 101 3.90 2.98 5.91
N VAL A 102 5.01 3.34 5.33
CA VAL A 102 5.49 4.71 5.29
C VAL A 102 5.91 4.90 3.85
N VAL A 103 5.10 5.47 3.05
CA VAL A 103 5.46 5.59 1.66
C VAL A 103 5.69 7.05 1.27
N GLU A 104 6.76 7.29 0.52
CA GLU A 104 7.10 8.64 0.09
C GLU A 104 7.49 8.63 -1.37
N LEU A 105 6.84 9.44 -2.15
CA LEU A 105 7.11 9.52 -3.56
C LEU A 105 7.97 10.76 -3.83
N PRO A 106 9.13 10.61 -4.49
CA PRO A 106 10.00 11.76 -4.84
C PRO A 106 9.52 12.43 -6.13
N VAL A 107 8.32 12.08 -6.53
CA VAL A 107 7.68 12.60 -7.69
C VAL A 107 6.50 13.39 -7.18
N ASP A 108 6.11 14.38 -7.91
CA ASP A 108 5.02 15.27 -7.56
C ASP A 108 3.69 14.51 -7.46
N PRO A 109 2.70 15.02 -6.67
CA PRO A 109 1.37 14.37 -6.47
C PRO A 109 0.61 14.13 -7.78
N GLU A 110 1.03 14.82 -8.83
CA GLU A 110 0.44 14.68 -10.17
C GLU A 110 0.65 13.26 -10.73
N GLU A 111 1.58 12.53 -10.13
CA GLU A 111 1.86 11.15 -10.50
C GLU A 111 0.67 10.27 -10.09
N ILE A 112 -0.13 10.77 -9.16
CA ILE A 112 -1.30 10.05 -8.68
C ILE A 112 -2.33 9.92 -9.76
N GLU A 113 -2.36 10.85 -10.70
CA GLU A 113 -3.31 10.77 -11.82
C GLU A 113 -3.07 9.47 -12.60
N ARG A 114 -1.80 9.18 -12.81
CA ARG A 114 -1.36 7.99 -13.48
C ARG A 114 -1.76 6.76 -12.66
N ILE A 115 -1.44 6.82 -11.41
CA ILE A 115 -1.69 5.75 -10.48
C ILE A 115 -3.22 5.57 -10.23
N LEU A 116 -4.00 6.60 -10.52
CA LEU A 116 -5.46 6.56 -10.38
C LEU A 116 -6.06 5.66 -11.45
N GLU A 117 -5.40 5.57 -12.58
CA GLU A 117 -5.83 4.70 -13.67
C GLU A 117 -5.52 3.26 -13.27
N VAL A 118 -4.45 3.15 -12.53
CA VAL A 118 -3.88 1.91 -12.02
C VAL A 118 -4.59 1.50 -10.71
N ALA A 119 -5.52 2.34 -10.26
CA ALA A 119 -6.27 2.11 -9.03
C ALA A 119 -6.94 0.76 -9.00
N GLU A 120 -7.38 0.33 -10.12
CA GLU A 120 -8.03 -0.92 -10.21
C GLU A 120 -7.76 -1.50 -11.62
N PRO A 121 -6.72 -2.34 -11.77
CA PRO A 121 -6.39 -2.97 -13.03
C PRO A 121 -6.95 -4.39 -13.13
N HIS A 20 10.17 -6.31 -8.75
CA HIS A 20 8.90 -6.28 -8.02
C HIS A 20 8.05 -5.10 -8.42
N MET A 21 6.99 -5.38 -9.13
CA MET A 21 6.00 -4.41 -9.56
C MET A 21 4.66 -5.13 -9.58
N THR A 22 3.71 -4.63 -8.87
CA THR A 22 2.42 -5.27 -8.77
C THR A 22 1.43 -4.62 -9.71
N PHE A 23 0.98 -5.38 -10.69
CA PHE A 23 -0.01 -4.89 -11.60
C PHE A 23 -1.13 -5.90 -11.71
N CYS A 24 -1.15 -6.82 -10.78
CA CYS A 24 -2.18 -7.83 -10.69
C CYS A 24 -2.60 -7.94 -9.23
N LEU A 25 -3.75 -7.37 -8.89
CA LEU A 25 -4.21 -7.34 -7.51
C LEU A 25 -4.81 -8.68 -7.08
N GLU A 26 -5.46 -9.33 -8.01
CA GLU A 26 -6.15 -10.58 -7.79
C GLU A 26 -5.16 -11.73 -7.64
N THR A 27 -3.96 -11.55 -8.12
CA THR A 27 -2.97 -12.55 -7.97
C THR A 27 -2.55 -12.58 -6.50
N TYR A 28 -2.53 -11.41 -5.88
CA TYR A 28 -2.19 -11.30 -4.49
C TYR A 28 -3.25 -11.87 -3.61
N LEU A 29 -4.47 -11.85 -4.12
CA LEU A 29 -5.60 -12.44 -3.44
C LEU A 29 -5.29 -13.93 -3.29
N GLN A 30 -4.93 -14.51 -4.41
CA GLN A 30 -4.64 -15.92 -4.53
C GLN A 30 -3.36 -16.30 -3.82
N GLN A 31 -2.45 -15.36 -3.70
CA GLN A 31 -1.21 -15.61 -3.05
C GLN A 31 -1.35 -15.62 -1.55
N SER A 32 -2.08 -14.66 -1.02
CA SER A 32 -2.23 -14.53 0.41
C SER A 32 -3.58 -13.96 0.76
N GLY A 33 -3.90 -12.88 0.14
CA GLY A 33 -5.12 -12.19 0.39
C GLY A 33 -5.04 -10.84 -0.23
N GLU A 34 -6.16 -10.20 -0.40
CA GLU A 34 -6.18 -8.89 -1.01
C GLU A 34 -5.46 -7.87 -0.14
N TYR A 35 -4.71 -7.03 -0.80
CA TYR A 35 -3.98 -5.92 -0.19
C TYR A 35 -4.27 -4.67 -1.01
N GLU A 36 -5.12 -4.88 -2.00
CA GLU A 36 -5.50 -3.92 -2.97
C GLU A 36 -6.93 -4.26 -3.38
N ILE A 37 -7.76 -3.27 -3.64
CA ILE A 37 -9.12 -3.53 -4.06
C ILE A 37 -9.13 -3.83 -5.57
N HIS A 38 -10.22 -4.43 -6.10
CA HIS A 38 -10.32 -4.78 -7.52
C HIS A 38 -10.53 -3.51 -8.34
N MET A 39 -9.48 -2.79 -8.42
CA MET A 39 -9.32 -1.57 -9.14
C MET A 39 -7.94 -1.61 -9.75
N LYS A 40 -7.49 -0.57 -10.42
CA LYS A 40 -6.19 -0.61 -11.07
C LYS A 40 -5.08 -0.36 -10.09
N ARG A 41 -4.27 -1.34 -9.93
CA ARG A 41 -3.20 -1.27 -9.02
C ARG A 41 -1.89 -1.15 -9.80
N ALA A 42 -1.06 -0.27 -9.37
CA ALA A 42 0.24 -0.08 -9.96
C ALA A 42 1.23 0.07 -8.82
N GLY A 43 1.60 -1.04 -8.28
CA GLY A 43 2.47 -1.02 -7.15
C GLY A 43 3.88 -1.29 -7.50
N PHE A 44 4.59 -0.27 -7.97
CA PHE A 44 5.98 -0.45 -8.38
C PHE A 44 6.88 -0.71 -7.19
N ARG A 45 7.26 0.31 -6.46
CA ARG A 45 8.20 0.08 -5.35
C ARG A 45 7.55 -0.57 -4.14
N GLU A 46 6.26 -0.30 -3.90
CA GLU A 46 5.58 -0.85 -2.73
C GLU A 46 5.37 -2.35 -2.93
N CYS A 47 5.58 -2.84 -4.16
CA CYS A 47 5.51 -4.27 -4.43
C CYS A 47 6.58 -4.99 -3.58
N ALA A 48 7.70 -4.32 -3.34
CA ALA A 48 8.77 -4.88 -2.55
C ALA A 48 8.35 -4.98 -1.12
N ALA A 49 7.76 -3.94 -0.64
CA ALA A 49 7.30 -3.84 0.70
C ALA A 49 6.15 -4.77 1.03
N MET A 50 5.18 -4.89 0.13
CA MET A 50 4.01 -5.74 0.37
C MET A 50 4.42 -7.19 0.65
N ILE A 51 5.53 -7.61 0.02
CA ILE A 51 6.07 -8.94 0.23
C ILE A 51 6.48 -9.10 1.69
N GLU A 52 7.06 -8.05 2.23
CA GLU A 52 7.55 -8.02 3.59
C GLU A 52 6.38 -7.84 4.57
N LYS A 53 5.40 -7.04 4.16
CA LYS A 53 4.22 -6.72 4.98
C LYS A 53 3.35 -7.94 5.24
N LYS A 54 3.59 -8.98 4.48
CA LYS A 54 2.93 -10.26 4.62
C LYS A 54 3.37 -10.92 5.95
N ALA A 55 4.55 -10.53 6.44
CA ALA A 55 5.09 -11.09 7.66
C ALA A 55 4.33 -10.59 8.89
N ARG A 56 3.97 -9.31 8.88
CA ARG A 56 3.22 -8.66 9.97
C ARG A 56 3.01 -7.20 9.63
N ARG A 57 4.10 -6.47 9.66
CA ARG A 57 4.09 -5.05 9.39
C ARG A 57 5.50 -4.61 9.10
N VAL A 58 5.71 -3.99 7.96
CA VAL A 58 7.04 -3.55 7.54
C VAL A 58 6.94 -2.15 6.90
N VAL A 59 8.05 -1.42 6.88
CA VAL A 59 8.12 -0.09 6.29
C VAL A 59 8.93 -0.15 4.98
N HIS A 60 8.60 0.71 4.04
CA HIS A 60 9.31 0.78 2.80
C HIS A 60 9.53 2.23 2.53
N ILE A 61 10.74 2.58 2.27
CA ILE A 61 11.09 3.93 2.04
C ILE A 61 11.14 4.15 0.53
N LYS A 62 10.57 5.27 0.09
CA LYS A 62 10.46 5.65 -1.33
C LYS A 62 9.42 4.77 -2.05
N PRO A 63 8.18 4.66 -1.54
CA PRO A 63 7.19 3.85 -2.18
C PRO A 63 6.75 4.50 -3.51
N GLY A 64 6.47 3.68 -4.47
CA GLY A 64 6.10 4.19 -5.77
C GLY A 64 4.94 3.44 -6.28
N GLU A 65 3.98 3.30 -5.44
CA GLU A 65 2.80 2.62 -5.74
C GLU A 65 1.65 3.59 -5.95
N LYS A 66 0.77 3.19 -6.78
CA LYS A 66 -0.44 3.85 -7.09
C LYS A 66 -1.44 2.80 -7.08
N ILE A 67 -1.80 2.52 -5.95
CA ILE A 67 -2.71 1.45 -5.70
C ILE A 67 -4.13 1.91 -5.59
N LEU A 68 -4.88 1.63 -6.66
CA LEU A 68 -6.34 1.87 -6.81
C LEU A 68 -6.76 3.34 -6.64
N GLY A 69 -5.79 4.20 -6.51
CA GLY A 69 -6.07 5.61 -6.25
C GLY A 69 -6.40 5.85 -4.76
N ALA A 70 -6.44 4.75 -4.02
CA ALA A 70 -6.75 4.73 -2.61
C ALA A 70 -6.26 3.40 -2.08
N ARG A 71 -5.55 3.41 -0.98
CA ARG A 71 -4.97 2.19 -0.43
C ARG A 71 -6.05 1.39 0.28
N ILE A 72 -6.75 0.58 -0.46
CA ILE A 72 -7.79 -0.24 0.08
C ILE A 72 -7.29 -1.64 0.08
N ILE A 73 -7.36 -2.29 1.21
CA ILE A 73 -6.88 -3.65 1.35
C ILE A 73 -7.84 -4.58 0.62
N GLY A 74 -9.10 -4.29 0.74
CA GLY A 74 -10.11 -5.11 0.11
C GLY A 74 -10.72 -6.01 1.12
N ILE A 75 -9.94 -6.36 2.09
CA ILE A 75 -10.34 -7.17 3.20
C ILE A 75 -10.50 -6.21 4.34
N PRO A 76 -11.71 -6.12 4.94
CA PRO A 76 -11.99 -5.17 6.04
C PRO A 76 -10.96 -5.25 7.17
N PRO A 77 -10.09 -4.24 7.29
CA PRO A 77 -9.10 -4.19 8.30
C PRO A 77 -9.55 -3.34 9.48
N VAL A 78 -9.30 -3.82 10.66
CA VAL A 78 -9.62 -3.09 11.86
C VAL A 78 -8.70 -1.87 11.90
N PRO A 79 -9.26 -0.65 11.78
CA PRO A 79 -8.47 0.55 11.63
C PRO A 79 -7.98 1.15 12.94
N ILE A 80 -6.84 0.69 13.35
CA ILE A 80 -6.18 1.16 14.53
C ILE A 80 -4.81 1.63 14.07
N GLY A 81 -4.25 2.65 14.65
CA GLY A 81 -2.95 3.02 14.22
C GLY A 81 -2.70 4.50 14.19
N ILE A 82 -1.55 4.89 13.70
CA ILE A 82 -1.15 6.27 13.56
C ILE A 82 -0.72 6.52 12.12
N ASP A 83 -1.58 7.12 11.33
CA ASP A 83 -1.25 7.46 9.95
C ASP A 83 -0.81 8.89 9.93
N GLU A 84 0.47 9.11 9.79
CA GLU A 84 1.01 10.44 9.82
C GLU A 84 0.82 11.13 8.50
N GLU A 85 1.54 10.68 7.52
CA GLU A 85 1.52 11.26 6.22
C GLU A 85 2.23 10.28 5.30
N ARG A 86 2.11 10.49 4.03
CA ARG A 86 2.68 9.65 2.99
C ARG A 86 4.20 9.77 3.08
N SER A 87 4.63 10.94 3.43
CA SER A 87 6.03 11.25 3.51
C SER A 87 6.53 11.17 4.94
N THR A 88 5.94 10.30 5.67
CA THR A 88 6.27 10.08 7.04
C THR A 88 5.92 8.62 7.33
N VAL A 89 6.48 8.07 8.37
CA VAL A 89 6.19 6.71 8.72
C VAL A 89 4.85 6.61 9.40
N MET A 90 4.00 5.87 8.81
CA MET A 90 2.70 5.62 9.35
C MET A 90 2.74 4.29 10.04
N ILE A 91 2.63 4.27 11.34
CA ILE A 91 2.69 3.02 12.06
C ILE A 91 1.29 2.68 12.54
N PRO A 92 0.53 1.91 11.78
CA PRO A 92 -0.75 1.51 12.17
C PRO A 92 -0.78 0.08 12.71
N TYR A 93 -1.93 -0.31 13.12
CA TYR A 93 -2.18 -1.63 13.59
C TYR A 93 -3.46 -2.06 12.97
N THR A 94 -3.37 -2.50 11.78
CA THR A 94 -4.53 -2.89 11.10
C THR A 94 -4.68 -4.37 11.22
N LYS A 95 -5.87 -4.83 11.43
CA LYS A 95 -6.10 -6.24 11.53
C LYS A 95 -6.89 -6.75 10.33
N PRO A 96 -6.21 -7.11 9.23
CA PRO A 96 -6.81 -7.68 8.06
C PRO A 96 -6.47 -9.18 8.00
N CYS A 97 -6.45 -9.75 6.82
CA CYS A 97 -6.08 -11.14 6.69
C CYS A 97 -4.71 -11.21 5.97
N TYR A 98 -4.06 -10.05 5.84
CA TYR A 98 -2.79 -9.96 5.15
C TYR A 98 -1.71 -9.45 6.12
N GLY A 99 -1.63 -8.15 6.32
CA GLY A 99 -0.65 -7.57 7.20
C GLY A 99 -0.82 -6.07 7.26
N THR A 100 0.06 -5.39 7.92
CA THR A 100 0.00 -3.96 8.06
C THR A 100 1.14 -3.32 7.24
N ALA A 101 0.88 -2.15 6.73
CA ALA A 101 1.80 -1.48 5.87
C ALA A 101 2.24 -0.13 6.40
N VAL A 102 3.52 0.13 6.31
CA VAL A 102 4.09 1.39 6.67
C VAL A 102 4.81 1.89 5.41
N VAL A 103 4.28 2.90 4.77
CA VAL A 103 4.90 3.46 3.58
C VAL A 103 5.49 4.84 3.96
N GLU A 104 6.76 5.10 3.64
CA GLU A 104 7.34 6.42 3.92
C GLU A 104 8.08 6.96 2.71
N LEU A 105 7.62 8.06 2.22
CA LEU A 105 8.23 8.70 1.08
C LEU A 105 9.12 9.85 1.58
N PRO A 106 10.35 9.99 1.07
CA PRO A 106 11.26 11.08 1.45
C PRO A 106 11.00 12.34 0.62
N VAL A 107 10.08 12.23 -0.31
CA VAL A 107 9.69 13.31 -1.17
C VAL A 107 8.47 13.95 -0.52
N ASP A 108 8.18 15.17 -0.84
CA ASP A 108 7.06 15.90 -0.24
C ASP A 108 5.70 15.27 -0.63
N PRO A 109 4.67 15.30 0.30
CA PRO A 109 3.31 14.77 0.05
C PRO A 109 2.65 15.28 -1.25
N GLU A 110 3.25 16.30 -1.90
CA GLU A 110 2.76 16.81 -3.18
C GLU A 110 2.71 15.70 -4.23
N GLU A 111 3.50 14.65 -4.01
CA GLU A 111 3.49 13.49 -4.91
C GLU A 111 2.12 12.85 -4.96
N ILE A 112 1.34 12.99 -3.89
CA ILE A 112 -0.01 12.46 -3.86
C ILE A 112 -0.92 13.20 -4.84
N GLU A 113 -0.67 14.48 -5.01
CA GLU A 113 -1.45 15.30 -5.96
C GLU A 113 -1.23 14.74 -7.35
N ARG A 114 0.01 14.43 -7.60
CA ARG A 114 0.46 13.85 -8.83
C ARG A 114 -0.16 12.47 -8.98
N ILE A 115 -0.01 11.68 -7.95
CA ILE A 115 -0.47 10.31 -7.91
C ILE A 115 -1.99 10.20 -7.99
N LEU A 116 -2.70 11.23 -7.59
CA LEU A 116 -4.14 11.22 -7.69
C LEU A 116 -4.56 11.17 -9.15
N GLU A 117 -3.85 11.91 -9.98
CA GLU A 117 -4.16 11.96 -11.40
C GLU A 117 -3.45 10.82 -12.13
N VAL A 118 -2.22 10.60 -11.75
CA VAL A 118 -1.34 9.60 -12.35
C VAL A 118 -1.61 8.17 -11.80
N ALA A 119 -2.60 8.03 -10.95
CA ALA A 119 -2.96 6.75 -10.27
C ALA A 119 -3.07 5.53 -11.19
N GLU A 120 -3.77 5.68 -12.27
CA GLU A 120 -3.96 4.56 -13.18
C GLU A 120 -2.84 4.45 -14.21
N PRO A 121 -2.43 5.55 -14.89
CA PRO A 121 -1.34 5.46 -15.81
C PRO A 121 0.02 5.60 -15.12
N HIS A 20 8.75 -5.09 -11.48
CA HIS A 20 8.04 -5.48 -10.26
C HIS A 20 6.60 -5.09 -10.46
N MET A 21 5.69 -6.04 -10.36
CA MET A 21 4.26 -5.75 -10.53
C MET A 21 3.43 -6.74 -9.73
N THR A 22 2.48 -6.24 -9.00
CA THR A 22 1.57 -7.08 -8.24
C THR A 22 0.13 -6.71 -8.56
N PHE A 23 -0.59 -7.63 -9.16
CA PHE A 23 -1.99 -7.41 -9.49
C PHE A 23 -2.85 -8.53 -8.91
N CYS A 24 -2.21 -9.51 -8.33
CA CYS A 24 -2.91 -10.63 -7.75
C CYS A 24 -3.52 -10.25 -6.39
N LEU A 25 -4.74 -9.74 -6.40
CA LEU A 25 -5.38 -9.31 -5.20
C LEU A 25 -5.95 -10.42 -4.35
N GLU A 26 -6.72 -11.30 -4.94
CA GLU A 26 -7.34 -12.34 -4.15
C GLU A 26 -6.34 -13.45 -3.79
N THR A 27 -5.15 -13.39 -4.38
CA THR A 27 -4.12 -14.33 -4.10
C THR A 27 -3.61 -14.11 -2.67
N TYR A 28 -3.73 -12.88 -2.18
CA TYR A 28 -3.27 -12.56 -0.86
C TYR A 28 -4.19 -13.11 0.20
N LEU A 29 -5.45 -13.34 -0.17
CA LEU A 29 -6.40 -13.93 0.76
C LEU A 29 -5.96 -15.38 0.93
N GLN A 30 -5.54 -15.97 -0.19
CA GLN A 30 -5.11 -17.35 -0.24
C GLN A 30 -3.81 -17.52 0.52
N GLN A 31 -3.08 -16.43 0.65
CA GLN A 31 -1.81 -16.45 1.34
C GLN A 31 -1.93 -15.94 2.77
N SER A 32 -3.16 -15.66 3.20
CA SER A 32 -3.46 -15.22 4.55
C SER A 32 -2.78 -13.89 4.88
N GLY A 33 -2.61 -13.07 3.89
CA GLY A 33 -1.95 -11.81 4.05
C GLY A 33 -2.55 -10.79 3.16
N GLU A 34 -3.78 -10.45 3.43
CA GLU A 34 -4.54 -9.50 2.63
C GLU A 34 -3.97 -8.08 2.77
N TYR A 35 -4.04 -7.35 1.70
CA TYR A 35 -3.56 -5.99 1.64
C TYR A 35 -4.49 -5.22 0.70
N GLU A 36 -5.72 -5.69 0.64
CA GLU A 36 -6.73 -5.13 -0.22
C GLU A 36 -8.09 -5.40 0.27
N ILE A 37 -9.06 -4.76 -0.40
CA ILE A 37 -10.40 -4.99 -0.05
C ILE A 37 -11.08 -5.87 -1.13
N HIS A 38 -10.25 -6.53 -1.93
CA HIS A 38 -10.68 -7.42 -3.02
C HIS A 38 -11.39 -6.64 -4.06
N MET A 39 -10.62 -5.85 -4.73
CA MET A 39 -11.07 -5.00 -5.78
C MET A 39 -9.89 -4.87 -6.74
N LYS A 40 -9.91 -3.98 -7.69
CA LYS A 40 -8.82 -3.88 -8.66
C LYS A 40 -7.60 -3.22 -8.03
N ARG A 41 -6.53 -3.97 -7.87
CA ARG A 41 -5.30 -3.46 -7.27
C ARG A 41 -4.27 -3.30 -8.36
N ALA A 42 -3.23 -2.50 -8.12
CA ALA A 42 -2.17 -2.33 -9.14
C ALA A 42 -0.87 -1.80 -8.54
N GLY A 43 0.00 -2.70 -8.14
CA GLY A 43 1.23 -2.32 -7.48
C GLY A 43 2.44 -2.47 -8.29
N PHE A 44 2.78 -1.43 -9.00
CA PHE A 44 3.93 -1.43 -9.85
C PHE A 44 5.18 -1.25 -9.00
N ARG A 45 5.31 -0.10 -8.41
CA ARG A 45 6.48 0.21 -7.64
C ARG A 45 6.41 -0.36 -6.26
N GLU A 46 5.23 -0.38 -5.72
CA GLU A 46 5.07 -0.83 -4.38
C GLU A 46 5.06 -2.35 -4.27
N CYS A 47 5.09 -3.04 -5.43
CA CYS A 47 5.21 -4.50 -5.48
C CYS A 47 6.34 -4.96 -4.57
N ALA A 48 7.48 -4.29 -4.69
CA ALA A 48 8.66 -4.64 -3.91
C ALA A 48 8.47 -4.29 -2.44
N ALA A 49 7.86 -3.16 -2.20
CA ALA A 49 7.60 -2.67 -0.87
C ALA A 49 6.74 -3.58 -0.05
N MET A 50 5.64 -4.05 -0.65
CA MET A 50 4.69 -4.89 0.06
C MET A 50 5.33 -6.18 0.55
N ILE A 51 6.23 -6.71 -0.23
CA ILE A 51 6.92 -7.94 0.11
C ILE A 51 7.69 -7.76 1.42
N GLU A 52 8.33 -6.63 1.54
CA GLU A 52 9.13 -6.34 2.69
C GLU A 52 8.26 -5.93 3.88
N LYS A 53 7.15 -5.23 3.60
CA LYS A 53 6.20 -4.76 4.63
C LYS A 53 5.62 -5.90 5.45
N LYS A 54 5.62 -7.08 4.86
CA LYS A 54 5.13 -8.28 5.51
C LYS A 54 5.98 -8.66 6.75
N ALA A 55 7.22 -8.17 6.78
CA ALA A 55 8.12 -8.48 7.87
C ALA A 55 7.62 -7.87 9.18
N ARG A 56 7.22 -6.61 9.12
CA ARG A 56 6.65 -5.89 10.26
C ARG A 56 6.21 -4.53 9.75
N ARG A 57 7.17 -3.70 9.41
CA ARG A 57 6.90 -2.38 8.88
C ARG A 57 8.04 -1.98 7.98
N VAL A 58 7.74 -1.67 6.75
CA VAL A 58 8.79 -1.29 5.83
C VAL A 58 8.36 -0.11 4.98
N VAL A 59 9.30 0.75 4.75
CA VAL A 59 9.10 1.90 3.91
C VAL A 59 9.89 1.68 2.62
N HIS A 60 9.36 2.13 1.53
CA HIS A 60 9.97 1.95 0.25
C HIS A 60 9.91 3.27 -0.45
N ILE A 61 11.02 3.70 -0.98
CA ILE A 61 11.08 4.95 -1.69
C ILE A 61 10.64 4.71 -3.12
N LYS A 62 9.89 5.66 -3.67
CA LYS A 62 9.31 5.58 -5.03
C LYS A 62 8.22 4.49 -5.08
N PRO A 63 7.09 4.67 -4.35
CA PRO A 63 6.00 3.71 -4.39
C PRO A 63 5.12 3.92 -5.64
N GLY A 64 4.20 3.00 -5.87
CA GLY A 64 3.37 3.10 -7.03
C GLY A 64 2.30 2.04 -7.06
N GLU A 65 1.61 1.91 -5.96
CA GLU A 65 0.50 0.99 -5.85
C GLU A 65 -0.75 1.76 -5.55
N LYS A 66 -1.83 1.30 -6.10
CA LYS A 66 -3.13 1.88 -5.92
C LYS A 66 -4.04 0.78 -5.77
N ILE A 67 -4.04 0.33 -4.62
CA ILE A 67 -4.83 -0.75 -4.23
C ILE A 67 -6.27 -0.33 -4.16
N LEU A 68 -7.03 -0.84 -5.08
CA LEU A 68 -8.49 -0.68 -5.19
C LEU A 68 -8.89 0.77 -5.37
N GLY A 69 -7.96 1.60 -5.70
CA GLY A 69 -8.22 3.02 -5.82
C GLY A 69 -8.19 3.70 -4.43
N ALA A 70 -8.76 3.02 -3.47
CA ALA A 70 -8.83 3.48 -2.10
C ALA A 70 -8.06 2.49 -1.25
N ARG A 71 -7.05 2.98 -0.58
CA ARG A 71 -6.16 2.21 0.25
C ARG A 71 -6.87 1.51 1.44
N ILE A 72 -7.29 0.28 1.23
CA ILE A 72 -7.93 -0.51 2.26
C ILE A 72 -7.14 -1.80 2.39
N ILE A 73 -6.82 -2.19 3.62
CA ILE A 73 -6.03 -3.39 3.86
C ILE A 73 -6.92 -4.64 3.78
N GLY A 74 -8.18 -4.45 4.11
CA GLY A 74 -9.16 -5.53 4.02
C GLY A 74 -9.11 -6.42 5.23
N ILE A 75 -8.33 -6.01 6.18
CA ILE A 75 -8.17 -6.70 7.41
C ILE A 75 -8.42 -5.68 8.48
N PRO A 76 -9.40 -5.91 9.37
CA PRO A 76 -9.66 -4.99 10.48
C PRO A 76 -8.46 -4.97 11.44
N PRO A 77 -7.67 -3.89 11.46
CA PRO A 77 -6.51 -3.80 12.29
C PRO A 77 -6.69 -2.81 13.42
N VAL A 78 -5.62 -2.55 14.12
CA VAL A 78 -5.63 -1.55 15.14
C VAL A 78 -5.65 -0.22 14.37
N PRO A 79 -6.71 0.57 14.51
CA PRO A 79 -6.96 1.75 13.66
C PRO A 79 -6.07 2.97 13.93
N ILE A 80 -4.81 2.77 14.20
CA ILE A 80 -3.94 3.88 14.43
C ILE A 80 -3.24 4.16 13.12
N GLY A 81 -3.02 5.39 12.78
CA GLY A 81 -2.36 5.63 11.56
C GLY A 81 -2.47 7.03 11.10
N ILE A 82 -1.35 7.60 10.77
CA ILE A 82 -1.28 8.94 10.29
C ILE A 82 -0.68 8.91 8.89
N ASP A 83 -1.11 9.81 8.07
CA ASP A 83 -0.59 9.96 6.73
C ASP A 83 -0.09 11.39 6.70
N GLU A 84 1.19 11.55 6.98
CA GLU A 84 1.80 12.84 7.09
C GLU A 84 1.80 13.57 5.79
N GLU A 85 2.50 13.04 4.87
CA GLU A 85 2.65 13.67 3.60
C GLU A 85 3.09 12.57 2.65
N ARG A 86 3.09 12.82 1.37
CA ARG A 86 3.42 11.82 0.40
C ARG A 86 4.91 11.74 0.15
N SER A 87 5.54 12.85 0.14
CA SER A 87 6.96 12.91 -0.06
C SER A 87 7.62 12.87 1.33
N THR A 88 6.94 12.22 2.21
CA THR A 88 7.33 12.02 3.55
C THR A 88 6.80 10.63 3.87
N VAL A 89 7.15 10.07 4.98
CA VAL A 89 6.65 8.78 5.34
C VAL A 89 5.34 8.96 6.03
N MET A 90 4.57 7.96 6.00
CA MET A 90 3.30 7.93 6.65
C MET A 90 3.39 6.87 7.71
N ILE A 91 2.78 7.08 8.83
CA ILE A 91 2.84 6.10 9.88
C ILE A 91 1.47 5.46 10.19
N PRO A 92 1.03 4.49 9.39
CA PRO A 92 -0.19 3.80 9.63
C PRO A 92 0.11 2.68 10.60
N TYR A 93 -0.17 2.90 11.86
CA TYR A 93 0.15 1.93 12.86
C TYR A 93 -1.01 1.00 13.00
N THR A 94 -1.20 0.28 11.99
CA THR A 94 -2.21 -0.64 11.93
C THR A 94 -1.62 -2.02 12.11
N LYS A 95 -2.30 -2.84 12.86
CA LYS A 95 -1.86 -4.21 13.06
C LYS A 95 -2.77 -5.18 12.33
N PRO A 96 -2.42 -5.53 11.09
CA PRO A 96 -3.17 -6.47 10.31
C PRO A 96 -2.48 -7.85 10.31
N CYS A 97 -2.89 -8.70 9.40
CA CYS A 97 -2.31 -10.02 9.28
C CYS A 97 -1.19 -9.98 8.24
N TYR A 98 -0.95 -8.81 7.68
CA TYR A 98 0.08 -8.69 6.67
C TYR A 98 1.28 -7.92 7.23
N GLY A 99 1.18 -6.61 7.31
CA GLY A 99 2.25 -5.82 7.85
C GLY A 99 1.94 -4.34 7.78
N THR A 100 2.84 -3.54 8.27
CA THR A 100 2.69 -2.12 8.29
C THR A 100 3.33 -1.53 7.05
N ALA A 101 2.60 -0.68 6.39
CA ALA A 101 3.01 -0.12 5.17
C ALA A 101 3.38 1.34 5.29
N VAL A 102 4.61 1.62 5.02
CA VAL A 102 5.12 2.96 5.02
C VAL A 102 5.65 3.21 3.61
N VAL A 103 5.33 4.32 3.01
CA VAL A 103 5.81 4.62 1.66
C VAL A 103 6.28 6.05 1.66
N GLU A 104 7.32 6.32 0.91
CA GLU A 104 7.81 7.67 0.80
C GLU A 104 8.16 7.92 -0.63
N LEU A 105 7.62 8.94 -1.17
CA LEU A 105 7.85 9.29 -2.53
C LEU A 105 8.88 10.42 -2.57
N PRO A 106 9.86 10.40 -3.49
CA PRO A 106 10.85 11.49 -3.61
C PRO A 106 10.32 12.66 -4.43
N VAL A 107 9.13 12.46 -4.94
CA VAL A 107 8.45 13.41 -5.77
C VAL A 107 7.39 14.07 -4.91
N ASP A 108 6.95 15.22 -5.31
CA ASP A 108 5.91 15.97 -4.60
C ASP A 108 4.59 15.20 -4.59
N PRO A 109 3.68 15.51 -3.63
CA PRO A 109 2.36 14.86 -3.51
C PRO A 109 1.47 14.99 -4.76
N GLU A 110 1.92 15.82 -5.70
CA GLU A 110 1.24 16.04 -7.00
C GLU A 110 1.08 14.70 -7.74
N GLU A 111 1.97 13.77 -7.43
CA GLU A 111 1.97 12.46 -8.02
C GLU A 111 0.67 11.72 -7.63
N ILE A 112 0.15 12.01 -6.42
CA ILE A 112 -1.07 11.35 -5.91
C ILE A 112 -2.24 11.59 -6.83
N GLU A 113 -2.37 12.81 -7.29
CA GLU A 113 -3.47 13.22 -8.14
C GLU A 113 -3.42 12.47 -9.48
N ARG A 114 -2.21 12.27 -9.97
CA ARG A 114 -1.98 11.52 -11.19
C ARG A 114 -2.25 10.04 -10.91
N ILE A 115 -1.78 9.61 -9.77
CA ILE A 115 -1.93 8.28 -9.25
C ILE A 115 -3.42 7.97 -8.95
N LEU A 116 -4.23 9.00 -8.86
CA LEU A 116 -5.65 8.87 -8.64
C LEU A 116 -6.32 8.51 -9.97
N GLU A 117 -5.72 8.93 -11.06
CA GLU A 117 -6.21 8.60 -12.39
C GLU A 117 -5.70 7.20 -12.74
N VAL A 118 -4.43 7.00 -12.44
CA VAL A 118 -3.72 5.75 -12.67
C VAL A 118 -4.08 4.72 -11.56
N ALA A 119 -5.10 5.05 -10.77
CA ALA A 119 -5.60 4.23 -9.67
C ALA A 119 -5.93 2.85 -10.17
N GLU A 120 -6.70 2.81 -11.22
CA GLU A 120 -7.14 1.60 -11.82
C GLU A 120 -6.67 1.53 -13.27
N PRO A 121 -5.50 0.94 -13.50
CA PRO A 121 -4.94 0.75 -14.84
C PRO A 121 -5.54 -0.47 -15.51
N HIS A 20 10.45 -4.86 -10.41
CA HIS A 20 9.35 -5.63 -9.87
C HIS A 20 8.08 -4.83 -9.93
N MET A 21 6.97 -5.48 -10.24
CA MET A 21 5.66 -4.88 -10.32
C MET A 21 4.67 -5.93 -9.83
N THR A 22 3.82 -5.57 -8.91
CA THR A 22 2.89 -6.52 -8.35
C THR A 22 1.45 -6.18 -8.74
N PHE A 23 0.72 -7.19 -9.21
CA PHE A 23 -0.65 -7.01 -9.61
C PHE A 23 -1.54 -8.11 -9.04
N CYS A 24 -0.96 -8.98 -8.25
CA CYS A 24 -1.70 -10.06 -7.64
C CYS A 24 -2.16 -9.65 -6.25
N LEU A 25 -3.43 -9.32 -6.10
CA LEU A 25 -3.94 -8.98 -4.79
C LEU A 25 -4.74 -10.11 -4.17
N GLU A 26 -5.48 -10.79 -5.01
CA GLU A 26 -6.35 -11.84 -4.57
C GLU A 26 -5.54 -13.08 -4.24
N THR A 27 -4.35 -13.15 -4.78
CA THR A 27 -3.46 -14.23 -4.50
C THR A 27 -3.08 -14.14 -3.04
N TYR A 28 -2.86 -12.91 -2.58
CA TYR A 28 -2.51 -12.66 -1.20
C TYR A 28 -3.69 -12.86 -0.31
N LEU A 29 -4.83 -12.54 -0.84
CA LEU A 29 -6.08 -12.70 -0.14
C LEU A 29 -6.33 -14.20 0.08
N GLN A 30 -5.98 -14.99 -0.90
CA GLN A 30 -6.10 -16.43 -0.84
C GLN A 30 -5.04 -17.00 0.08
N GLN A 31 -3.85 -16.42 0.03
CA GLN A 31 -2.72 -16.88 0.82
C GLN A 31 -2.82 -16.46 2.27
N SER A 32 -3.71 -15.51 2.54
CA SER A 32 -3.94 -14.95 3.84
C SER A 32 -2.80 -14.02 4.22
N GLY A 33 -3.07 -12.76 4.20
CA GLY A 33 -2.06 -11.79 4.48
C GLY A 33 -2.16 -10.68 3.49
N GLU A 34 -3.37 -10.27 3.29
CA GLU A 34 -3.72 -9.25 2.35
C GLU A 34 -3.95 -7.91 3.04
N TYR A 35 -3.85 -6.85 2.28
CA TYR A 35 -4.09 -5.47 2.71
C TYR A 35 -4.86 -4.85 1.56
N GLU A 36 -5.51 -5.73 0.83
CA GLU A 36 -6.20 -5.40 -0.37
C GLU A 36 -7.53 -6.10 -0.39
N ILE A 37 -8.38 -5.71 -1.30
CA ILE A 37 -9.67 -6.33 -1.39
C ILE A 37 -9.79 -6.93 -2.81
N HIS A 38 -10.95 -7.49 -3.19
CA HIS A 38 -11.14 -8.10 -4.54
C HIS A 38 -11.25 -7.05 -5.67
N MET A 39 -10.39 -6.07 -5.61
CA MET A 39 -10.31 -4.97 -6.56
C MET A 39 -9.06 -5.14 -7.41
N LYS A 40 -8.42 -4.04 -7.81
CA LYS A 40 -7.25 -4.13 -8.66
C LYS A 40 -6.06 -3.47 -7.93
N ARG A 41 -4.91 -4.13 -7.93
CA ARG A 41 -3.73 -3.57 -7.28
C ARG A 41 -2.73 -3.19 -8.36
N ALA A 42 -1.99 -2.18 -8.12
CA ALA A 42 -0.97 -1.78 -9.05
C ALA A 42 0.26 -1.34 -8.30
N GLY A 43 1.08 -2.30 -7.94
CA GLY A 43 2.24 -2.02 -7.16
C GLY A 43 3.49 -2.01 -7.95
N PHE A 44 3.72 -0.94 -8.64
CA PHE A 44 4.90 -0.83 -9.48
C PHE A 44 6.11 -0.58 -8.59
N ARG A 45 6.10 0.52 -7.88
CA ARG A 45 7.26 0.84 -7.06
C ARG A 45 7.22 0.10 -5.76
N GLU A 46 6.04 0.04 -5.19
CA GLU A 46 5.85 -0.60 -3.91
C GLU A 46 5.87 -2.10 -3.96
N CYS A 47 6.06 -2.70 -5.12
CA CYS A 47 6.17 -4.16 -5.19
C CYS A 47 7.31 -4.65 -4.27
N ALA A 48 8.43 -3.92 -4.27
CA ALA A 48 9.55 -4.25 -3.41
C ALA A 48 9.17 -4.02 -1.98
N ALA A 49 8.44 -2.95 -1.75
CA ALA A 49 7.98 -2.61 -0.44
C ALA A 49 7.07 -3.66 0.10
N MET A 50 6.03 -4.01 -0.68
CA MET A 50 4.97 -4.95 -0.27
C MET A 50 5.51 -6.24 0.32
N ILE A 51 6.61 -6.71 -0.19
CA ILE A 51 7.19 -7.95 0.25
C ILE A 51 7.60 -7.85 1.73
N GLU A 52 8.30 -6.81 2.06
CA GLU A 52 8.78 -6.63 3.40
C GLU A 52 7.74 -5.87 4.23
N LYS A 53 6.80 -5.25 3.54
CA LYS A 53 5.68 -4.51 4.11
C LYS A 53 4.74 -5.52 4.73
N LYS A 54 4.77 -6.72 4.18
CA LYS A 54 3.99 -7.81 4.68
C LYS A 54 4.75 -8.54 5.81
N ALA A 55 6.04 -8.30 5.93
CA ALA A 55 6.84 -8.93 6.98
C ALA A 55 6.45 -8.35 8.34
N ARG A 56 6.40 -7.05 8.40
CA ARG A 56 5.98 -6.36 9.61
C ARG A 56 5.62 -4.95 9.25
N ARG A 57 6.62 -4.15 8.99
CA ARG A 57 6.44 -2.77 8.62
C ARG A 57 7.67 -2.27 7.92
N VAL A 58 7.52 -1.86 6.70
CA VAL A 58 8.65 -1.39 5.92
C VAL A 58 8.28 -0.13 5.18
N VAL A 59 9.28 0.72 5.03
CA VAL A 59 9.14 1.96 4.31
C VAL A 59 9.83 1.83 2.97
N HIS A 60 9.31 2.48 1.96
CA HIS A 60 9.92 2.41 0.66
C HIS A 60 10.02 3.80 0.12
N ILE A 61 11.19 4.19 -0.29
CA ILE A 61 11.37 5.48 -0.89
C ILE A 61 10.96 5.33 -2.34
N LYS A 62 10.20 6.29 -2.86
CA LYS A 62 9.65 6.20 -4.21
C LYS A 62 8.68 5.01 -4.28
N PRO A 63 7.56 5.10 -3.55
CA PRO A 63 6.56 4.09 -3.54
C PRO A 63 5.44 4.41 -4.53
N GLY A 64 4.84 3.39 -5.09
CA GLY A 64 3.83 3.61 -6.07
C GLY A 64 2.96 2.42 -6.27
N GLU A 65 2.24 2.05 -5.26
CA GLU A 65 1.29 0.99 -5.33
C GLU A 65 -0.11 1.51 -5.16
N LYS A 66 -0.85 1.44 -6.22
CA LYS A 66 -2.20 1.85 -6.28
C LYS A 66 -3.02 0.67 -6.03
N ILE A 67 -3.13 0.42 -4.84
CA ILE A 67 -3.88 -0.67 -4.35
C ILE A 67 -5.28 -0.26 -4.12
N LEU A 68 -6.17 -0.67 -5.03
CA LEU A 68 -7.63 -0.43 -4.94
C LEU A 68 -8.01 1.05 -5.08
N GLY A 69 -7.05 1.91 -4.93
CA GLY A 69 -7.31 3.32 -4.92
C GLY A 69 -7.63 3.75 -3.48
N ALA A 70 -7.73 2.75 -2.59
CA ALA A 70 -8.06 2.89 -1.20
C ALA A 70 -7.49 1.68 -0.47
N ARG A 71 -6.99 1.88 0.71
CA ARG A 71 -6.41 0.76 1.45
C ARG A 71 -7.51 0.03 2.20
N ILE A 72 -7.92 -1.09 1.67
CA ILE A 72 -8.95 -1.89 2.26
C ILE A 72 -8.40 -3.27 2.44
N ILE A 73 -8.10 -3.62 3.65
CA ILE A 73 -7.50 -4.90 3.98
C ILE A 73 -8.54 -5.99 3.77
N GLY A 74 -9.75 -5.66 4.11
CA GLY A 74 -10.87 -6.58 4.03
C GLY A 74 -11.08 -7.22 5.38
N ILE A 75 -9.98 -7.39 6.06
CA ILE A 75 -9.93 -7.93 7.38
C ILE A 75 -9.91 -6.77 8.35
N PRO A 76 -10.65 -6.84 9.46
CA PRO A 76 -10.64 -5.77 10.48
C PRO A 76 -9.33 -5.80 11.28
N PRO A 77 -8.46 -4.81 11.09
CA PRO A 77 -7.20 -4.72 11.76
C PRO A 77 -7.25 -3.68 12.87
N VAL A 78 -6.10 -3.30 13.34
CA VAL A 78 -5.99 -2.27 14.34
C VAL A 78 -6.14 -0.91 13.62
N PRO A 79 -7.20 -0.17 13.90
CA PRO A 79 -7.52 1.10 13.22
C PRO A 79 -6.75 2.32 13.78
N ILE A 80 -5.45 2.19 13.91
CA ILE A 80 -4.63 3.29 14.38
C ILE A 80 -3.72 3.70 13.22
N GLY A 81 -3.22 4.92 13.21
CA GLY A 81 -2.33 5.30 12.15
C GLY A 81 -2.07 6.75 12.07
N ILE A 82 -0.95 7.09 11.48
CA ILE A 82 -0.58 8.45 11.27
C ILE A 82 -0.22 8.72 9.80
N ASP A 83 -1.19 9.15 9.05
CA ASP A 83 -0.96 9.51 7.67
C ASP A 83 -0.53 10.96 7.66
N GLU A 84 0.77 11.18 7.63
CA GLU A 84 1.30 12.52 7.68
C GLU A 84 1.13 13.23 6.37
N GLU A 85 1.66 12.64 5.35
CA GLU A 85 1.65 13.18 4.03
C GLU A 85 2.11 12.02 3.17
N ARG A 86 1.99 12.13 1.89
CA ARG A 86 2.35 11.05 1.02
C ARG A 86 3.82 11.13 0.70
N SER A 87 4.29 12.33 0.64
CA SER A 87 5.67 12.59 0.38
C SER A 87 6.43 12.73 1.70
N THR A 88 5.97 11.99 2.65
CA THR A 88 6.50 11.92 3.98
C THR A 88 6.16 10.51 4.47
N VAL A 89 6.72 10.07 5.57
CA VAL A 89 6.48 8.73 6.06
C VAL A 89 5.13 8.59 6.72
N MET A 90 4.23 7.92 6.03
CA MET A 90 2.94 7.66 6.59
C MET A 90 3.06 6.36 7.36
N ILE A 91 2.72 6.36 8.61
CA ILE A 91 2.87 5.18 9.40
C ILE A 91 1.50 4.78 9.98
N PRO A 92 0.73 4.00 9.25
CA PRO A 92 -0.53 3.54 9.74
C PRO A 92 -0.31 2.33 10.64
N TYR A 93 -0.72 2.44 11.88
CA TYR A 93 -0.50 1.39 12.84
C TYR A 93 -1.64 0.42 12.75
N THR A 94 -1.77 -0.12 11.60
CA THR A 94 -2.75 -1.07 11.30
C THR A 94 -2.08 -2.42 11.32
N LYS A 95 -2.55 -3.29 12.16
CA LYS A 95 -2.01 -4.61 12.26
C LYS A 95 -3.00 -5.61 11.68
N PRO A 96 -2.86 -5.94 10.39
CA PRO A 96 -3.67 -6.91 9.73
C PRO A 96 -2.89 -8.18 9.50
N CYS A 97 -3.44 -9.02 8.70
CA CYS A 97 -2.78 -10.23 8.36
C CYS A 97 -1.63 -9.95 7.38
N TYR A 98 -1.66 -8.78 6.77
CA TYR A 98 -0.63 -8.35 5.86
C TYR A 98 0.56 -7.81 6.64
N GLY A 99 0.46 -6.56 7.05
CA GLY A 99 1.51 -5.88 7.77
C GLY A 99 1.26 -4.39 7.71
N THR A 100 2.27 -3.62 7.96
CA THR A 100 2.16 -2.19 7.99
C THR A 100 2.94 -1.59 6.81
N ALA A 101 2.33 -0.65 6.16
CA ALA A 101 2.89 -0.02 5.00
C ALA A 101 3.31 1.39 5.28
N VAL A 102 4.60 1.60 5.31
CA VAL A 102 5.13 2.91 5.50
C VAL A 102 5.73 3.28 4.16
N VAL A 103 5.32 4.35 3.60
CA VAL A 103 5.82 4.72 2.30
C VAL A 103 6.20 6.19 2.31
N GLU A 104 7.28 6.53 1.64
CA GLU A 104 7.72 7.91 1.59
C GLU A 104 8.09 8.27 0.16
N LEU A 105 7.39 9.20 -0.39
CA LEU A 105 7.66 9.63 -1.72
C LEU A 105 8.57 10.88 -1.68
N PRO A 106 9.67 10.89 -2.43
CA PRO A 106 10.56 12.06 -2.50
C PRO A 106 10.19 12.97 -3.69
N VAL A 107 8.92 12.96 -4.00
CA VAL A 107 8.33 13.73 -5.06
C VAL A 107 7.10 14.31 -4.42
N ASP A 108 6.60 15.40 -4.90
CA ASP A 108 5.44 16.07 -4.28
C ASP A 108 4.14 15.30 -4.42
N PRO A 109 3.18 15.49 -3.44
CA PRO A 109 1.87 14.80 -3.40
C PRO A 109 1.00 15.07 -4.65
N GLU A 110 1.45 15.99 -5.51
CA GLU A 110 0.75 16.30 -6.77
C GLU A 110 0.65 15.03 -7.62
N GLU A 111 1.60 14.13 -7.38
CA GLU A 111 1.70 12.83 -8.01
C GLU A 111 0.42 12.02 -7.74
N ILE A 112 -0.24 12.31 -6.63
CA ILE A 112 -1.44 11.62 -6.23
C ILE A 112 -2.57 11.88 -7.22
N GLU A 113 -2.69 13.12 -7.71
CA GLU A 113 -3.77 13.44 -8.67
C GLU A 113 -3.59 12.61 -9.93
N ARG A 114 -2.35 12.43 -10.30
CA ARG A 114 -1.99 11.64 -11.43
C ARG A 114 -2.36 10.20 -11.14
N ILE A 115 -1.90 9.73 -10.01
CA ILE A 115 -2.10 8.38 -9.51
C ILE A 115 -3.60 8.09 -9.20
N LEU A 116 -4.37 9.12 -8.99
CA LEU A 116 -5.80 9.00 -8.72
C LEU A 116 -6.53 8.67 -10.01
N GLU A 117 -6.04 9.25 -11.08
CA GLU A 117 -6.60 9.05 -12.38
C GLU A 117 -6.05 7.75 -12.95
N VAL A 118 -4.81 7.49 -12.63
CA VAL A 118 -4.08 6.33 -13.08
C VAL A 118 -4.13 5.23 -11.97
N ALA A 119 -5.17 5.27 -11.17
CA ALA A 119 -5.36 4.35 -10.01
C ALA A 119 -5.46 2.88 -10.43
N GLU A 120 -6.00 2.62 -11.59
CA GLU A 120 -6.18 1.27 -12.05
C GLU A 120 -5.02 0.75 -12.88
N PRO A 121 -4.48 1.52 -13.87
CA PRO A 121 -3.33 1.09 -14.65
C PRO A 121 -2.14 0.64 -13.77
N HIS A 20 8.46 -5.19 -11.30
CA HIS A 20 7.53 -6.10 -10.61
C HIS A 20 6.15 -5.48 -10.66
N MET A 21 5.12 -6.31 -10.52
CA MET A 21 3.74 -5.85 -10.56
C MET A 21 2.89 -6.75 -9.68
N THR A 22 1.96 -6.20 -8.97
CA THR A 22 1.04 -6.98 -8.16
C THR A 22 -0.39 -6.64 -8.54
N PHE A 23 -1.06 -7.59 -9.13
CA PHE A 23 -2.43 -7.42 -9.49
C PHE A 23 -3.28 -8.52 -8.90
N CYS A 24 -2.62 -9.53 -8.37
CA CYS A 24 -3.31 -10.64 -7.75
C CYS A 24 -3.70 -10.27 -6.33
N LEU A 25 -4.89 -9.75 -6.18
CA LEU A 25 -5.40 -9.33 -4.91
C LEU A 25 -5.96 -10.48 -4.08
N GLU A 26 -6.67 -11.34 -4.74
CA GLU A 26 -7.35 -12.43 -4.10
C GLU A 26 -6.39 -13.56 -3.70
N THR A 27 -5.19 -13.49 -4.20
CA THR A 27 -4.18 -14.45 -3.86
C THR A 27 -3.76 -14.21 -2.39
N TYR A 28 -3.92 -12.98 -1.93
CA TYR A 28 -3.53 -12.63 -0.60
C TYR A 28 -4.51 -13.12 0.44
N LEU A 29 -5.75 -13.34 0.02
CA LEU A 29 -6.76 -13.89 0.91
C LEU A 29 -6.36 -15.34 1.17
N GLN A 30 -5.92 -15.98 0.10
CA GLN A 30 -5.51 -17.37 0.13
C GLN A 30 -4.23 -17.51 0.92
N GLN A 31 -3.40 -16.49 0.88
CA GLN A 31 -2.15 -16.52 1.59
C GLN A 31 -2.28 -16.05 3.03
N SER A 32 -3.51 -15.67 3.39
CA SER A 32 -3.83 -15.17 4.71
C SER A 32 -2.94 -13.95 5.04
N GLY A 33 -2.83 -13.06 4.08
CA GLY A 33 -2.04 -11.89 4.23
C GLY A 33 -2.65 -10.79 3.44
N GLU A 34 -3.92 -10.57 3.70
CA GLU A 34 -4.73 -9.57 3.01
C GLU A 34 -4.14 -8.17 3.17
N TYR A 35 -4.08 -7.46 2.07
CA TYR A 35 -3.56 -6.12 2.01
C TYR A 35 -4.53 -5.31 1.14
N GLU A 36 -5.74 -5.84 1.02
CA GLU A 36 -6.77 -5.26 0.20
C GLU A 36 -8.16 -5.54 0.67
N ILE A 37 -9.10 -4.93 -0.04
CA ILE A 37 -10.47 -5.15 0.24
C ILE A 37 -11.09 -6.04 -0.86
N HIS A 38 -10.21 -6.72 -1.59
CA HIS A 38 -10.58 -7.63 -2.69
C HIS A 38 -11.41 -6.93 -3.71
N MET A 39 -10.77 -5.96 -4.25
CA MET A 39 -11.29 -5.07 -5.22
C MET A 39 -10.19 -4.95 -6.28
N LYS A 40 -10.17 -3.94 -7.09
CA LYS A 40 -9.14 -3.89 -8.12
C LYS A 40 -7.87 -3.21 -7.60
N ARG A 41 -6.79 -3.97 -7.52
CA ARG A 41 -5.53 -3.45 -7.01
C ARG A 41 -4.57 -3.26 -8.18
N ALA A 42 -3.54 -2.45 -8.00
CA ALA A 42 -2.55 -2.23 -9.09
C ALA A 42 -1.18 -1.77 -8.54
N GLY A 43 -0.32 -2.72 -8.19
CA GLY A 43 0.95 -2.39 -7.58
C GLY A 43 2.16 -2.53 -8.45
N PHE A 44 2.46 -1.51 -9.18
CA PHE A 44 3.62 -1.53 -10.06
C PHE A 44 4.90 -1.31 -9.27
N ARG A 45 5.00 -0.17 -8.66
CA ARG A 45 6.20 0.19 -7.94
C ARG A 45 6.21 -0.41 -6.55
N GLU A 46 5.07 -0.38 -5.92
CA GLU A 46 4.95 -0.82 -4.57
C GLU A 46 4.90 -2.36 -4.45
N CYS A 47 4.87 -3.06 -5.60
CA CYS A 47 4.90 -4.54 -5.60
C CYS A 47 6.06 -5.03 -4.74
N ALA A 48 7.22 -4.43 -4.93
CA ALA A 48 8.42 -4.83 -4.21
C ALA A 48 8.31 -4.49 -2.73
N ALA A 49 7.70 -3.36 -2.46
CA ALA A 49 7.49 -2.86 -1.13
C ALA A 49 6.63 -3.76 -0.28
N MET A 50 5.55 -4.26 -0.86
CA MET A 50 4.62 -5.08 -0.09
C MET A 50 5.26 -6.37 0.37
N ILE A 51 6.19 -6.88 -0.41
CA ILE A 51 6.91 -8.09 -0.09
C ILE A 51 7.73 -7.84 1.18
N GLU A 52 8.25 -6.64 1.29
CA GLU A 52 9.06 -6.26 2.41
C GLU A 52 8.15 -5.98 3.61
N LYS A 53 7.02 -5.30 3.35
CA LYS A 53 6.05 -4.91 4.38
C LYS A 53 5.43 -6.11 5.07
N LYS A 54 5.58 -7.25 4.43
CA LYS A 54 5.10 -8.53 4.92
C LYS A 54 5.80 -8.90 6.25
N ALA A 55 6.97 -8.32 6.49
CA ALA A 55 7.70 -8.57 7.71
C ALA A 55 6.99 -7.94 8.90
N ARG A 56 6.78 -6.63 8.82
CA ARG A 56 6.09 -5.88 9.89
C ARG A 56 5.70 -4.54 9.33
N ARG A 57 6.68 -3.75 8.97
CA ARG A 57 6.45 -2.46 8.38
C ARG A 57 7.69 -2.09 7.63
N VAL A 58 7.54 -1.65 6.40
CA VAL A 58 8.68 -1.27 5.59
C VAL A 58 8.31 -0.09 4.70
N VAL A 59 9.27 0.78 4.47
CA VAL A 59 9.10 1.90 3.59
C VAL A 59 9.82 1.59 2.28
N HIS A 60 9.30 2.07 1.19
CA HIS A 60 9.86 1.84 -0.09
C HIS A 60 9.76 3.15 -0.84
N ILE A 61 10.86 3.60 -1.39
CA ILE A 61 10.88 4.83 -2.13
C ILE A 61 10.34 4.58 -3.53
N LYS A 62 9.61 5.56 -4.07
CA LYS A 62 8.98 5.46 -5.40
C LYS A 62 7.88 4.40 -5.41
N PRO A 63 6.78 4.60 -4.67
CA PRO A 63 5.69 3.65 -4.70
C PRO A 63 4.78 3.86 -5.91
N GLY A 64 3.87 2.94 -6.11
CA GLY A 64 2.98 3.01 -7.22
C GLY A 64 1.97 1.91 -7.17
N GLU A 65 1.32 1.77 -6.05
CA GLU A 65 0.27 0.80 -5.85
C GLU A 65 -1.00 1.51 -5.54
N LYS A 66 -2.01 1.16 -6.25
CA LYS A 66 -3.28 1.76 -6.14
C LYS A 66 -4.23 0.70 -5.82
N ILE A 67 -4.10 0.30 -4.65
CA ILE A 67 -4.88 -0.72 -4.09
C ILE A 67 -6.30 -0.30 -3.86
N LEU A 68 -7.16 -0.81 -4.71
CA LEU A 68 -8.62 -0.66 -4.69
C LEU A 68 -9.10 0.79 -4.79
N GLY A 69 -8.18 1.68 -4.99
CA GLY A 69 -8.48 3.09 -5.04
C GLY A 69 -8.74 3.62 -3.62
N ALA A 70 -8.44 2.81 -2.63
CA ALA A 70 -8.64 3.11 -1.21
C ALA A 70 -7.84 2.09 -0.41
N ARG A 71 -6.96 2.56 0.45
CA ARG A 71 -6.12 1.65 1.20
C ARG A 71 -6.87 0.98 2.34
N ILE A 72 -7.38 -0.16 2.06
CA ILE A 72 -8.06 -0.97 3.03
C ILE A 72 -7.29 -2.26 3.08
N ILE A 73 -6.66 -2.54 4.19
CA ILE A 73 -5.85 -3.75 4.35
C ILE A 73 -6.78 -4.98 4.40
N GLY A 74 -7.96 -4.77 4.91
CA GLY A 74 -8.93 -5.85 4.99
C GLY A 74 -8.89 -6.48 6.34
N ILE A 75 -7.75 -6.39 6.97
CA ILE A 75 -7.55 -6.89 8.28
C ILE A 75 -7.74 -5.72 9.22
N PRO A 76 -8.70 -5.78 10.15
CA PRO A 76 -8.95 -4.71 11.12
C PRO A 76 -7.78 -4.53 12.10
N PRO A 77 -7.03 -3.43 11.98
CA PRO A 77 -5.92 -3.17 12.85
C PRO A 77 -6.21 -2.05 13.86
N VAL A 78 -5.17 -1.67 14.56
CA VAL A 78 -5.23 -0.57 15.49
C VAL A 78 -5.06 0.69 14.63
N PRO A 79 -6.09 1.55 14.52
CA PRO A 79 -6.04 2.69 13.64
C PRO A 79 -5.33 3.90 14.23
N ILE A 80 -4.05 3.93 14.08
CA ILE A 80 -3.22 5.02 14.52
C ILE A 80 -2.27 5.32 13.35
N GLY A 81 -1.88 6.55 13.18
CA GLY A 81 -0.97 6.84 12.13
C GLY A 81 -0.98 8.30 11.78
N ILE A 82 0.12 8.77 11.22
CA ILE A 82 0.22 10.17 10.81
C ILE A 82 0.92 10.22 9.45
N ASP A 83 0.41 11.01 8.53
CA ASP A 83 1.03 11.17 7.23
C ASP A 83 1.77 12.48 7.22
N GLU A 84 3.09 12.43 7.25
CA GLU A 84 3.89 13.65 7.22
C GLU A 84 3.68 14.37 5.93
N GLU A 85 3.92 13.69 4.87
CA GLU A 85 3.78 14.21 3.57
C GLU A 85 3.72 13.01 2.66
N ARG A 86 3.45 13.21 1.41
CA ARG A 86 3.43 12.14 0.49
C ARG A 86 4.81 11.89 -0.04
N SER A 87 5.52 12.94 -0.20
CA SER A 87 6.87 12.89 -0.66
C SER A 87 7.83 12.75 0.54
N THR A 88 7.32 12.14 1.55
CA THR A 88 8.00 11.90 2.77
C THR A 88 7.37 10.62 3.33
N VAL A 89 7.97 10.02 4.31
CA VAL A 89 7.42 8.85 4.92
C VAL A 89 6.21 9.21 5.74
N MET A 90 5.39 8.25 5.93
CA MET A 90 4.23 8.39 6.72
C MET A 90 4.35 7.34 7.80
N ILE A 91 3.88 7.60 8.95
CA ILE A 91 4.03 6.65 10.01
C ILE A 91 2.67 6.17 10.51
N PRO A 92 2.13 5.14 9.90
CA PRO A 92 0.90 4.56 10.33
C PRO A 92 1.19 3.51 11.38
N TYR A 93 0.66 3.68 12.55
CA TYR A 93 0.91 2.73 13.55
C TYR A 93 -0.25 1.82 13.64
N THR A 94 -0.21 0.85 12.84
CA THR A 94 -1.26 -0.06 12.77
C THR A 94 -0.73 -1.43 13.13
N LYS A 95 -1.58 -2.27 13.62
CA LYS A 95 -1.20 -3.63 13.91
C LYS A 95 -2.07 -4.59 13.13
N PRO A 96 -1.70 -4.88 11.88
CA PRO A 96 -2.43 -5.82 11.07
C PRO A 96 -1.81 -7.22 11.23
N CYS A 97 -2.30 -8.17 10.50
CA CYS A 97 -1.72 -9.49 10.58
C CYS A 97 -0.72 -9.69 9.43
N TYR A 98 -0.70 -8.74 8.51
CA TYR A 98 0.23 -8.78 7.40
C TYR A 98 1.38 -7.83 7.73
N GLY A 99 1.19 -6.56 7.44
CA GLY A 99 2.20 -5.60 7.70
C GLY A 99 1.70 -4.22 7.42
N THR A 100 2.44 -3.26 7.87
CA THR A 100 2.15 -1.89 7.70
C THR A 100 2.96 -1.35 6.53
N ALA A 101 2.39 -0.43 5.85
CA ALA A 101 2.97 0.13 4.69
C ALA A 101 3.41 1.55 4.91
N VAL A 102 4.65 1.81 4.63
CA VAL A 102 5.21 3.12 4.68
C VAL A 102 5.72 3.38 3.28
N VAL A 103 5.34 4.46 2.67
CA VAL A 103 5.76 4.72 1.31
C VAL A 103 6.34 6.10 1.25
N GLU A 104 7.36 6.29 0.46
CA GLU A 104 7.97 7.58 0.31
C GLU A 104 8.13 7.87 -1.15
N LEU A 105 7.43 8.83 -1.64
CA LEU A 105 7.53 9.17 -3.01
C LEU A 105 8.55 10.31 -3.13
N PRO A 106 9.49 10.26 -4.04
CA PRO A 106 10.48 11.34 -4.20
C PRO A 106 9.90 12.54 -4.97
N VAL A 107 8.72 12.35 -5.52
CA VAL A 107 8.05 13.35 -6.30
C VAL A 107 6.97 13.95 -5.41
N ASP A 108 6.58 15.17 -5.70
CA ASP A 108 5.55 15.89 -4.96
C ASP A 108 4.21 15.13 -4.97
N PRO A 109 3.32 15.39 -3.96
CA PRO A 109 2.00 14.73 -3.84
C PRO A 109 1.08 14.93 -5.06
N GLU A 110 1.51 15.77 -5.99
CA GLU A 110 0.78 16.03 -7.24
C GLU A 110 0.69 14.76 -8.09
N GLU A 111 1.61 13.84 -7.83
CA GLU A 111 1.67 12.55 -8.51
C GLU A 111 0.39 11.78 -8.24
N ILE A 112 -0.19 12.01 -7.04
CA ILE A 112 -1.41 11.32 -6.61
C ILE A 112 -2.53 11.55 -7.59
N GLU A 113 -2.63 12.76 -8.12
CA GLU A 113 -3.71 13.13 -9.05
C GLU A 113 -3.66 12.24 -10.28
N ARG A 114 -2.46 12.06 -10.79
CA ARG A 114 -2.20 11.21 -11.93
C ARG A 114 -2.51 9.76 -11.55
N ILE A 115 -1.97 9.37 -10.42
CA ILE A 115 -2.08 8.05 -9.88
C ILE A 115 -3.54 7.67 -9.53
N LEU A 116 -4.36 8.66 -9.23
CA LEU A 116 -5.75 8.44 -8.90
C LEU A 116 -6.54 8.02 -10.13
N GLU A 117 -6.13 8.51 -11.28
CA GLU A 117 -6.77 8.12 -12.53
C GLU A 117 -6.29 6.73 -12.90
N VAL A 118 -5.02 6.53 -12.67
CA VAL A 118 -4.31 5.31 -12.97
C VAL A 118 -4.57 4.25 -11.86
N ALA A 119 -5.47 4.59 -10.92
CA ALA A 119 -5.83 3.74 -9.78
C ALA A 119 -6.30 2.39 -10.23
N GLU A 120 -7.14 2.41 -11.20
CA GLU A 120 -7.71 1.23 -11.71
C GLU A 120 -7.52 1.19 -13.21
N PRO A 121 -6.50 0.51 -13.68
CA PRO A 121 -6.23 0.37 -15.10
C PRO A 121 -7.19 -0.66 -15.71
N HIS A 20 9.92 -5.39 -9.56
CA HIS A 20 8.74 -5.96 -8.91
C HIS A 20 7.58 -5.04 -9.10
N MET A 21 6.42 -5.62 -9.27
CA MET A 21 5.16 -4.94 -9.49
C MET A 21 4.07 -5.98 -9.40
N THR A 22 3.06 -5.70 -8.64
CA THR A 22 2.01 -6.63 -8.43
C THR A 22 0.70 -6.15 -9.00
N PHE A 23 0.11 -7.01 -9.79
CA PHE A 23 -1.16 -6.76 -10.40
C PHE A 23 -2.08 -7.97 -10.15
N CYS A 24 -1.79 -8.68 -9.09
CA CYS A 24 -2.59 -9.82 -8.67
C CYS A 24 -2.91 -9.66 -7.22
N LEU A 25 -4.12 -9.19 -6.94
CA LEU A 25 -4.50 -8.91 -5.58
C LEU A 25 -4.92 -10.14 -4.81
N GLU A 26 -5.73 -10.97 -5.43
CA GLU A 26 -6.25 -12.14 -4.76
C GLU A 26 -5.19 -13.25 -4.62
N THR A 27 -4.03 -12.98 -5.15
CA THR A 27 -2.94 -13.89 -5.04
C THR A 27 -2.35 -13.76 -3.63
N TYR A 28 -2.52 -12.58 -3.02
CA TYR A 28 -2.05 -12.37 -1.66
C TYR A 28 -2.96 -13.06 -0.68
N LEU A 29 -4.19 -13.27 -1.08
CA LEU A 29 -5.17 -13.96 -0.25
C LEU A 29 -4.81 -15.44 -0.20
N GLN A 30 -4.02 -15.86 -1.16
CA GLN A 30 -3.56 -17.21 -1.27
C GLN A 30 -2.22 -17.37 -0.54
N GLN A 31 -1.86 -16.34 0.20
CA GLN A 31 -0.60 -16.31 0.94
C GLN A 31 -0.90 -15.93 2.39
N SER A 32 -1.69 -14.89 2.55
CA SER A 32 -2.09 -14.36 3.83
C SER A 32 -3.46 -13.69 3.63
N GLY A 33 -3.81 -12.72 4.47
CA GLY A 33 -5.05 -12.01 4.26
C GLY A 33 -4.93 -11.10 3.06
N GLU A 34 -6.05 -10.61 2.57
CA GLU A 34 -6.05 -9.77 1.40
C GLU A 34 -5.68 -8.37 1.85
N TYR A 35 -5.01 -7.65 1.03
CA TYR A 35 -4.54 -6.34 1.37
C TYR A 35 -5.01 -5.37 0.30
N GLU A 36 -6.06 -5.79 -0.38
CA GLU A 36 -6.66 -5.10 -1.47
C GLU A 36 -8.18 -5.26 -1.38
N ILE A 37 -8.97 -4.49 -2.16
CA ILE A 37 -10.42 -4.57 -2.05
C ILE A 37 -11.04 -5.42 -3.15
N HIS A 38 -10.17 -5.87 -3.99
CA HIS A 38 -10.44 -6.64 -5.20
C HIS A 38 -10.86 -5.66 -6.25
N MET A 39 -9.86 -5.05 -6.79
CA MET A 39 -10.00 -4.02 -7.75
C MET A 39 -8.66 -4.00 -8.46
N LYS A 40 -8.48 -3.14 -9.40
CA LYS A 40 -7.27 -3.08 -10.15
C LYS A 40 -6.15 -2.52 -9.33
N ARG A 41 -5.36 -3.41 -8.89
CA ARG A 41 -4.24 -3.16 -8.08
C ARG A 41 -3.00 -3.02 -8.95
N ALA A 42 -2.37 -1.92 -8.86
CA ALA A 42 -1.19 -1.68 -9.57
C ALA A 42 -0.11 -1.32 -8.59
N GLY A 43 0.43 -2.29 -7.95
CA GLY A 43 1.42 -2.03 -6.97
C GLY A 43 2.78 -2.15 -7.54
N PHE A 44 3.29 -1.08 -8.08
CA PHE A 44 4.60 -1.14 -8.68
C PHE A 44 5.66 -1.09 -7.62
N ARG A 45 5.73 0.01 -6.92
CA ARG A 45 6.75 0.20 -5.93
C ARG A 45 6.39 -0.41 -4.60
N GLU A 46 5.12 -0.27 -4.17
CA GLU A 46 4.75 -0.79 -2.86
C GLU A 46 4.81 -2.30 -2.86
N CYS A 47 4.94 -2.86 -4.05
CA CYS A 47 5.07 -4.30 -4.23
C CYS A 47 6.24 -4.82 -3.42
N ALA A 48 7.34 -4.08 -3.44
CA ALA A 48 8.51 -4.49 -2.70
C ALA A 48 8.28 -4.36 -1.20
N ALA A 49 7.49 -3.37 -0.83
CA ALA A 49 7.19 -3.08 0.56
C ALA A 49 6.23 -4.05 1.16
N MET A 50 5.22 -4.42 0.43
CA MET A 50 4.18 -5.31 0.94
C MET A 50 4.75 -6.67 1.33
N ILE A 51 5.75 -7.08 0.58
CA ILE A 51 6.47 -8.33 0.81
C ILE A 51 7.20 -8.26 2.17
N GLU A 52 7.57 -7.06 2.57
CA GLU A 52 8.29 -6.82 3.80
C GLU A 52 7.30 -6.53 4.94
N LYS A 53 6.22 -5.80 4.62
CA LYS A 53 5.17 -5.37 5.56
C LYS A 53 4.53 -6.54 6.23
N LYS A 54 4.60 -7.68 5.55
CA LYS A 54 4.04 -8.90 6.03
C LYS A 54 4.69 -9.31 7.34
N ALA A 55 5.93 -8.87 7.56
CA ALA A 55 6.66 -9.22 8.73
C ALA A 55 6.02 -8.59 9.95
N ARG A 56 6.01 -7.28 9.97
CA ARG A 56 5.43 -6.51 11.06
C ARG A 56 4.95 -5.18 10.55
N ARG A 57 5.89 -4.31 10.21
CA ARG A 57 5.57 -3.00 9.73
C ARG A 57 6.76 -2.51 8.97
N VAL A 58 6.56 -2.15 7.74
CA VAL A 58 7.68 -1.70 6.95
C VAL A 58 7.26 -0.53 6.07
N VAL A 59 8.21 0.25 5.73
CA VAL A 59 8.07 1.43 4.94
C VAL A 59 8.79 1.27 3.62
N HIS A 60 8.22 1.81 2.58
CA HIS A 60 8.87 1.77 1.30
C HIS A 60 9.25 3.13 0.90
N ILE A 61 10.50 3.30 0.59
CA ILE A 61 10.96 4.55 0.12
C ILE A 61 10.70 4.54 -1.38
N LYS A 62 10.16 5.62 -1.88
CA LYS A 62 9.76 5.77 -3.29
C LYS A 62 8.57 4.79 -3.60
N PRO A 63 7.40 4.92 -2.92
CA PRO A 63 6.25 4.08 -3.23
C PRO A 63 5.66 4.46 -4.59
N GLY A 64 4.79 3.64 -5.08
CA GLY A 64 4.24 3.88 -6.37
C GLY A 64 3.30 2.81 -6.67
N GLU A 65 2.39 2.68 -5.82
CA GLU A 65 1.37 1.73 -5.98
C GLU A 65 0.05 2.42 -6.11
N LYS A 66 -0.78 1.82 -6.86
CA LYS A 66 -2.10 2.24 -7.04
C LYS A 66 -2.96 1.06 -6.98
N ILE A 67 -3.13 0.66 -5.81
CA ILE A 67 -3.85 -0.48 -5.48
C ILE A 67 -5.27 -0.08 -5.33
N LEU A 68 -6.12 -0.46 -6.30
CA LEU A 68 -7.59 -0.22 -6.28
C LEU A 68 -7.91 1.27 -6.48
N GLY A 69 -6.88 2.08 -6.54
CA GLY A 69 -7.03 3.51 -6.65
C GLY A 69 -6.66 4.13 -5.30
N ALA A 70 -7.05 3.43 -4.27
CA ALA A 70 -6.78 3.76 -2.89
C ALA A 70 -6.45 2.45 -2.23
N ARG A 71 -5.37 2.40 -1.50
CA ARG A 71 -4.90 1.18 -0.89
C ARG A 71 -5.82 0.81 0.25
N ILE A 72 -6.64 -0.15 -0.02
CA ILE A 72 -7.59 -0.62 0.90
C ILE A 72 -7.28 -2.07 1.13
N ILE A 73 -7.29 -2.48 2.37
CA ILE A 73 -6.95 -3.85 2.74
C ILE A 73 -8.19 -4.72 2.60
N GLY A 74 -9.31 -4.18 3.02
CA GLY A 74 -10.58 -4.91 2.94
C GLY A 74 -10.78 -5.76 4.17
N ILE A 75 -9.69 -6.01 4.85
CA ILE A 75 -9.67 -6.75 6.06
C ILE A 75 -9.59 -5.75 7.20
N PRO A 76 -10.70 -5.58 7.96
CA PRO A 76 -10.77 -4.61 9.06
C PRO A 76 -9.63 -4.76 10.06
N PRO A 77 -8.71 -3.80 10.09
CA PRO A 77 -7.58 -3.83 10.97
C PRO A 77 -7.82 -2.99 12.20
N VAL A 78 -6.83 -2.95 13.08
CA VAL A 78 -6.90 -2.12 14.27
C VAL A 78 -6.87 -0.67 13.78
N PRO A 79 -7.96 0.08 13.93
CA PRO A 79 -8.08 1.38 13.31
C PRO A 79 -7.40 2.52 14.07
N ILE A 80 -6.08 2.57 13.97
CA ILE A 80 -5.33 3.64 14.55
C ILE A 80 -4.33 3.99 13.50
N GLY A 81 -4.01 5.23 13.31
CA GLY A 81 -3.02 5.56 12.36
C GLY A 81 -3.35 6.75 11.53
N ILE A 82 -2.32 7.37 11.00
CA ILE A 82 -2.42 8.57 10.19
C ILE A 82 -1.31 8.66 9.17
N ASP A 83 -1.52 9.47 8.15
CA ASP A 83 -0.51 9.73 7.13
C ASP A 83 0.06 11.09 7.47
N GLU A 84 1.36 11.25 7.39
CA GLU A 84 1.94 12.55 7.68
C GLU A 84 1.93 13.40 6.44
N GLU A 85 2.62 12.94 5.46
CA GLU A 85 2.70 13.59 4.17
C GLU A 85 3.04 12.47 3.24
N ARG A 86 2.92 12.69 1.97
CA ARG A 86 3.22 11.65 1.02
C ARG A 86 4.71 11.50 0.85
N SER A 87 5.37 12.59 0.97
CA SER A 87 6.79 12.67 0.88
C SER A 87 7.40 12.51 2.26
N THR A 88 6.72 11.76 3.05
CA THR A 88 7.05 11.46 4.36
C THR A 88 6.37 10.11 4.61
N VAL A 89 6.60 9.50 5.73
CA VAL A 89 6.00 8.26 6.06
C VAL A 89 4.59 8.47 6.52
N MET A 90 3.91 7.41 6.57
CA MET A 90 2.60 7.38 7.08
C MET A 90 2.70 6.40 8.22
N ILE A 91 2.36 6.81 9.41
CA ILE A 91 2.51 5.91 10.53
C ILE A 91 1.18 5.51 11.09
N PRO A 92 0.59 4.42 10.60
CA PRO A 92 -0.60 3.96 11.13
C PRO A 92 -0.38 2.74 12.03
N TYR A 93 -1.39 2.35 12.70
CA TYR A 93 -1.37 1.21 13.56
C TYR A 93 -2.47 0.27 13.21
N THR A 94 -2.76 0.26 11.93
CA THR A 94 -3.72 -0.60 11.39
C THR A 94 -3.10 -1.95 11.20
N LYS A 95 -3.47 -2.82 12.07
CA LYS A 95 -2.94 -4.16 12.08
C LYS A 95 -3.97 -5.11 11.53
N PRO A 96 -3.80 -5.53 10.28
CA PRO A 96 -4.69 -6.42 9.59
C PRO A 96 -4.21 -7.87 9.62
N CYS A 97 -4.67 -8.65 8.67
CA CYS A 97 -4.30 -10.04 8.53
C CYS A 97 -3.14 -10.14 7.51
N TYR A 98 -2.38 -9.08 7.46
CA TYR A 98 -1.28 -8.99 6.51
C TYR A 98 -0.04 -8.40 7.22
N GLY A 99 0.02 -7.09 7.26
CA GLY A 99 1.09 -6.39 7.94
C GLY A 99 0.82 -4.92 7.98
N THR A 100 1.65 -4.16 8.69
CA THR A 100 1.44 -2.74 8.80
C THR A 100 2.17 -2.06 7.65
N ALA A 101 1.53 -1.12 7.02
CA ALA A 101 2.00 -0.48 5.89
C ALA A 101 2.40 0.94 6.12
N VAL A 102 3.61 1.25 5.75
CA VAL A 102 4.15 2.57 5.80
C VAL A 102 4.82 2.81 4.42
N VAL A 103 4.67 3.99 3.85
CA VAL A 103 5.29 4.35 2.57
C VAL A 103 5.81 5.80 2.67
N GLU A 104 6.97 6.08 2.10
CA GLU A 104 7.54 7.43 2.12
C GLU A 104 8.15 7.74 0.78
N LEU A 105 7.65 8.75 0.14
CA LEU A 105 8.13 9.11 -1.16
C LEU A 105 9.15 10.24 -1.02
N PRO A 106 10.19 10.27 -1.82
CA PRO A 106 11.17 11.34 -1.78
C PRO A 106 10.85 12.45 -2.79
N VAL A 107 9.66 12.44 -3.36
CA VAL A 107 9.26 13.40 -4.30
C VAL A 107 8.10 14.08 -3.65
N ASP A 108 7.81 15.28 -4.05
CA ASP A 108 6.70 16.06 -3.52
C ASP A 108 5.39 15.27 -3.57
N PRO A 109 4.40 15.63 -2.72
CA PRO A 109 3.11 14.94 -2.67
C PRO A 109 2.35 15.15 -3.97
N GLU A 110 2.84 16.07 -4.78
CA GLU A 110 2.27 16.35 -6.06
C GLU A 110 2.44 15.16 -6.98
N GLU A 111 3.38 14.21 -6.63
CA GLU A 111 3.56 12.99 -7.43
C GLU A 111 2.23 12.22 -7.46
N ILE A 112 1.40 12.42 -6.41
CA ILE A 112 0.10 11.77 -6.31
C ILE A 112 -0.75 12.09 -7.52
N GLU A 113 -0.64 13.30 -8.05
CA GLU A 113 -1.40 13.71 -9.26
C GLU A 113 -1.13 12.75 -10.43
N ARG A 114 0.10 12.38 -10.55
CA ARG A 114 0.58 11.52 -11.61
C ARG A 114 0.22 10.09 -11.30
N ILE A 115 0.33 9.76 -10.05
CA ILE A 115 -0.01 8.43 -9.59
C ILE A 115 -1.55 8.28 -9.54
N LEU A 116 -2.25 9.40 -9.54
CA LEU A 116 -3.71 9.41 -9.48
C LEU A 116 -4.25 9.18 -10.87
N GLU A 117 -3.48 9.58 -11.83
CA GLU A 117 -3.81 9.39 -13.23
C GLU A 117 -3.57 7.91 -13.56
N VAL A 118 -2.68 7.36 -12.79
CA VAL A 118 -2.24 5.99 -12.88
C VAL A 118 -2.94 5.13 -11.77
N ALA A 119 -3.91 5.75 -11.08
CA ALA A 119 -4.65 5.12 -9.96
C ALA A 119 -5.31 3.79 -10.30
N GLU A 120 -6.19 3.85 -11.19
CA GLU A 120 -6.93 2.67 -11.61
C GLU A 120 -6.40 2.08 -12.92
N PRO A 121 -6.08 2.88 -13.96
CA PRO A 121 -5.58 2.34 -15.18
C PRO A 121 -4.05 2.38 -15.24
N HIS A 20 8.46 -5.19 -11.30
CA HIS A 20 7.53 -6.10 -10.61
C HIS A 20 6.15 -5.48 -10.66
N MET A 21 5.12 -6.31 -10.52
CA MET A 21 3.74 -5.85 -10.56
C MET A 21 2.89 -6.75 -9.68
N THR A 22 1.96 -6.20 -8.97
CA THR A 22 1.04 -6.98 -8.16
C THR A 22 -0.39 -6.64 -8.54
N PHE A 23 -1.06 -7.59 -9.13
CA PHE A 23 -2.43 -7.42 -9.49
C PHE A 23 -3.28 -8.52 -8.90
N CYS A 24 -2.62 -9.53 -8.37
CA CYS A 24 -3.31 -10.64 -7.75
C CYS A 24 -3.70 -10.27 -6.33
N LEU A 25 -4.89 -9.75 -6.18
CA LEU A 25 -5.40 -9.33 -4.91
C LEU A 25 -5.96 -10.48 -4.08
N GLU A 26 -6.67 -11.34 -4.74
CA GLU A 26 -7.35 -12.43 -4.10
C GLU A 26 -6.39 -13.56 -3.70
N THR A 27 -5.19 -13.49 -4.20
CA THR A 27 -4.18 -14.45 -3.86
C THR A 27 -3.76 -14.21 -2.39
N TYR A 28 -3.92 -12.98 -1.93
CA TYR A 28 -3.53 -12.63 -0.60
C TYR A 28 -4.51 -13.12 0.44
N LEU A 29 -5.75 -13.34 0.02
CA LEU A 29 -6.76 -13.89 0.91
C LEU A 29 -6.36 -15.34 1.17
N GLN A 30 -5.92 -15.98 0.10
CA GLN A 30 -5.51 -17.37 0.13
C GLN A 30 -4.23 -17.51 0.92
N GLN A 31 -3.40 -16.49 0.88
CA GLN A 31 -2.15 -16.52 1.59
C GLN A 31 -2.28 -16.05 3.03
N SER A 32 -3.51 -15.67 3.39
CA SER A 32 -3.83 -15.17 4.71
C SER A 32 -2.94 -13.95 5.04
N GLY A 33 -2.83 -13.06 4.08
CA GLY A 33 -2.04 -11.89 4.23
C GLY A 33 -2.65 -10.79 3.44
N GLU A 34 -3.92 -10.57 3.70
CA GLU A 34 -4.73 -9.57 3.01
C GLU A 34 -4.14 -8.17 3.17
N TYR A 35 -4.08 -7.46 2.07
CA TYR A 35 -3.56 -6.12 2.01
C TYR A 35 -4.53 -5.31 1.14
N GLU A 36 -5.74 -5.84 1.02
CA GLU A 36 -6.77 -5.26 0.20
C GLU A 36 -8.16 -5.54 0.67
N ILE A 37 -9.10 -4.93 -0.04
CA ILE A 37 -10.47 -5.15 0.24
C ILE A 37 -11.09 -6.04 -0.86
N HIS A 38 -10.21 -6.72 -1.59
CA HIS A 38 -10.58 -7.63 -2.69
C HIS A 38 -11.41 -6.93 -3.71
N MET A 39 -10.77 -5.96 -4.25
CA MET A 39 -11.29 -5.07 -5.22
C MET A 39 -10.19 -4.95 -6.28
N LYS A 40 -10.17 -3.94 -7.09
CA LYS A 40 -9.14 -3.89 -8.12
C LYS A 40 -7.87 -3.21 -7.60
N ARG A 41 -6.79 -3.97 -7.52
CA ARG A 41 -5.53 -3.45 -7.01
C ARG A 41 -4.57 -3.26 -8.18
N ALA A 42 -3.54 -2.45 -8.00
CA ALA A 42 -2.55 -2.23 -9.09
C ALA A 42 -1.18 -1.77 -8.54
N GLY A 43 -0.32 -2.72 -8.19
CA GLY A 43 0.95 -2.39 -7.58
C GLY A 43 2.16 -2.53 -8.45
N PHE A 44 2.46 -1.51 -9.18
CA PHE A 44 3.62 -1.53 -10.06
C PHE A 44 4.90 -1.31 -9.27
N ARG A 45 5.00 -0.17 -8.66
CA ARG A 45 6.20 0.19 -7.94
C ARG A 45 6.21 -0.41 -6.55
N GLU A 46 5.07 -0.38 -5.92
CA GLU A 46 4.95 -0.82 -4.57
C GLU A 46 4.90 -2.36 -4.45
N CYS A 47 4.87 -3.06 -5.60
CA CYS A 47 4.90 -4.54 -5.60
C CYS A 47 6.06 -5.03 -4.74
N ALA A 48 7.22 -4.43 -4.93
CA ALA A 48 8.42 -4.83 -4.21
C ALA A 48 8.31 -4.49 -2.73
N ALA A 49 7.70 -3.36 -2.46
CA ALA A 49 7.49 -2.86 -1.13
C ALA A 49 6.63 -3.76 -0.28
N MET A 50 5.55 -4.26 -0.86
CA MET A 50 4.62 -5.08 -0.09
C MET A 50 5.26 -6.37 0.37
N ILE A 51 6.19 -6.88 -0.41
CA ILE A 51 6.91 -8.09 -0.09
C ILE A 51 7.73 -7.84 1.18
N GLU A 52 8.25 -6.64 1.29
CA GLU A 52 9.06 -6.26 2.41
C GLU A 52 8.15 -5.98 3.61
N LYS A 53 7.02 -5.30 3.35
CA LYS A 53 6.05 -4.91 4.38
C LYS A 53 5.43 -6.11 5.07
N LYS A 54 5.58 -7.25 4.43
CA LYS A 54 5.10 -8.53 4.92
C LYS A 54 5.80 -8.90 6.25
N ALA A 55 6.97 -8.32 6.49
CA ALA A 55 7.70 -8.57 7.71
C ALA A 55 6.99 -7.94 8.90
N ARG A 56 6.78 -6.63 8.82
CA ARG A 56 6.09 -5.88 9.89
C ARG A 56 5.70 -4.54 9.33
N ARG A 57 6.68 -3.75 8.97
CA ARG A 57 6.45 -2.46 8.38
C ARG A 57 7.69 -2.09 7.63
N VAL A 58 7.54 -1.65 6.40
CA VAL A 58 8.68 -1.27 5.59
C VAL A 58 8.31 -0.09 4.70
N VAL A 59 9.27 0.78 4.47
CA VAL A 59 9.10 1.90 3.59
C VAL A 59 9.82 1.59 2.28
N HIS A 60 9.30 2.07 1.19
CA HIS A 60 9.86 1.84 -0.09
C HIS A 60 9.76 3.15 -0.84
N ILE A 61 10.86 3.60 -1.39
CA ILE A 61 10.88 4.83 -2.13
C ILE A 61 10.34 4.58 -3.53
N LYS A 62 9.61 5.56 -4.07
CA LYS A 62 8.98 5.46 -5.40
C LYS A 62 7.88 4.40 -5.41
N PRO A 63 6.78 4.60 -4.67
CA PRO A 63 5.69 3.65 -4.70
C PRO A 63 4.78 3.86 -5.91
N GLY A 64 3.87 2.94 -6.11
CA GLY A 64 2.98 3.01 -7.22
C GLY A 64 1.97 1.91 -7.17
N GLU A 65 1.32 1.77 -6.05
CA GLU A 65 0.27 0.80 -5.85
C GLU A 65 -1.00 1.51 -5.54
N LYS A 66 -2.01 1.16 -6.25
CA LYS A 66 -3.28 1.76 -6.14
C LYS A 66 -4.23 0.70 -5.82
N ILE A 67 -4.10 0.30 -4.65
CA ILE A 67 -4.88 -0.72 -4.09
C ILE A 67 -6.30 -0.30 -3.86
N LEU A 68 -7.16 -0.81 -4.71
CA LEU A 68 -8.62 -0.66 -4.69
C LEU A 68 -9.10 0.79 -4.79
N GLY A 69 -8.18 1.68 -4.99
CA GLY A 69 -8.48 3.09 -5.04
C GLY A 69 -8.74 3.62 -3.62
N ALA A 70 -8.44 2.81 -2.63
CA ALA A 70 -8.64 3.11 -1.21
C ALA A 70 -7.84 2.09 -0.41
N ARG A 71 -6.96 2.56 0.45
CA ARG A 71 -6.12 1.65 1.20
C ARG A 71 -6.87 0.98 2.34
N ILE A 72 -7.38 -0.16 2.06
CA ILE A 72 -8.06 -0.97 3.03
C ILE A 72 -7.29 -2.26 3.08
N ILE A 73 -6.66 -2.54 4.19
CA ILE A 73 -5.85 -3.75 4.35
C ILE A 73 -6.78 -4.98 4.40
N GLY A 74 -7.96 -4.77 4.91
CA GLY A 74 -8.93 -5.85 4.99
C GLY A 74 -8.89 -6.48 6.34
N ILE A 75 -7.75 -6.39 6.97
CA ILE A 75 -7.55 -6.89 8.28
C ILE A 75 -7.74 -5.72 9.22
N PRO A 76 -8.70 -5.78 10.15
CA PRO A 76 -8.95 -4.71 11.12
C PRO A 76 -7.78 -4.53 12.10
N PRO A 77 -7.03 -3.43 11.98
CA PRO A 77 -5.92 -3.17 12.85
C PRO A 77 -6.21 -2.05 13.86
N VAL A 78 -5.17 -1.67 14.56
CA VAL A 78 -5.23 -0.57 15.49
C VAL A 78 -5.06 0.69 14.63
N PRO A 79 -6.09 1.55 14.52
CA PRO A 79 -6.04 2.69 13.64
C PRO A 79 -5.33 3.90 14.23
N ILE A 80 -4.05 3.93 14.08
CA ILE A 80 -3.22 5.02 14.52
C ILE A 80 -2.27 5.32 13.35
N GLY A 81 -1.88 6.55 13.18
CA GLY A 81 -0.97 6.84 12.13
C GLY A 81 -0.98 8.30 11.78
N ILE A 82 0.12 8.77 11.22
CA ILE A 82 0.22 10.17 10.81
C ILE A 82 0.92 10.22 9.45
N ASP A 83 0.41 11.01 8.53
CA ASP A 83 1.03 11.17 7.23
C ASP A 83 1.77 12.48 7.22
N GLU A 84 3.09 12.43 7.25
CA GLU A 84 3.89 13.65 7.22
C GLU A 84 3.68 14.37 5.93
N GLU A 85 3.92 13.69 4.87
CA GLU A 85 3.78 14.21 3.57
C GLU A 85 3.72 13.01 2.66
N ARG A 86 3.45 13.21 1.41
CA ARG A 86 3.43 12.14 0.49
C ARG A 86 4.81 11.89 -0.04
N SER A 87 5.52 12.94 -0.20
CA SER A 87 6.87 12.89 -0.66
C SER A 87 7.83 12.75 0.54
N THR A 88 7.32 12.14 1.55
CA THR A 88 8.00 11.90 2.77
C THR A 88 7.37 10.62 3.33
N VAL A 89 7.97 10.02 4.31
CA VAL A 89 7.42 8.85 4.92
C VAL A 89 6.21 9.21 5.74
N MET A 90 5.39 8.25 5.93
CA MET A 90 4.23 8.39 6.72
C MET A 90 4.35 7.34 7.80
N ILE A 91 3.88 7.60 8.95
CA ILE A 91 4.03 6.65 10.01
C ILE A 91 2.67 6.17 10.51
N PRO A 92 2.13 5.14 9.90
CA PRO A 92 0.90 4.56 10.33
C PRO A 92 1.19 3.51 11.38
N TYR A 93 0.66 3.68 12.55
CA TYR A 93 0.91 2.73 13.55
C TYR A 93 -0.25 1.82 13.64
N THR A 94 -0.21 0.85 12.84
CA THR A 94 -1.26 -0.06 12.77
C THR A 94 -0.73 -1.43 13.13
N LYS A 95 -1.58 -2.27 13.62
CA LYS A 95 -1.20 -3.63 13.91
C LYS A 95 -2.07 -4.59 13.13
N PRO A 96 -1.70 -4.88 11.88
CA PRO A 96 -2.43 -5.82 11.07
C PRO A 96 -1.81 -7.22 11.23
N CYS A 97 -2.30 -8.17 10.50
CA CYS A 97 -1.72 -9.49 10.58
C CYS A 97 -0.72 -9.69 9.43
N TYR A 98 -0.70 -8.74 8.51
CA TYR A 98 0.23 -8.78 7.40
C TYR A 98 1.38 -7.83 7.73
N GLY A 99 1.19 -6.56 7.44
CA GLY A 99 2.20 -5.60 7.70
C GLY A 99 1.70 -4.22 7.42
N THR A 100 2.44 -3.26 7.87
CA THR A 100 2.15 -1.89 7.70
C THR A 100 2.96 -1.35 6.53
N ALA A 101 2.39 -0.43 5.85
CA ALA A 101 2.97 0.13 4.69
C ALA A 101 3.41 1.55 4.91
N VAL A 102 4.65 1.81 4.63
CA VAL A 102 5.21 3.12 4.68
C VAL A 102 5.72 3.38 3.28
N VAL A 103 5.34 4.46 2.67
CA VAL A 103 5.76 4.72 1.31
C VAL A 103 6.34 6.10 1.25
N GLU A 104 7.36 6.29 0.46
CA GLU A 104 7.97 7.58 0.31
C GLU A 104 8.13 7.87 -1.15
N LEU A 105 7.43 8.83 -1.64
CA LEU A 105 7.53 9.17 -3.01
C LEU A 105 8.55 10.31 -3.13
N PRO A 106 9.49 10.26 -4.04
CA PRO A 106 10.48 11.34 -4.20
C PRO A 106 9.90 12.54 -4.97
N VAL A 107 8.72 12.35 -5.52
CA VAL A 107 8.05 13.35 -6.30
C VAL A 107 6.97 13.95 -5.41
N ASP A 108 6.58 15.17 -5.70
CA ASP A 108 5.55 15.89 -4.96
C ASP A 108 4.21 15.13 -4.97
N PRO A 109 3.32 15.39 -3.96
CA PRO A 109 2.00 14.73 -3.84
C PRO A 109 1.08 14.93 -5.06
N GLU A 110 1.51 15.77 -5.99
CA GLU A 110 0.78 16.03 -7.24
C GLU A 110 0.69 14.76 -8.09
N GLU A 111 1.61 13.84 -7.83
CA GLU A 111 1.67 12.55 -8.51
C GLU A 111 0.39 11.78 -8.24
N ILE A 112 -0.19 12.01 -7.04
CA ILE A 112 -1.41 11.32 -6.61
C ILE A 112 -2.53 11.55 -7.59
N GLU A 113 -2.63 12.76 -8.12
CA GLU A 113 -3.71 13.13 -9.05
C GLU A 113 -3.66 12.24 -10.28
N ARG A 114 -2.46 12.06 -10.79
CA ARG A 114 -2.20 11.21 -11.93
C ARG A 114 -2.51 9.76 -11.55
N ILE A 115 -1.97 9.37 -10.42
CA ILE A 115 -2.08 8.05 -9.88
C ILE A 115 -3.54 7.67 -9.53
N LEU A 116 -4.36 8.66 -9.23
CA LEU A 116 -5.75 8.44 -8.90
C LEU A 116 -6.54 8.02 -10.13
N GLU A 117 -6.13 8.51 -11.28
CA GLU A 117 -6.77 8.12 -12.53
C GLU A 117 -6.29 6.73 -12.90
N VAL A 118 -5.02 6.53 -12.67
CA VAL A 118 -4.31 5.31 -12.97
C VAL A 118 -4.57 4.25 -11.86
N ALA A 119 -5.47 4.59 -10.92
CA ALA A 119 -5.83 3.74 -9.78
C ALA A 119 -6.30 2.39 -10.23
N GLU A 120 -7.14 2.41 -11.20
CA GLU A 120 -7.71 1.23 -11.71
C GLU A 120 -7.52 1.19 -13.21
N PRO A 121 -6.50 0.51 -13.68
CA PRO A 121 -6.23 0.37 -15.10
C PRO A 121 -7.19 -0.66 -15.71
#